data_3P5T
#
_entry.id   3P5T
#
_cell.length_a   160.440
_cell.length_b   105.690
_cell.length_c   147.080
_cell.angle_alpha   90.00
_cell.angle_beta   112.72
_cell.angle_gamma   90.00
#
_symmetry.space_group_name_H-M   'C 1 2 1'
#
loop_
_entity.id
_entity.type
_entity.pdbx_description
1 polymer 'Cleavage and polyadenylation specificity factor subunit 5'
2 polymer 'Cleavage and polyadenylation specificity factor subunit 6'
3 water water
#
loop_
_entity_poly.entity_id
_entity_poly.type
_entity_poly.pdbx_seq_one_letter_code
_entity_poly.pdbx_strand_id
1 'polypeptide(L)'
;ERTINLYPLTNYTFGTKEPLYEKDSSVAARFQRMREEFDKIGMRRTVEGVLIVHEHRLPHVLLLQLGTTFFKLPGGELNP
GEDEVEGLKRLMTEILGRQDGVLQDWVIDDCIGNWWRPNFEPPQYPYIPAHITKPKEHKKLFLVQLQEKALFAVPKNYKL
VAAPLFELYDNAPGYGPIISSLPQLLSRFNFIYNLEHHHHHH
;
A,B,C,D,E,F
2 'polypeptide(L)'
;RIALYIGNLTWWTTDEDLTEAVHSLGVNDILEIKFFENRANGQSKGFALVGVGSEASSKKLMDLLPKRELHGQNPVVTPS
NKLEHHHHHH
;
L,M,N,O,P,Q
#
# COMPACT_ATOMS: atom_id res chain seq x y z
N GLU A 1 20.41 14.99 -7.34
CA GLU A 1 20.73 14.37 -6.02
C GLU A 1 20.76 15.55 -5.07
N ARG A 2 21.55 15.49 -4.03
CA ARG A 2 21.56 16.66 -3.20
C ARG A 2 22.79 16.57 -2.32
N THR A 3 23.63 17.59 -2.38
CA THR A 3 24.98 17.48 -1.82
C THR A 3 25.10 18.11 -0.43
N ILE A 4 25.48 17.28 0.55
CA ILE A 4 25.57 17.76 1.94
C ILE A 4 26.99 17.64 2.50
N ASN A 5 27.45 18.70 3.16
CA ASN A 5 28.78 18.70 3.74
C ASN A 5 28.85 18.14 5.14
N LEU A 6 29.74 17.17 5.32
CA LEU A 6 29.92 16.59 6.63
C LEU A 6 31.31 16.92 7.14
N TYR A 7 31.46 16.89 8.46
CA TYR A 7 32.73 17.22 9.10
C TYR A 7 33.03 16.24 10.23
N PRO A 8 34.32 16.07 10.58
CA PRO A 8 34.69 15.11 11.63
C PRO A 8 34.07 15.45 13.00
N LEU A 9 33.79 14.44 13.80
CA LEU A 9 33.15 14.67 15.08
C LEU A 9 33.97 15.64 15.93
N THR A 10 35.28 15.52 15.83
CA THR A 10 36.17 16.32 16.65
C THR A 10 36.28 17.78 16.20
N ASN A 11 35.59 18.15 15.12
CA ASN A 11 35.46 19.56 14.73
C ASN A 11 34.51 20.32 15.65
N TYR A 12 33.71 19.60 16.44
CA TYR A 12 32.71 20.24 17.23
C TYR A 12 33.09 20.24 18.69
N THR A 13 32.78 21.35 19.37
CA THR A 13 33.00 21.52 20.79
C THR A 13 31.74 21.21 21.57
N PHE A 14 31.78 20.22 22.45
CA PHE A 14 30.65 19.92 23.34
C PHE A 14 30.74 20.73 24.63
N GLY A 15 29.66 21.43 24.97
CA GLY A 15 29.65 22.21 26.19
C GLY A 15 28.50 21.69 27.01
N THR A 16 28.16 22.43 28.07
CA THR A 16 26.98 22.14 28.88
C THR A 16 26.15 23.38 29.17
N LYS A 17 24.86 23.16 29.38
CA LYS A 17 24.03 24.21 29.94
C LYS A 17 23.13 23.54 30.95
N GLU A 18 22.23 24.31 31.55
CA GLU A 18 21.40 23.79 32.63
C GLU A 18 20.41 22.74 32.15
N PRO A 19 20.09 21.79 33.03
CA PRO A 19 19.29 20.66 32.63
C PRO A 19 17.92 21.08 32.14
N LEU A 20 17.37 20.33 31.19
CA LEU A 20 16.08 20.62 30.62
C LEU A 20 15.18 19.41 30.78
N TYR A 21 14.22 19.51 31.68
CA TYR A 21 13.42 18.33 32.05
C TYR A 21 12.13 18.20 31.28
N GLU A 22 11.78 16.98 30.93
CA GLU A 22 10.56 16.72 30.19
C GLU A 22 9.42 17.35 30.95
N LYS A 23 8.42 17.81 30.21
CA LYS A 23 7.29 18.51 30.80
C LYS A 23 6.48 17.60 31.72
N ASP A 24 6.54 16.30 31.49
CA ASP A 24 5.70 15.36 32.21
C ASP A 24 6.54 14.35 32.98
N SER A 25 6.02 13.89 34.12
CA SER A 25 6.75 12.99 35.00
C SER A 25 6.60 11.53 34.63
N SER A 26 5.49 11.19 33.98
CA SER A 26 5.16 9.79 33.70
C SER A 26 4.56 9.61 32.32
N VAL A 27 4.71 8.40 31.78
CA VAL A 27 4.08 8.04 30.54
C VAL A 27 2.58 8.31 30.62
N ALA A 28 1.97 7.85 31.70
CA ALA A 28 0.54 8.06 31.87
C ALA A 28 0.17 9.54 31.77
N ALA A 29 1.03 10.43 32.28
CA ALA A 29 0.68 11.86 32.40
C ALA A 29 0.79 12.60 31.08
N ARG A 30 1.77 12.21 30.29
CA ARG A 30 2.02 12.86 29.03
C ARG A 30 0.95 12.59 28.01
N PHE A 31 0.29 11.43 28.13
CA PHE A 31 -0.79 11.08 27.24
C PHE A 31 -2.09 11.71 27.69
N GLN A 32 -2.19 12.03 28.97
CA GLN A 32 -3.34 12.81 29.40
C GLN A 32 -3.12 14.27 29.07
N ARG A 33 -1.88 14.73 29.06
CA ARG A 33 -1.64 16.10 28.63
C ARG A 33 -1.90 16.22 27.14
N MET A 34 -1.49 15.20 26.37
CA MET A 34 -1.79 15.15 24.94
C MET A 34 -3.32 15.09 24.72
N ARG A 35 -4.00 14.22 25.44
CA ARG A 35 -5.45 14.16 25.39
C ARG A 35 -6.10 15.53 25.65
N GLU A 36 -5.69 16.21 26.72
CA GLU A 36 -6.29 17.49 27.05
C GLU A 36 -5.94 18.58 26.03
N GLU A 37 -4.70 18.57 25.52
CA GLU A 37 -4.24 19.63 24.61
C GLU A 37 -4.90 19.54 23.26
N PHE A 38 -5.10 18.30 22.80
CA PHE A 38 -5.77 18.04 21.56
C PHE A 38 -7.19 18.59 21.56
N ASP A 39 -7.87 18.45 22.69
CA ASP A 39 -9.28 18.78 22.76
C ASP A 39 -9.52 20.29 22.83
N LYS A 40 -8.43 21.05 22.86
CA LYS A 40 -8.54 22.51 22.90
C LYS A 40 -7.94 23.15 21.66
N ILE A 41 -7.02 22.44 21.02
CA ILE A 41 -6.16 23.02 20.02
C ILE A 41 -5.91 22.07 18.88
N GLY A 42 -6.12 20.79 19.15
CA GLY A 42 -6.03 19.77 18.12
C GLY A 42 -4.62 19.26 17.94
N MET A 43 -4.39 18.58 16.82
CA MET A 43 -3.15 17.86 16.56
C MET A 43 -1.93 18.56 17.12
N ARG A 44 -1.07 17.81 17.79
CA ARG A 44 0.21 18.30 18.21
C ARG A 44 1.19 18.22 17.04
N ARG A 45 2.00 19.26 16.88
CA ARG A 45 2.95 19.28 15.80
C ARG A 45 4.35 19.27 16.39
N THR A 46 5.10 18.21 16.11
CA THR A 46 6.45 18.12 16.63
C THR A 46 7.45 18.25 15.50
N VAL A 47 8.54 18.96 15.75
CA VAL A 47 9.60 18.99 14.76
C VAL A 47 10.87 18.46 15.37
N GLU A 48 11.72 17.87 14.52
CA GLU A 48 13.01 17.37 14.98
C GLU A 48 14.12 17.52 13.96
N GLY A 49 15.34 17.72 14.45
CA GLY A 49 16.46 17.95 13.57
C GLY A 49 17.44 16.80 13.54
N VAL A 50 17.83 16.42 12.33
CA VAL A 50 18.82 15.40 12.15
C VAL A 50 20.14 16.08 11.84
N LEU A 51 21.00 16.17 12.85
CA LEU A 51 22.33 16.71 12.69
C LEU A 51 23.32 15.58 12.37
N ILE A 52 23.94 15.66 11.20
CA ILE A 52 24.87 14.64 10.76
C ILE A 52 26.32 15.11 10.79
N VAL A 53 27.19 14.27 11.35
CA VAL A 53 28.64 14.42 11.26
C VAL A 53 29.23 13.13 10.68
N HIS A 54 30.55 13.05 10.63
CA HIS A 54 31.18 11.78 10.25
C HIS A 54 32.48 11.53 11.04
N GLU A 55 32.80 10.25 11.16
CA GLU A 55 34.16 9.86 11.50
C GLU A 55 34.55 8.80 10.50
N HIS A 56 35.71 8.98 9.85
CA HIS A 56 36.25 7.94 8.98
C HIS A 56 35.33 7.66 7.81
N ARG A 57 34.85 8.72 7.17
CA ARG A 57 34.14 8.56 5.90
C ARG A 57 32.78 7.90 6.10
N LEU A 58 32.27 7.93 7.32
CA LEU A 58 30.98 7.30 7.57
C LEU A 58 30.12 8.20 8.46
N PRO A 59 28.89 8.49 8.00
CA PRO A 59 28.02 9.47 8.67
C PRO A 59 27.60 9.05 10.10
N HIS A 60 27.47 10.06 10.98
CA HIS A 60 26.97 9.85 12.35
C HIS A 60 25.82 10.80 12.69
N VAL A 61 24.77 10.29 13.32
CA VAL A 61 23.68 11.16 13.72
C VAL A 61 23.94 11.58 15.14
N LEU A 62 23.77 12.86 15.42
CA LEU A 62 23.84 13.35 16.78
C LEU A 62 22.54 13.05 17.57
N LEU A 63 22.67 12.35 18.68
CA LEU A 63 21.51 11.99 19.45
C LEU A 63 21.68 12.56 20.84
N LEU A 64 20.57 12.78 21.54
CA LEU A 64 20.63 13.07 22.96
C LEU A 64 20.33 11.81 23.74
N GLN A 65 21.12 11.50 24.77
CA GLN A 65 20.95 10.28 25.52
C GLN A 65 20.57 10.60 26.97
N LEU A 66 19.50 9.97 27.46
CA LEU A 66 19.09 10.03 28.87
C LEU A 66 19.28 8.65 29.46
N GLY A 67 19.94 8.53 30.60
CA GLY A 67 20.02 7.23 31.24
C GLY A 67 20.89 6.33 30.40
N THR A 68 20.52 5.07 30.30
CA THR A 68 21.32 4.14 29.52
C THR A 68 20.66 3.88 28.19
N THR A 69 19.35 3.70 28.24
CA THR A 69 18.60 3.14 27.10
C THR A 69 17.84 4.16 26.26
N PHE A 70 17.70 5.39 26.73
CA PHE A 70 16.80 6.34 26.07
C PHE A 70 17.46 7.37 25.17
N PHE A 71 16.98 7.49 23.94
CA PHE A 71 17.63 8.33 22.95
C PHE A 71 16.61 9.20 22.25
N LYS A 72 16.99 10.43 21.89
CA LYS A 72 16.07 11.26 21.15
C LYS A 72 16.79 12.30 20.30
N LEU A 73 16.10 12.75 19.25
CA LEU A 73 16.59 13.80 18.39
C LEU A 73 16.37 15.13 19.05
N PRO A 74 17.28 16.08 18.83
CA PRO A 74 16.96 17.42 19.29
C PRO A 74 15.69 17.87 18.58
N GLY A 75 14.74 18.38 19.34
CA GLY A 75 13.51 18.89 18.76
C GLY A 75 12.49 19.13 19.85
N GLY A 76 11.22 19.21 19.47
CA GLY A 76 10.16 19.48 20.43
C GLY A 76 8.87 19.95 19.82
N GLU A 77 7.95 20.40 20.68
CA GLU A 77 6.61 20.80 20.25
C GLU A 77 6.58 22.17 19.60
N LEU A 78 5.74 22.31 18.60
CA LEU A 78 5.53 23.59 17.96
C LEU A 78 4.39 24.32 18.67
N ASN A 79 4.54 25.61 18.88
CA ASN A 79 3.42 26.37 19.40
C ASN A 79 2.38 26.59 18.32
N PRO A 80 1.11 26.70 18.72
CA PRO A 80 0.05 26.75 17.69
C PRO A 80 0.29 27.86 16.67
N GLY A 81 0.08 27.54 15.40
CA GLY A 81 0.31 28.49 14.33
C GLY A 81 1.77 28.68 13.97
N GLU A 82 2.68 28.20 14.81
CA GLU A 82 4.09 28.45 14.56
C GLU A 82 4.56 27.82 13.24
N ASP A 83 5.41 28.52 12.50
CA ASP A 83 6.00 27.97 11.30
C ASP A 83 6.84 26.76 11.72
N GLU A 84 6.89 25.75 10.85
CA GLU A 84 7.64 24.53 11.13
C GLU A 84 9.13 24.82 11.32
N VAL A 85 9.75 25.48 10.33
CA VAL A 85 11.19 25.71 10.35
C VAL A 85 11.60 26.70 11.44
N GLU A 86 10.96 27.87 11.42
CA GLU A 86 11.22 28.90 12.44
C GLU A 86 11.17 28.36 13.87
N GLY A 87 10.29 27.39 14.12
CA GLY A 87 10.13 26.77 15.44
C GLY A 87 11.15 25.68 15.73
N LEU A 88 11.62 25.01 14.68
CA LEU A 88 12.68 24.03 14.89
C LEU A 88 13.95 24.79 15.24
N LYS A 89 14.19 25.91 14.54
CA LYS A 89 15.28 26.80 14.89
C LYS A 89 15.20 27.15 16.38
N ARG A 90 14.06 27.66 16.81
CA ARG A 90 13.85 27.96 18.21
C ARG A 90 14.25 26.76 19.07
N LEU A 91 13.65 25.61 18.79
CA LEU A 91 13.90 24.43 19.59
C LEU A 91 15.36 24.00 19.60
N MET A 92 16.03 24.13 18.45
CA MET A 92 17.46 23.92 18.36
C MET A 92 18.21 24.89 19.27
N THR A 93 17.90 26.16 19.16
CA THR A 93 18.61 27.12 19.95
C THR A 93 18.41 26.82 21.42
N GLU A 94 17.20 26.46 21.80
CA GLU A 94 16.94 26.19 23.20
C GLU A 94 17.60 24.92 23.73
N ILE A 95 17.80 23.92 22.87
CA ILE A 95 18.42 22.67 23.31
C ILE A 95 19.94 22.68 23.30
N LEU A 96 20.53 22.94 22.14
CA LEU A 96 21.97 22.79 22.00
C LEU A 96 22.63 24.14 21.81
N GLY A 97 21.83 25.19 21.82
CA GLY A 97 22.37 26.51 21.56
C GLY A 97 23.38 26.91 22.61
N ARG A 98 24.48 27.50 22.14
CA ARG A 98 25.54 28.04 23.00
C ARG A 98 25.06 29.23 23.83
N GLN A 99 25.70 29.50 24.95
CA GLN A 99 25.26 30.63 25.77
C GLN A 99 26.31 31.71 26.00
N ASP A 100 27.45 31.59 25.32
CA ASP A 100 28.49 32.61 25.44
C ASP A 100 28.26 33.79 24.49
N GLY A 101 27.12 33.81 23.82
CA GLY A 101 26.69 35.01 23.11
C GLY A 101 27.24 35.10 21.72
N VAL A 102 27.77 33.99 21.20
CA VAL A 102 28.10 33.96 19.79
C VAL A 102 26.84 33.77 18.96
N LEU A 103 26.86 34.30 17.74
CA LEU A 103 25.77 34.08 16.81
C LEU A 103 25.76 32.63 16.37
N GLN A 104 24.57 32.04 16.27
CA GLN A 104 24.47 30.69 15.75
C GLN A 104 23.18 30.45 14.99
N ASP A 105 23.20 30.69 13.68
CA ASP A 105 22.02 30.40 12.85
C ASP A 105 22.00 28.94 12.48
N TRP A 106 20.81 28.37 12.41
CA TRP A 106 20.66 26.98 12.03
C TRP A 106 20.22 26.85 10.57
N VAL A 107 20.93 26.04 9.81
CA VAL A 107 20.61 25.85 8.40
C VAL A 107 19.79 24.58 8.23
N ILE A 108 18.50 24.78 8.02
CA ILE A 108 17.57 23.71 7.99
C ILE A 108 16.94 23.72 6.65
N ASP A 109 17.24 22.73 5.82
CA ASP A 109 16.69 22.80 4.49
C ASP A 109 15.71 21.69 4.10
N ASP A 110 16.04 20.43 4.36
CA ASP A 110 15.33 19.35 3.73
C ASP A 110 14.49 18.62 4.74
N CYS A 111 13.36 18.11 4.28
CA CYS A 111 12.51 17.31 5.12
C CYS A 111 12.87 15.89 4.82
N ILE A 112 13.31 15.14 5.83
CA ILE A 112 13.69 13.77 5.55
C ILE A 112 12.63 12.75 5.89
N GLY A 113 11.52 13.19 6.47
CA GLY A 113 10.45 12.25 6.75
C GLY A 113 9.33 12.77 7.63
N ASN A 114 8.21 12.06 7.63
CA ASN A 114 7.01 12.40 8.42
C ASN A 114 6.49 11.20 9.19
N TRP A 115 6.15 11.41 10.46
CA TRP A 115 5.58 10.34 11.28
C TRP A 115 4.34 10.82 12.00
N TRP A 116 3.28 10.02 11.97
CA TRP A 116 2.02 10.42 12.59
C TRP A 116 1.62 9.50 13.73
N ARG A 117 0.96 10.06 14.74
CA ARG A 117 0.50 9.27 15.89
C ARG A 117 -1.02 9.14 15.88
N PRO A 118 -1.52 7.94 15.56
CA PRO A 118 -2.95 7.79 15.31
C PRO A 118 -3.78 8.03 16.56
N ASN A 119 -3.37 7.43 17.67
CA ASN A 119 -4.08 7.57 18.95
C ASN A 119 -3.21 8.16 20.03
N PHE A 120 -3.76 8.36 21.21
CA PHE A 120 -2.93 8.84 22.30
C PHE A 120 -2.12 7.69 22.90
N GLU A 121 -1.11 7.22 22.18
CA GLU A 121 -0.43 6.01 22.59
C GLU A 121 0.94 6.04 21.95
N PRO A 122 1.85 5.18 22.42
CA PRO A 122 3.23 5.18 21.89
C PRO A 122 3.41 5.02 20.36
N PRO A 123 2.62 4.14 19.72
CA PRO A 123 2.96 3.84 18.32
C PRO A 123 2.91 5.04 17.37
N GLN A 124 3.85 5.10 16.43
CA GLN A 124 3.84 6.12 15.38
C GLN A 124 4.17 5.45 14.05
N TYR A 125 3.71 6.03 12.95
CA TYR A 125 3.95 5.39 11.65
C TYR A 125 4.29 6.43 10.58
N PRO A 126 5.04 6.01 9.56
CA PRO A 126 5.48 6.94 8.52
C PRO A 126 4.36 7.26 7.52
N TYR A 127 3.13 6.95 7.91
CA TYR A 127 1.96 7.20 7.07
C TYR A 127 0.76 7.32 8.01
N ILE A 128 -0.34 7.86 7.49
CA ILE A 128 -1.61 7.93 8.21
C ILE A 128 -2.47 6.73 7.80
N PRO A 129 -2.69 5.79 8.72
CA PRO A 129 -3.41 4.58 8.36
C PRO A 129 -4.76 4.98 7.80
N ALA A 130 -5.35 4.13 6.95
CA ALA A 130 -6.53 4.52 6.15
C ALA A 130 -7.86 4.66 6.90
N HIS A 131 -7.86 4.38 8.20
CA HIS A 131 -9.08 4.49 8.98
C HIS A 131 -9.00 5.72 9.86
N ILE A 132 -7.94 6.49 9.69
CA ILE A 132 -7.63 7.59 10.58
C ILE A 132 -7.75 8.94 9.88
N THR A 133 -8.68 9.77 10.33
CA THR A 133 -8.84 11.10 9.75
C THR A 133 -8.10 12.18 10.54
N LYS A 134 -8.05 12.08 11.87
CA LYS A 134 -7.39 13.11 12.69
C LYS A 134 -6.29 12.61 13.62
N PRO A 135 -5.09 12.39 13.08
CA PRO A 135 -3.98 11.90 13.89
C PRO A 135 -3.79 12.80 15.11
N LYS A 136 -3.29 12.24 16.20
CA LYS A 136 -3.13 13.01 17.43
C LYS A 136 -1.84 13.86 17.43
N GLU A 137 -0.83 13.37 16.73
CA GLU A 137 0.43 14.08 16.60
C GLU A 137 0.99 13.91 15.19
N HIS A 138 1.57 14.98 14.67
CA HIS A 138 2.32 14.95 13.43
C HIS A 138 3.77 15.36 13.71
N LYS A 139 4.67 14.41 13.51
CA LYS A 139 6.08 14.60 13.73
C LYS A 139 6.78 14.77 12.39
N LYS A 140 7.46 15.89 12.22
CA LYS A 140 8.18 16.17 10.98
C LYS A 140 9.69 16.21 11.23
N LEU A 141 10.44 15.50 10.42
CA LEU A 141 11.89 15.40 10.58
C LEU A 141 12.63 16.27 9.56
N PHE A 142 13.55 17.09 10.04
CA PHE A 142 14.38 17.92 9.17
C PHE A 142 15.86 17.63 9.23
N LEU A 143 16.53 17.71 8.09
CA LEU A 143 17.98 17.61 8.09
C LEU A 143 18.55 18.97 8.43
N VAL A 144 19.39 19.02 9.46
CA VAL A 144 20.09 20.24 9.83
C VAL A 144 21.53 20.21 9.30
N GLN A 145 21.90 21.18 8.46
CA GLN A 145 23.27 21.25 7.94
C GLN A 145 24.19 21.94 8.95
N LEU A 146 25.31 21.29 9.26
CA LEU A 146 26.21 21.82 10.26
C LEU A 146 27.34 22.65 9.64
N GLN A 147 27.84 23.63 10.39
CA GLN A 147 29.00 24.40 9.96
C GLN A 147 30.28 23.58 10.13
N GLU A 148 31.35 23.98 9.47
CA GLU A 148 32.58 23.25 9.65
C GLU A 148 32.92 23.09 11.14
N LYS A 149 32.68 24.14 11.92
CA LYS A 149 32.96 24.10 13.36
C LYS A 149 31.83 24.71 14.14
N ALA A 150 31.58 24.16 15.33
CA ALA A 150 30.52 24.69 16.19
C ALA A 150 30.64 24.26 17.63
N LEU A 151 29.95 25.01 18.49
CA LEU A 151 29.87 24.66 19.88
C LEU A 151 28.40 24.36 20.21
N PHE A 152 28.11 23.16 20.69
CA PHE A 152 26.78 22.88 21.23
C PHE A 152 26.82 22.84 22.74
N ALA A 153 25.95 23.62 23.38
CA ALA A 153 25.87 23.62 24.84
C ALA A 153 24.84 22.59 25.27
N VAL A 154 25.29 21.43 25.74
CA VAL A 154 24.37 20.32 26.02
C VAL A 154 23.86 20.40 27.45
N PRO A 155 22.53 20.42 27.61
CA PRO A 155 21.94 20.44 28.95
C PRO A 155 22.44 19.27 29.79
N LYS A 156 22.74 19.53 31.04
CA LYS A 156 23.39 18.54 31.89
C LYS A 156 22.63 17.24 32.15
N ASN A 157 21.33 17.21 31.90
CA ASN A 157 20.62 15.94 32.04
C ASN A 157 20.79 15.08 30.80
N TYR A 158 21.33 15.66 29.72
CA TYR A 158 21.50 14.94 28.47
C TYR A 158 22.97 14.68 28.21
N LYS A 159 23.24 13.74 27.33
CA LYS A 159 24.61 13.42 26.94
C LYS A 159 24.63 13.33 25.43
N LEU A 160 25.39 14.19 24.77
CA LEU A 160 25.31 14.27 23.30
C LEU A 160 26.17 13.21 22.63
N VAL A 161 25.58 12.32 21.85
CA VAL A 161 26.38 11.24 21.26
C VAL A 161 26.28 11.17 19.73
N ALA A 162 27.36 10.71 19.08
CA ALA A 162 27.36 10.49 17.63
C ALA A 162 27.19 9.01 17.33
N ALA A 163 25.99 8.63 16.88
CA ALA A 163 25.71 7.25 16.45
C ALA A 163 26.10 7.02 14.98
N PRO A 164 27.06 6.12 14.73
CA PRO A 164 27.38 5.71 13.37
C PRO A 164 26.18 5.00 12.75
N LEU A 165 25.99 5.12 11.44
CA LEU A 165 24.79 4.55 10.80
C LEU A 165 24.68 3.07 11.13
N PHE A 166 25.78 2.34 11.04
CA PHE A 166 25.72 0.89 11.28
C PHE A 166 25.19 0.53 12.68
N GLU A 167 25.32 1.43 13.65
CA GLU A 167 24.80 1.17 15.00
C GLU A 167 23.27 1.34 15.02
N LEU A 168 22.78 2.23 14.17
CA LEU A 168 21.35 2.53 14.11
C LEU A 168 20.57 1.56 13.24
N TYR A 169 21.19 1.11 12.16
CA TYR A 169 20.48 0.36 11.13
C TYR A 169 19.91 -0.96 11.62
N ASP A 170 18.64 -1.19 11.36
CA ASP A 170 17.97 -2.43 11.78
C ASP A 170 18.14 -2.63 13.27
N ASN A 171 18.08 -1.51 13.99
CA ASN A 171 18.17 -1.52 15.43
C ASN A 171 17.02 -0.71 16.03
N ALA A 172 15.78 -1.13 15.75
CA ALA A 172 14.61 -0.52 16.40
C ALA A 172 14.63 -0.81 17.90
N PRO A 173 14.97 -2.06 18.28
CA PRO A 173 15.12 -2.36 19.71
C PRO A 173 15.93 -1.30 20.46
N GLY A 174 17.11 -0.98 19.93
CA GLY A 174 17.95 0.10 20.46
C GLY A 174 17.40 1.52 20.35
N TYR A 175 16.83 1.89 19.21
CA TYR A 175 16.61 3.31 18.94
C TYR A 175 15.20 3.70 18.56
N GLY A 176 14.34 2.72 18.40
CA GLY A 176 12.99 3.02 17.98
C GLY A 176 12.86 3.05 16.47
N PRO A 177 11.62 3.13 15.98
CA PRO A 177 11.38 3.01 14.54
C PRO A 177 11.81 4.25 13.77
N ILE A 178 11.75 5.43 14.39
CA ILE A 178 12.16 6.67 13.72
C ILE A 178 13.67 6.75 13.55
N ILE A 179 14.41 6.69 14.64
CA ILE A 179 15.85 6.81 14.53
C ILE A 179 16.48 5.63 13.79
N SER A 180 15.99 4.43 14.02
CA SER A 180 16.64 3.28 13.42
C SER A 180 16.52 3.29 11.89
N SER A 181 15.62 4.10 11.33
CA SER A 181 15.49 4.14 9.88
C SER A 181 16.11 5.38 9.30
N LEU A 182 16.78 6.15 10.16
CA LEU A 182 17.57 7.28 9.69
C LEU A 182 18.59 6.91 8.61
N PRO A 183 19.28 5.76 8.77
CA PRO A 183 20.19 5.36 7.71
C PRO A 183 19.50 5.37 6.36
N GLN A 184 18.36 4.70 6.28
CA GLN A 184 17.65 4.59 5.01
C GLN A 184 17.28 5.94 4.46
N LEU A 185 16.74 6.80 5.33
CA LEU A 185 16.32 8.13 4.91
C LEU A 185 17.51 9.04 4.60
N LEU A 186 18.67 8.76 5.19
CA LEU A 186 19.88 9.53 4.91
C LEU A 186 20.49 9.15 3.54
N SER A 187 20.19 7.95 3.06
CA SER A 187 20.90 7.39 1.92
C SER A 187 20.80 8.18 0.61
N ARG A 188 19.73 8.96 0.43
CA ARG A 188 19.56 9.71 -0.81
C ARG A 188 20.57 10.84 -0.99
N PHE A 189 21.10 11.36 0.11
CA PHE A 189 21.97 12.52 0.02
C PHE A 189 23.37 12.12 -0.43
N ASN A 190 24.04 13.07 -1.06
CA ASN A 190 25.43 12.88 -1.41
C ASN A 190 26.37 13.59 -0.43
N PHE A 191 27.08 12.80 0.36
CA PHE A 191 27.87 13.35 1.45
C PHE A 191 29.32 13.62 1.03
N ILE A 192 29.81 14.81 1.35
CA ILE A 192 31.23 15.13 1.22
C ILE A 192 31.90 15.09 2.60
N TYR A 193 32.92 14.25 2.75
CA TYR A 193 33.57 14.08 4.05
C TYR A 193 34.84 14.92 4.23
N ASN A 194 34.71 16.19 4.57
CA ASN A 194 35.90 16.98 4.80
C ASN A 194 36.69 16.51 6.01
N LEU A 195 37.98 16.84 6.00
CA LEU A 195 38.93 16.16 6.89
C LEU A 195 39.36 16.99 8.09
N GLU A 196 39.16 18.28 8.08
CA GLU A 196 39.66 19.00 9.22
C GLU A 196 41.04 19.56 8.90
N GLU B 1 8.58 21.59 0.71
CA GLU B 1 7.74 20.37 0.66
C GLU B 1 7.79 19.93 -0.79
N ARG B 2 7.24 18.77 -1.09
CA ARG B 2 7.37 18.23 -2.42
C ARG B 2 6.11 17.46 -2.77
N THR B 3 5.29 17.99 -3.66
CA THR B 3 3.97 17.42 -3.86
C THR B 3 3.86 16.40 -5.00
N ILE B 4 3.19 15.30 -4.73
CA ILE B 4 3.02 14.25 -5.71
C ILE B 4 1.57 13.84 -5.83
N ASN B 5 1.05 13.81 -7.05
CA ASN B 5 -0.32 13.42 -7.29
C ASN B 5 -0.49 11.92 -7.33
N LEU B 6 -1.42 11.41 -6.54
CA LEU B 6 -1.74 9.99 -6.67
C LEU B 6 -3.12 9.80 -7.24
N TYR B 7 -3.33 8.66 -7.87
CA TYR B 7 -4.59 8.36 -8.53
C TYR B 7 -5.03 6.94 -8.16
N PRO B 8 -6.32 6.64 -8.30
CA PRO B 8 -6.82 5.30 -7.93
C PRO B 8 -6.16 4.19 -8.74
N LEU B 9 -6.03 3.00 -8.16
CA LEU B 9 -5.42 1.89 -8.85
C LEU B 9 -6.16 1.61 -10.16
N THR B 10 -7.45 1.88 -10.18
CA THR B 10 -8.30 1.54 -11.33
C THR B 10 -8.06 2.43 -12.54
N ASN B 11 -7.40 3.57 -12.34
CA ASN B 11 -7.02 4.44 -13.45
C ASN B 11 -5.95 3.84 -14.38
N TYR B 12 -5.27 2.80 -13.90
CA TYR B 12 -4.21 2.19 -14.67
C TYR B 12 -4.66 0.82 -15.09
N THR B 13 -4.53 0.52 -16.37
CA THR B 13 -4.92 -0.78 -16.85
C THR B 13 -3.68 -1.59 -17.18
N PHE B 14 -3.66 -2.84 -16.71
CA PHE B 14 -2.49 -3.69 -16.78
C PHE B 14 -2.63 -4.86 -17.75
N GLY B 15 -2.11 -4.69 -18.96
CA GLY B 15 -2.10 -5.75 -19.96
C GLY B 15 -1.13 -6.89 -19.65
N THR B 16 -0.86 -7.71 -20.65
CA THR B 16 0.01 -8.86 -20.48
C THR B 16 0.87 -9.07 -21.75
N LYS B 17 2.18 -9.21 -21.57
CA LYS B 17 3.06 -9.47 -22.69
C LYS B 17 3.96 -10.67 -22.41
N GLU B 18 4.90 -10.93 -23.30
CA GLU B 18 5.66 -12.17 -23.23
C GLU B 18 6.60 -12.17 -22.04
N PRO B 19 6.98 -13.37 -21.61
CA PRO B 19 7.77 -13.50 -20.40
C PRO B 19 9.11 -12.77 -20.52
N LEU B 20 9.52 -12.15 -19.42
CA LEU B 20 10.82 -11.55 -19.31
C LEU B 20 11.61 -12.45 -18.36
N TYR B 21 12.58 -13.19 -18.89
CA TYR B 21 13.33 -14.08 -18.03
C TYR B 21 14.62 -13.40 -17.57
N GLU B 22 15.06 -13.76 -16.36
CA GLU B 22 16.24 -13.14 -15.76
C GLU B 22 17.54 -13.72 -16.33
N LYS B 23 18.48 -12.84 -16.65
CA LYS B 23 19.76 -13.22 -17.25
C LYS B 23 20.46 -14.41 -16.55
N ASP B 24 20.09 -14.70 -15.31
CA ASP B 24 20.74 -15.76 -14.53
C ASP B 24 19.74 -16.84 -14.14
N SER B 25 20.18 -18.09 -14.07
CA SER B 25 19.28 -19.22 -13.78
C SER B 25 19.27 -19.65 -12.31
N SER B 26 20.42 -19.68 -11.66
CA SER B 26 20.46 -19.96 -10.22
C SER B 26 21.09 -18.82 -9.44
N VAL B 27 20.91 -18.81 -8.13
CA VAL B 27 21.54 -17.78 -7.33
C VAL B 27 23.05 -17.83 -7.50
N ALA B 28 23.58 -19.05 -7.46
CA ALA B 28 25.02 -19.25 -7.63
C ALA B 28 25.49 -18.79 -9.01
N ALA B 29 24.59 -18.80 -9.99
CA ALA B 29 24.92 -18.31 -11.33
C ALA B 29 24.92 -16.77 -11.38
N ARG B 30 24.13 -16.15 -10.49
CA ARG B 30 23.99 -14.69 -10.45
C ARG B 30 25.21 -14.01 -9.87
N PHE B 31 25.67 -14.49 -8.73
CA PHE B 31 26.86 -13.92 -8.11
C PHE B 31 28.12 -14.25 -8.92
N GLN B 32 28.03 -15.24 -9.80
CA GLN B 32 29.18 -15.57 -10.62
C GLN B 32 29.38 -14.56 -11.75
N ARG B 33 28.30 -14.16 -12.37
CA ARG B 33 28.43 -13.23 -13.45
C ARG B 33 28.72 -11.86 -12.90
N MET B 34 28.36 -11.65 -11.64
CA MET B 34 28.59 -10.34 -11.04
C MET B 34 30.09 -10.18 -10.86
N ARG B 35 30.71 -11.26 -10.38
CA ARG B 35 32.15 -11.25 -10.20
C ARG B 35 32.84 -11.11 -11.53
N GLU B 36 32.41 -11.94 -12.48
CA GLU B 36 32.91 -11.87 -13.85
C GLU B 36 32.83 -10.48 -14.45
N GLU B 37 31.67 -9.83 -14.32
CA GLU B 37 31.43 -8.51 -14.89
C GLU B 37 32.17 -7.43 -14.13
N PHE B 38 32.20 -7.55 -12.81
CA PHE B 38 32.88 -6.56 -11.98
C PHE B 38 34.33 -6.34 -12.40
N ASP B 39 35.04 -7.42 -12.74
CA ASP B 39 36.42 -7.33 -13.19
C ASP B 39 36.49 -6.53 -14.49
N LYS B 40 35.54 -6.80 -15.38
CA LYS B 40 35.53 -6.13 -16.67
C LYS B 40 35.11 -4.64 -16.62
N ILE B 41 33.94 -4.33 -16.08
CA ILE B 41 33.46 -2.95 -16.13
C ILE B 41 33.30 -2.29 -14.76
N GLY B 42 33.81 -2.93 -13.72
CA GLY B 42 33.71 -2.34 -12.40
C GLY B 42 32.37 -2.61 -11.70
N MET B 43 31.99 -1.68 -10.83
CA MET B 43 30.81 -1.84 -9.96
C MET B 43 29.53 -2.00 -10.78
N ARG B 44 28.71 -2.99 -10.45
CA ARG B 44 27.41 -3.11 -11.11
C ARG B 44 26.51 -1.96 -10.70
N ARG B 45 25.72 -1.43 -11.62
CA ARG B 45 24.82 -0.32 -11.29
C ARG B 45 23.39 -0.73 -11.58
N THR B 46 22.54 -0.66 -10.56
CA THR B 46 21.14 -1.01 -10.74
C THR B 46 20.29 0.20 -10.48
N VAL B 47 19.20 0.30 -11.21
CA VAL B 47 18.23 1.33 -10.89
C VAL B 47 16.87 0.69 -10.82
N GLU B 48 16.04 1.25 -9.94
CA GLU B 48 14.70 0.76 -9.76
C GLU B 48 13.70 1.85 -9.49
N GLY B 49 12.51 1.66 -10.02
CA GLY B 49 11.46 2.65 -9.88
C GLY B 49 10.39 2.30 -8.88
N VAL B 50 9.93 3.32 -8.18
CA VAL B 50 8.88 3.18 -7.20
C VAL B 50 7.66 3.86 -7.79
N LEU B 51 6.72 3.05 -8.27
CA LEU B 51 5.51 3.54 -8.92
C LEU B 51 4.37 3.52 -7.93
N ILE B 52 3.88 4.69 -7.58
CA ILE B 52 2.88 4.78 -6.53
C ILE B 52 1.48 5.11 -7.02
N VAL B 53 0.50 4.41 -6.46
CA VAL B 53 -0.93 4.71 -6.67
C VAL B 53 -1.57 4.69 -5.30
N HIS B 54 -2.86 5.00 -5.21
CA HIS B 54 -3.52 4.96 -3.91
C HIS B 54 -4.81 4.21 -4.03
N GLU B 55 -5.16 3.53 -2.93
CA GLU B 55 -6.46 2.92 -2.75
C GLU B 55 -6.91 3.39 -1.37
N HIS B 56 -8.12 3.94 -1.30
CA HIS B 56 -8.69 4.38 -0.03
C HIS B 56 -7.84 5.48 0.66
N ARG B 57 -7.22 6.31 -0.18
CA ARG B 57 -6.39 7.41 0.27
C ARG B 57 -5.17 6.94 1.06
N LEU B 58 -4.67 5.76 0.73
CA LEU B 58 -3.41 5.26 1.31
C LEU B 58 -2.51 4.81 0.18
N PRO B 59 -1.27 5.31 0.15
CA PRO B 59 -0.37 4.96 -0.96
C PRO B 59 -0.12 3.46 -1.11
N HIS B 60 -0.09 2.99 -2.36
CA HIS B 60 0.35 1.64 -2.67
C HIS B 60 1.49 1.67 -3.66
N VAL B 61 2.51 0.87 -3.38
CA VAL B 61 3.64 0.67 -4.27
C VAL B 61 3.37 -0.46 -5.24
N LEU B 62 3.66 -0.26 -6.51
CA LEU B 62 3.47 -1.35 -7.48
C LEU B 62 4.65 -2.32 -7.46
N LEU B 63 4.35 -3.60 -7.29
CA LEU B 63 5.39 -4.61 -7.22
C LEU B 63 5.17 -5.67 -8.27
N LEU B 64 6.28 -6.25 -8.71
CA LEU B 64 6.24 -7.43 -9.54
C LEU B 64 6.35 -8.63 -8.62
N GLN B 65 5.36 -9.50 -8.67
CA GLN B 65 5.40 -10.70 -7.85
C GLN B 65 5.73 -11.91 -8.72
N LEU B 66 6.79 -12.61 -8.35
CA LEU B 66 7.17 -13.82 -9.02
C LEU B 66 6.86 -15.03 -8.11
N GLY B 67 5.79 -15.76 -8.41
CA GLY B 67 5.39 -16.91 -7.61
C GLY B 67 4.63 -16.49 -6.36
N THR B 68 4.92 -17.15 -5.23
CA THR B 68 4.19 -16.88 -4.00
C THR B 68 4.82 -15.83 -3.11
N THR B 69 6.15 -15.85 -3.00
CA THR B 69 6.83 -15.02 -2.00
C THR B 69 7.71 -13.91 -2.56
N PHE B 70 8.30 -14.14 -3.72
CA PHE B 70 9.24 -13.18 -4.32
C PHE B 70 8.58 -11.90 -4.86
N PHE B 71 9.11 -10.76 -4.44
CA PHE B 71 8.62 -9.46 -4.87
C PHE B 71 9.80 -8.61 -5.31
N LYS B 72 9.62 -7.81 -6.35
CA LYS B 72 10.71 -6.89 -6.76
C LYS B 72 10.19 -5.63 -7.40
N LEU B 73 10.97 -4.57 -7.33
CA LEU B 73 10.62 -3.35 -8.04
C LEU B 73 10.86 -3.48 -9.55
N PRO B 74 10.13 -2.70 -10.35
CA PRO B 74 10.47 -2.61 -11.78
C PRO B 74 11.82 -1.89 -11.96
N GLY B 75 12.75 -2.55 -12.65
CA GLY B 75 14.07 -1.98 -12.86
C GLY B 75 15.09 -2.99 -13.37
N GLY B 76 16.37 -2.71 -13.16
CA GLY B 76 17.39 -3.62 -13.64
C GLY B 76 18.76 -3.02 -13.70
N GLU B 77 19.63 -3.64 -14.50
CA GLU B 77 21.01 -3.20 -14.61
C GLU B 77 21.20 -2.23 -15.75
N LEU B 78 21.84 -1.09 -15.46
CA LEU B 78 22.25 -0.16 -16.51
C LEU B 78 23.37 -0.79 -17.33
N ASN B 79 23.45 -0.41 -18.60
CA ASN B 79 24.63 -0.70 -19.41
C ASN B 79 25.73 0.28 -19.04
N PRO B 80 26.99 -0.17 -19.12
CA PRO B 80 28.10 0.70 -18.75
C PRO B 80 28.07 2.00 -19.53
N GLY B 81 28.36 3.11 -18.86
CA GLY B 81 28.27 4.45 -19.45
C GLY B 81 26.87 5.05 -19.46
N GLU B 82 25.86 4.18 -19.54
CA GLU B 82 24.47 4.57 -19.67
C GLU B 82 24.03 5.42 -18.50
N ASP B 83 23.27 6.46 -18.80
CA ASP B 83 22.77 7.40 -17.81
C ASP B 83 21.73 6.76 -16.86
N GLU B 84 21.84 7.07 -15.57
CA GLU B 84 20.91 6.57 -14.56
C GLU B 84 19.44 6.70 -14.91
N VAL B 85 19.02 7.91 -15.24
CA VAL B 85 17.61 8.19 -15.50
C VAL B 85 17.11 7.63 -16.85
N GLU B 86 17.91 7.78 -17.90
CA GLU B 86 17.52 7.27 -19.21
C GLU B 86 17.45 5.74 -19.18
N GLY B 87 18.31 5.13 -18.39
CA GLY B 87 18.36 3.67 -18.28
C GLY B 87 17.17 3.08 -17.54
N LEU B 88 16.68 3.80 -16.53
CA LEU B 88 15.49 3.38 -15.82
C LEU B 88 14.30 3.46 -16.76
N LYS B 89 14.18 4.59 -17.46
CA LYS B 89 13.18 4.73 -18.51
C LYS B 89 13.23 3.58 -19.51
N ARG B 90 14.42 3.22 -19.94
CA ARG B 90 14.58 2.07 -20.83
C ARG B 90 14.05 0.80 -20.18
N LEU B 91 14.56 0.49 -18.98
CA LEU B 91 14.20 -0.74 -18.25
C LEU B 91 12.71 -0.84 -17.95
N MET B 92 12.09 0.31 -17.64
CA MET B 92 10.65 0.39 -17.37
C MET B 92 9.80 0.01 -18.57
N THR B 93 10.22 0.52 -19.73
CA THR B 93 9.53 0.25 -20.97
C THR B 93 9.64 -1.24 -21.24
N GLU B 94 10.83 -1.80 -20.99
CA GLU B 94 11.04 -3.23 -21.16
C GLU B 94 10.11 -4.08 -20.32
N ILE B 95 9.91 -3.68 -19.07
CA ILE B 95 9.13 -4.47 -18.14
C ILE B 95 7.63 -4.16 -18.15
N LEU B 96 7.26 -2.88 -18.14
CA LEU B 96 5.84 -2.52 -18.04
C LEU B 96 5.29 -1.83 -19.28
N GLY B 97 6.20 -1.39 -20.16
CA GLY B 97 5.81 -0.73 -21.39
C GLY B 97 4.74 -1.48 -22.16
N ARG B 98 3.71 -0.74 -22.59
CA ARG B 98 2.65 -1.30 -23.43
C ARG B 98 3.13 -1.81 -24.79
N GLN B 99 2.32 -2.65 -25.42
CA GLN B 99 2.78 -3.35 -26.60
C GLN B 99 2.29 -2.67 -27.86
N ASP B 100 1.03 -2.31 -27.83
CA ASP B 100 0.42 -1.86 -29.05
C ASP B 100 1.33 -0.81 -29.61
N GLY B 101 2.39 -0.50 -28.90
CA GLY B 101 3.43 0.36 -29.47
C GLY B 101 2.94 1.80 -29.55
N VAL B 102 2.48 2.32 -28.44
CA VAL B 102 2.45 3.77 -28.26
C VAL B 102 3.67 4.16 -27.43
N LEU B 103 4.30 5.29 -27.73
CA LEU B 103 5.45 5.64 -26.91
C LEU B 103 4.89 5.97 -25.53
N GLN B 104 5.44 5.36 -24.49
CA GLN B 104 5.01 5.60 -23.11
C GLN B 104 6.01 6.57 -22.49
N ASP B 105 5.52 7.57 -21.79
CA ASP B 105 6.37 8.61 -21.26
C ASP B 105 6.59 8.37 -19.77
N TRP B 106 7.83 8.46 -19.29
CA TRP B 106 8.09 8.31 -17.85
C TRP B 106 8.53 9.61 -17.19
N VAL B 107 8.10 9.84 -15.97
CA VAL B 107 8.51 11.03 -15.25
C VAL B 107 9.28 10.62 -14.04
N ILE B 108 10.55 11.02 -13.99
CA ILE B 108 11.46 10.58 -12.95
C ILE B 108 12.27 11.76 -12.47
N ASP B 109 11.77 12.44 -11.45
CA ASP B 109 12.44 13.66 -10.98
C ASP B 109 12.98 13.52 -9.58
N ASP B 110 12.82 12.34 -8.96
CA ASP B 110 13.09 12.22 -7.53
C ASP B 110 13.84 10.96 -7.14
N CYS B 111 14.97 11.15 -6.48
CA CYS B 111 15.73 10.02 -5.97
C CYS B 111 15.29 9.68 -4.55
N ILE B 112 14.91 8.43 -4.29
CA ILE B 112 14.41 8.08 -2.95
C ILE B 112 15.43 7.40 -2.04
N GLY B 113 16.48 6.86 -2.62
CA GLY B 113 17.55 6.24 -1.83
C GLY B 113 18.56 5.41 -2.60
N ASN B 114 19.62 5.00 -1.88
CA ASN B 114 20.67 4.16 -2.43
C ASN B 114 20.96 2.98 -1.53
N TRP B 115 21.25 1.84 -2.14
CA TRP B 115 21.68 0.67 -1.40
C TRP B 115 22.99 0.13 -2.01
N TRP B 116 23.93 -0.28 -1.17
CA TRP B 116 25.18 -0.84 -1.68
C TRP B 116 25.38 -2.27 -1.23
N ARG B 117 26.00 -3.06 -2.10
CA ARG B 117 26.35 -4.43 -1.77
C ARG B 117 27.87 -4.50 -1.59
N PRO B 118 28.32 -4.68 -0.35
CA PRO B 118 29.77 -4.67 -0.13
C PRO B 118 30.47 -5.91 -0.73
N ASN B 119 29.78 -7.03 -0.75
CA ASN B 119 30.39 -8.25 -1.29
C ASN B 119 29.63 -8.90 -2.44
N PHE B 120 29.89 -10.18 -2.67
CA PHE B 120 29.18 -10.93 -3.71
C PHE B 120 28.21 -11.85 -3.04
N GLU B 121 27.47 -11.34 -2.05
CA GLU B 121 26.49 -12.11 -1.32
C GLU B 121 25.25 -11.25 -1.21
N PRO B 122 24.14 -11.80 -0.72
CA PRO B 122 22.94 -10.99 -0.60
C PRO B 122 23.09 -9.59 0.01
N PRO B 123 23.57 -9.50 1.27
CA PRO B 123 23.47 -8.25 2.07
C PRO B 123 23.66 -6.96 1.29
N GLN B 124 22.76 -6.01 1.51
CA GLN B 124 22.86 -4.67 0.93
C GLN B 124 22.55 -3.67 2.03
N TYR B 125 23.25 -2.55 2.03
CA TYR B 125 23.05 -1.57 3.09
C TYR B 125 22.87 -0.16 2.54
N PRO B 126 22.09 0.66 3.24
CA PRO B 126 21.83 2.05 2.82
C PRO B 126 23.03 2.96 3.03
N TYR B 127 24.23 2.38 3.13
CA TYR B 127 25.47 3.09 3.32
C TYR B 127 26.61 2.12 2.99
N ILE B 128 27.78 2.67 2.71
CA ILE B 128 28.97 1.89 2.47
C ILE B 128 29.75 1.77 3.75
N PRO B 129 29.81 0.57 4.33
CA PRO B 129 30.57 0.34 5.56
C PRO B 129 31.96 0.92 5.38
N ALA B 130 32.54 1.48 6.43
CA ALA B 130 33.80 2.22 6.34
C ALA B 130 35.00 1.44 5.80
N HIS B 131 35.03 0.12 6.01
CA HIS B 131 36.19 -0.64 5.57
C HIS B 131 36.09 -1.06 4.12
N ILE B 132 35.04 -0.60 3.43
CA ILE B 132 34.80 -1.01 2.05
C ILE B 132 35.17 0.09 1.08
N THR B 133 35.96 -0.26 0.07
CA THR B 133 36.45 0.72 -0.90
C THR B 133 35.71 0.56 -2.21
N LYS B 134 35.52 -0.70 -2.57
CA LYS B 134 34.97 -1.02 -3.88
C LYS B 134 33.76 -1.95 -3.78
N PRO B 135 32.59 -1.38 -3.41
CA PRO B 135 31.33 -2.14 -3.36
C PRO B 135 30.96 -2.75 -4.72
N LYS B 136 30.52 -4.00 -4.68
CA LYS B 136 30.27 -4.73 -5.89
C LYS B 136 29.02 -4.29 -6.66
N GLU B 137 27.98 -3.85 -5.96
CA GLU B 137 26.77 -3.33 -6.63
C GLU B 137 26.26 -2.03 -5.99
N HIS B 138 25.82 -1.10 -6.83
CA HIS B 138 25.16 0.10 -6.37
C HIS B 138 23.76 0.23 -6.97
N LYS B 139 22.76 0.06 -6.11
CA LYS B 139 21.34 0.14 -6.48
C LYS B 139 20.81 1.53 -6.16
N LYS B 140 20.19 2.19 -7.13
CA LYS B 140 19.62 3.51 -6.88
C LYS B 140 18.12 3.51 -7.16
N LEU B 141 17.34 4.05 -6.22
CA LEU B 141 15.89 4.04 -6.34
C LEU B 141 15.31 5.41 -6.70
N PHE B 142 14.36 5.43 -7.63
CA PHE B 142 13.69 6.68 -8.04
C PHE B 142 12.18 6.65 -7.88
N LEU B 143 11.62 7.82 -7.61
CA LEU B 143 10.19 7.95 -7.54
C LEU B 143 9.74 8.14 -8.96
N VAL B 144 8.77 7.38 -9.41
CA VAL B 144 8.30 7.54 -10.78
C VAL B 144 6.84 7.95 -10.83
N GLN B 145 6.60 9.23 -11.10
CA GLN B 145 5.24 9.77 -11.09
C GLN B 145 4.42 9.26 -12.26
N LEU B 146 3.35 8.53 -11.96
CA LEU B 146 2.48 8.07 -13.00
C LEU B 146 1.58 9.21 -13.42
N GLN B 147 1.07 9.12 -14.65
CA GLN B 147 0.13 10.10 -15.12
C GLN B 147 -1.22 9.79 -14.50
N GLU B 148 -2.23 10.59 -14.84
CA GLU B 148 -3.58 10.31 -14.41
C GLU B 148 -4.12 8.96 -14.86
N LYS B 149 -3.85 8.55 -16.09
CA LYS B 149 -4.26 7.22 -16.53
C LYS B 149 -3.16 6.59 -17.35
N ALA B 150 -3.19 5.27 -17.52
CA ALA B 150 -2.11 4.63 -18.25
C ALA B 150 -2.37 3.17 -18.59
N LEU B 151 -1.72 2.71 -19.65
CA LEU B 151 -1.81 1.34 -20.03
C LEU B 151 -0.43 0.73 -20.00
N PHE B 152 -0.29 -0.37 -19.26
CA PHE B 152 0.97 -1.11 -19.19
C PHE B 152 0.73 -2.52 -19.70
N ALA B 153 1.81 -3.26 -19.85
CA ALA B 153 1.73 -4.67 -20.19
C ALA B 153 2.71 -5.40 -19.28
N VAL B 154 2.18 -6.32 -18.50
CA VAL B 154 2.98 -7.02 -17.51
C VAL B 154 3.38 -8.38 -18.08
N PRO B 155 4.65 -8.69 -18.02
CA PRO B 155 5.16 -9.96 -18.51
C PRO B 155 4.54 -11.21 -17.95
N LYS B 156 4.24 -12.15 -18.82
CA LYS B 156 3.26 -13.13 -18.50
C LYS B 156 3.62 -14.00 -17.35
N ASN B 157 4.83 -13.81 -16.86
CA ASN B 157 5.41 -14.62 -15.84
C ASN B 157 5.39 -13.93 -14.51
N TYR B 158 5.13 -12.66 -14.53
CA TYR B 158 4.97 -11.89 -13.30
C TYR B 158 3.51 -11.59 -13.08
N LYS B 159 3.20 -11.27 -11.84
CA LYS B 159 1.90 -10.74 -11.52
C LYS B 159 2.17 -9.41 -10.83
N LEU B 160 1.64 -8.34 -11.39
CA LEU B 160 1.77 -7.03 -10.78
C LEU B 160 0.70 -6.79 -9.71
N VAL B 161 1.12 -6.38 -8.50
CA VAL B 161 0.20 -6.11 -7.42
C VAL B 161 0.49 -4.78 -6.79
N ALA B 162 -0.53 -4.18 -6.20
CA ALA B 162 -0.31 -2.92 -5.51
C ALA B 162 -0.35 -3.15 -4.00
N ALA B 163 0.81 -3.00 -3.36
CA ALA B 163 0.94 -3.27 -1.93
C ALA B 163 0.73 -2.02 -1.11
N PRO B 164 -0.24 -2.05 -0.18
CA PRO B 164 -0.48 -0.90 0.70
C PRO B 164 0.72 -0.71 1.62
N LEU B 165 1.00 0.52 2.04
CA LEU B 165 2.21 0.77 2.82
C LEU B 165 2.27 -0.10 4.09
N PHE B 166 1.17 -0.19 4.83
CA PHE B 166 1.20 -0.98 6.05
C PHE B 166 1.61 -2.43 5.77
N GLU B 167 1.31 -2.95 4.59
CA GLU B 167 1.73 -4.32 4.25
C GLU B 167 3.26 -4.44 4.22
N LEU B 168 3.95 -3.36 3.83
CA LEU B 168 5.39 -3.37 3.67
C LEU B 168 6.14 -3.01 4.94
N TYR B 169 5.60 -2.05 5.68
CA TYR B 169 6.28 -1.49 6.84
C TYR B 169 6.55 -2.55 7.87
N ASP B 170 7.77 -2.55 8.41
CA ASP B 170 8.17 -3.55 9.39
C ASP B 170 7.94 -4.95 8.87
N ASN B 171 8.01 -5.13 7.56
CA ASN B 171 7.84 -6.45 6.99
C ASN B 171 9.03 -6.85 6.11
N ALA B 172 10.24 -6.75 6.66
CA ALA B 172 11.44 -7.27 5.97
C ALA B 172 11.37 -8.78 5.67
N PRO B 173 10.82 -9.58 6.60
CA PRO B 173 10.72 -11.01 6.26
C PRO B 173 9.91 -11.20 4.99
N GLY B 174 8.92 -10.34 4.77
CA GLY B 174 8.07 -10.48 3.59
C GLY B 174 8.61 -9.86 2.30
N TYR B 175 9.26 -8.71 2.40
CA TYR B 175 9.59 -7.92 1.22
C TYR B 175 11.06 -7.52 1.09
N GLY B 176 11.88 -7.95 2.04
CA GLY B 176 13.29 -7.59 2.01
C GLY B 176 13.53 -6.21 2.60
N PRO B 177 14.82 -5.89 2.84
CA PRO B 177 15.13 -4.66 3.54
C PRO B 177 14.83 -3.45 2.69
N ILE B 178 14.92 -3.56 1.38
CA ILE B 178 14.73 -2.37 0.57
C ILE B 178 13.26 -1.99 0.43
N ILE B 179 12.46 -2.90 -0.12
CA ILE B 179 11.04 -2.67 -0.34
C ILE B 179 10.31 -2.27 0.95
N SER B 180 10.60 -3.00 2.03
CA SER B 180 9.96 -2.78 3.31
C SER B 180 10.26 -1.45 3.93
N SER B 181 11.38 -0.82 3.59
CA SER B 181 11.60 0.53 4.13
C SER B 181 11.02 1.67 3.26
N LEU B 182 10.33 1.31 2.18
CA LEU B 182 9.73 2.28 1.26
C LEU B 182 8.77 3.25 1.94
N PRO B 183 7.99 2.77 2.92
CA PRO B 183 7.08 3.70 3.55
C PRO B 183 7.82 4.86 4.19
N GLN B 184 8.92 4.56 4.89
CA GLN B 184 9.67 5.60 5.56
C GLN B 184 10.20 6.54 4.49
N LEU B 185 10.89 5.96 3.52
CA LEU B 185 11.36 6.70 2.36
C LEU B 185 10.27 7.56 1.66
N LEU B 186 9.05 7.04 1.54
CA LEU B 186 7.97 7.79 0.90
C LEU B 186 7.43 8.88 1.83
N SER B 187 7.78 8.81 3.09
CA SER B 187 7.11 9.64 4.07
C SER B 187 7.31 11.17 3.88
N ARG B 188 8.42 11.60 3.28
CA ARG B 188 8.63 13.06 3.10
C ARG B 188 7.71 13.64 2.03
N PHE B 189 7.35 12.83 1.05
CA PHE B 189 6.52 13.32 -0.03
C PHE B 189 5.14 13.72 0.48
N ASN B 190 4.64 14.89 0.05
CA ASN B 190 3.28 15.29 0.37
C ASN B 190 2.35 14.73 -0.70
N PHE B 191 1.61 13.67 -0.36
CA PHE B 191 0.70 13.06 -1.33
C PHE B 191 -0.70 13.69 -1.40
N ILE B 192 -1.15 13.89 -2.64
CA ILE B 192 -2.49 14.36 -2.95
C ILE B 192 -3.30 13.15 -3.47
N TYR B 193 -4.39 12.78 -2.80
CA TYR B 193 -5.20 11.67 -3.32
C TYR B 193 -6.37 12.12 -4.19
N ASN B 194 -6.20 12.02 -5.50
CA ASN B 194 -7.27 12.30 -6.44
C ASN B 194 -8.18 11.10 -6.49
N LEU B 195 -9.44 11.30 -6.11
CA LEU B 195 -10.44 10.24 -6.17
C LEU B 195 -11.05 10.12 -7.56
N GLU B 196 -11.89 9.10 -7.73
CA GLU B 196 -12.56 8.91 -8.99
C GLU B 196 -13.75 9.84 -8.99
N HIS B 197 -13.80 10.71 -9.98
CA HIS B 197 -14.92 11.64 -10.04
C HIS B 197 -16.09 11.17 -10.91
N HIS B 198 -15.97 9.99 -11.51
CA HIS B 198 -17.09 9.32 -12.15
C HIS B 198 -17.77 8.45 -11.10
N GLU C 1 -13.11 -41.90 17.39
CA GLU C 1 -11.75 -42.51 17.25
C GLU C 1 -11.70 -43.47 16.06
N ARG C 2 -10.54 -44.08 15.85
CA ARG C 2 -10.34 -45.06 14.80
C ARG C 2 -9.07 -45.89 15.10
N THR C 3 -9.28 -47.16 15.47
CA THR C 3 -8.18 -48.03 15.85
C THR C 3 -7.69 -48.87 14.68
N ILE C 4 -6.40 -48.77 14.41
CA ILE C 4 -5.79 -49.53 13.36
C ILE C 4 -4.71 -50.45 13.96
N ASN C 5 -4.62 -51.66 13.45
CA ASN C 5 -3.64 -52.63 13.90
C ASN C 5 -2.43 -52.68 12.98
N LEU C 6 -1.25 -52.40 13.51
CA LEU C 6 -0.04 -52.53 12.70
C LEU C 6 0.77 -53.72 13.19
N TYR C 7 1.56 -54.29 12.28
CA TYR C 7 2.39 -55.42 12.63
C TYR C 7 3.82 -55.16 12.20
N PRO C 8 4.76 -56.00 12.66
CA PRO C 8 6.14 -55.75 12.28
C PRO C 8 6.38 -56.21 10.87
N LEU C 9 7.24 -55.50 10.16
CA LEU C 9 7.55 -55.81 8.76
C LEU C 9 7.79 -57.31 8.55
N THR C 10 8.46 -57.96 9.49
CA THR C 10 8.85 -59.38 9.33
C THR C 10 7.67 -60.35 9.29
N ASN C 11 6.58 -59.96 9.96
CA ASN C 11 5.31 -60.69 9.89
C ASN C 11 4.82 -60.93 8.46
N TYR C 12 5.43 -60.20 7.51
CA TYR C 12 5.00 -60.23 6.12
C TYR C 12 6.10 -60.75 5.24
N THR C 13 5.78 -61.77 4.48
CA THR C 13 6.75 -62.30 3.54
C THR C 13 6.34 -61.86 2.14
N PHE C 14 7.36 -61.67 1.30
CA PHE C 14 7.17 -61.16 -0.05
C PHE C 14 7.63 -62.15 -1.12
N GLY C 15 7.38 -61.79 -2.36
CA GLY C 15 7.69 -62.66 -3.47
C GLY C 15 8.04 -61.88 -4.71
N THR C 16 8.51 -62.59 -5.71
CA THR C 16 8.83 -61.96 -6.98
C THR C 16 7.94 -62.57 -8.03
N LYS C 17 7.30 -61.70 -8.82
CA LYS C 17 6.60 -62.12 -10.04
C LYS C 17 6.99 -61.24 -11.24
N GLU C 18 6.27 -61.41 -12.35
CA GLU C 18 6.76 -60.88 -13.61
C GLU C 18 6.46 -59.42 -13.84
N PRO C 19 7.39 -58.73 -14.47
CA PRO C 19 7.25 -57.30 -14.65
C PRO C 19 5.85 -56.85 -15.03
N LEU C 20 5.40 -55.75 -14.46
CA LEU C 20 4.31 -54.99 -15.02
C LEU C 20 4.86 -53.63 -15.44
N TYR C 21 5.07 -53.45 -16.75
CA TYR C 21 5.58 -52.19 -17.26
C TYR C 21 4.48 -51.12 -17.32
N GLU C 22 4.91 -49.85 -17.33
CA GLU C 22 3.97 -48.74 -17.51
C GLU C 22 3.51 -48.62 -18.98
N LYS C 23 2.21 -48.41 -19.18
CA LYS C 23 1.63 -48.25 -20.52
C LYS C 23 2.27 -47.03 -21.11
N ASP C 24 2.67 -46.12 -20.26
CA ASP C 24 3.30 -44.95 -20.81
C ASP C 24 4.76 -45.23 -21.11
N SER C 25 5.35 -44.38 -21.93
CA SER C 25 6.74 -44.52 -22.31
C SER C 25 7.64 -43.59 -21.50
N SER C 26 7.30 -42.30 -21.45
CA SER C 26 8.16 -41.33 -20.77
C SER C 26 7.49 -40.04 -20.26
N VAL C 27 8.33 -39.08 -19.88
CA VAL C 27 7.92 -37.86 -19.17
C VAL C 27 6.81 -37.10 -19.89
N ALA C 28 7.03 -36.75 -21.15
CA ALA C 28 6.00 -36.08 -21.96
C ALA C 28 5.02 -37.06 -22.62
N ALA C 29 5.45 -38.30 -22.84
CA ALA C 29 4.55 -39.32 -23.35
C ALA C 29 3.36 -39.49 -22.40
N ARG C 30 3.62 -39.34 -21.11
CA ARG C 30 2.59 -39.57 -20.09
C ARG C 30 1.42 -38.60 -20.24
N PHE C 31 1.73 -37.34 -20.50
CA PHE C 31 0.72 -36.30 -20.55
C PHE C 31 0.02 -36.20 -21.92
N GLN C 32 0.75 -36.54 -22.99
CA GLN C 32 0.14 -36.64 -24.30
C GLN C 32 -0.94 -37.73 -24.33
N ARG C 33 -0.70 -38.86 -23.67
CA ARG C 33 -1.74 -39.89 -23.65
C ARG C 33 -2.85 -39.57 -22.70
N MET C 34 -2.57 -38.73 -21.71
CA MET C 34 -3.58 -38.33 -20.75
C MET C 34 -4.51 -37.34 -21.42
N ARG C 35 -3.95 -36.52 -22.30
CA ARG C 35 -4.73 -35.54 -23.03
C ARG C 35 -5.76 -36.17 -23.95
N GLU C 36 -5.35 -37.21 -24.67
CA GLU C 36 -6.26 -37.91 -25.55
C GLU C 36 -7.35 -38.69 -24.81
N GLU C 37 -6.98 -39.50 -23.82
CA GLU C 37 -7.98 -40.34 -23.18
C GLU C 37 -9.03 -39.49 -22.49
N PHE C 38 -8.65 -38.25 -22.16
CA PHE C 38 -9.51 -37.33 -21.42
C PHE C 38 -10.72 -36.87 -22.22
N ASP C 39 -10.55 -36.62 -23.51
CA ASP C 39 -11.66 -36.16 -24.36
C ASP C 39 -12.65 -37.27 -24.68
N LYS C 40 -12.20 -38.50 -24.50
CA LYS C 40 -13.01 -39.65 -24.85
C LYS C 40 -13.77 -40.20 -23.64
N ILE C 41 -13.12 -40.23 -22.48
CA ILE C 41 -13.83 -40.63 -21.25
C ILE C 41 -13.78 -39.65 -20.06
N GLY C 42 -13.22 -38.47 -20.26
CA GLY C 42 -13.22 -37.46 -19.21
C GLY C 42 -12.09 -37.55 -18.20
N MET C 43 -12.37 -37.09 -16.98
CA MET C 43 -11.36 -37.05 -15.93
C MET C 43 -10.85 -38.45 -15.75
N ARG C 44 -9.53 -38.58 -15.60
CA ARG C 44 -8.93 -39.84 -15.18
C ARG C 44 -9.13 -40.07 -13.67
N ARG C 45 -9.60 -41.24 -13.28
CA ARG C 45 -9.80 -41.54 -11.86
C ARG C 45 -8.76 -42.51 -11.32
N THR C 46 -7.85 -42.03 -10.49
CA THR C 46 -6.85 -42.90 -9.87
C THR C 46 -7.27 -43.27 -8.45
N VAL C 47 -6.98 -44.51 -8.06
CA VAL C 47 -7.01 -44.89 -6.66
C VAL C 47 -5.65 -45.46 -6.27
N GLU C 48 -5.25 -45.21 -5.05
CA GLU C 48 -3.99 -45.71 -4.54
C GLU C 48 -4.15 -46.17 -3.11
N GLY C 49 -3.33 -47.14 -2.73
CA GLY C 49 -3.43 -47.74 -1.41
C GLY C 49 -2.27 -47.43 -0.50
N VAL C 50 -2.60 -47.19 0.75
CA VAL C 50 -1.61 -46.88 1.76
C VAL C 50 -1.54 -48.06 2.71
N LEU C 51 -0.43 -48.79 2.69
CA LEU C 51 -0.29 -50.00 3.49
C LEU C 51 0.72 -49.74 4.60
N ILE C 52 0.38 -50.11 5.83
CA ILE C 52 1.26 -49.75 6.93
C ILE C 52 1.67 -50.93 7.78
N VAL C 53 2.98 -51.05 7.99
CA VAL C 53 3.52 -51.95 8.98
C VAL C 53 4.25 -51.06 9.97
N HIS C 54 4.78 -51.61 11.05
CA HIS C 54 5.64 -50.82 11.92
C HIS C 54 7.00 -51.45 12.12
N GLU C 55 7.91 -50.68 12.69
CA GLU C 55 9.16 -51.25 13.14
C GLU C 55 9.71 -50.37 14.25
N HIS C 56 9.88 -50.95 15.44
CA HIS C 56 10.28 -50.19 16.62
C HIS C 56 9.24 -49.18 17.13
N ARG C 57 7.96 -49.49 16.94
CA ARG C 57 6.87 -48.59 17.33
C ARG C 57 6.74 -47.35 16.44
N LEU C 58 7.20 -47.44 15.19
CA LEU C 58 7.02 -46.34 14.27
C LEU C 58 6.45 -46.85 12.96
N PRO C 59 5.36 -46.23 12.49
CA PRO C 59 4.75 -46.67 11.26
C PRO C 59 5.70 -46.56 10.07
N HIS C 60 5.68 -47.56 9.19
CA HIS C 60 6.34 -47.50 7.90
C HIS C 60 5.29 -47.69 6.82
N VAL C 61 5.47 -46.99 5.70
CA VAL C 61 4.55 -47.15 4.60
C VAL C 61 5.24 -47.98 3.54
N LEU C 62 4.53 -48.98 3.03
CA LEU C 62 5.06 -49.80 1.95
C LEU C 62 5.00 -49.01 0.64
N LEU C 63 6.14 -48.88 -0.02
CA LEU C 63 6.21 -48.15 -1.27
C LEU C 63 6.88 -49.01 -2.31
N LEU C 64 6.56 -48.76 -3.57
CA LEU C 64 7.23 -49.42 -4.67
C LEU C 64 8.19 -48.46 -5.37
N GLN C 65 9.46 -48.85 -5.48
CA GLN C 65 10.48 -48.05 -6.17
C GLN C 65 10.76 -48.53 -7.60
N LEU C 66 11.45 -47.71 -8.37
CA LEU C 66 11.80 -48.03 -9.76
C LEU C 66 12.98 -47.17 -10.15
N GLY C 67 14.12 -47.79 -10.40
CA GLY C 67 15.33 -47.02 -10.59
C GLY C 67 15.86 -46.72 -9.19
N THR C 68 16.35 -45.51 -8.97
CA THR C 68 17.07 -45.21 -7.75
C THR C 68 16.38 -44.20 -6.87
N THR C 69 15.47 -43.44 -7.46
CA THR C 69 14.81 -42.38 -6.69
C THR C 69 13.33 -42.13 -7.00
N PHE C 70 12.69 -43.04 -7.74
CA PHE C 70 11.27 -42.85 -8.08
C PHE C 70 10.39 -43.84 -7.34
N PHE C 71 9.40 -43.34 -6.61
CA PHE C 71 8.59 -44.16 -5.71
C PHE C 71 7.12 -43.94 -5.99
N LYS C 72 6.31 -45.00 -6.00
CA LYS C 72 4.88 -44.81 -6.06
C LYS C 72 4.14 -45.59 -4.99
N LEU C 73 2.84 -45.33 -4.85
CA LEU C 73 2.02 -46.15 -3.99
C LEU C 73 1.38 -47.21 -4.86
N PRO C 74 1.02 -48.34 -4.27
CA PRO C 74 0.29 -49.33 -5.05
C PRO C 74 -1.07 -48.80 -5.52
N GLY C 75 -1.25 -48.70 -6.82
CA GLY C 75 -2.53 -48.27 -7.35
C GLY C 75 -2.56 -48.29 -8.87
N GLY C 76 -3.44 -47.48 -9.44
CA GLY C 76 -3.64 -47.44 -10.88
C GLY C 76 -4.99 -46.87 -11.24
N GLU C 77 -5.37 -47.04 -12.49
CA GLU C 77 -6.55 -46.39 -13.03
C GLU C 77 -7.81 -47.21 -12.89
N LEU C 78 -8.90 -46.53 -12.66
CA LEU C 78 -10.20 -47.17 -12.63
C LEU C 78 -10.78 -47.23 -14.05
N ASN C 79 -11.51 -48.30 -14.33
CA ASN C 79 -12.30 -48.40 -15.56
C ASN C 79 -13.59 -47.61 -15.40
N PRO C 80 -14.02 -46.95 -16.48
CA PRO C 80 -15.22 -46.12 -16.42
C PRO C 80 -16.38 -46.81 -15.72
N GLY C 81 -16.98 -46.16 -14.73
CA GLY C 81 -18.14 -46.71 -14.04
C GLY C 81 -17.81 -47.63 -12.89
N GLU C 82 -16.55 -48.07 -12.83
CA GLU C 82 -16.09 -48.99 -11.79
C GLU C 82 -16.11 -48.35 -10.38
N ASP C 83 -16.59 -49.10 -9.38
CA ASP C 83 -16.56 -48.62 -7.99
C ASP C 83 -15.11 -48.28 -7.62
N GLU C 84 -14.93 -47.38 -6.64
CA GLU C 84 -13.60 -46.96 -6.19
C GLU C 84 -12.88 -48.02 -5.36
N VAL C 85 -13.55 -48.49 -4.30
CA VAL C 85 -12.98 -49.47 -3.39
C VAL C 85 -12.78 -50.78 -4.13
N GLU C 86 -13.79 -51.18 -4.89
CA GLU C 86 -13.67 -52.39 -5.72
C GLU C 86 -12.48 -52.32 -6.66
N GLY C 87 -12.32 -51.20 -7.33
CA GLY C 87 -11.18 -50.99 -8.21
C GLY C 87 -9.84 -51.12 -7.50
N LEU C 88 -9.70 -50.49 -6.35
CA LEU C 88 -8.43 -50.56 -5.62
C LEU C 88 -8.13 -52.01 -5.35
N LYS C 89 -9.10 -52.69 -4.74
CA LYS C 89 -8.95 -54.10 -4.41
C LYS C 89 -8.42 -54.80 -5.64
N ARG C 90 -9.04 -54.54 -6.78
CA ARG C 90 -8.63 -55.26 -7.97
C ARG C 90 -7.21 -54.90 -8.34
N LEU C 91 -6.96 -53.61 -8.41
CA LEU C 91 -5.66 -53.08 -8.82
C LEU C 91 -4.55 -53.51 -7.89
N MET C 92 -4.93 -53.85 -6.67
CA MET C 92 -3.96 -54.22 -5.65
C MET C 92 -3.52 -55.62 -5.89
N THR C 93 -4.51 -56.50 -6.03
CA THR C 93 -4.29 -57.89 -6.36
C THR C 93 -3.41 -57.96 -7.58
N GLU C 94 -3.68 -57.07 -8.52
CA GLU C 94 -3.01 -57.13 -9.78
C GLU C 94 -1.56 -56.74 -9.56
N ILE C 95 -1.29 -56.05 -8.46
CA ILE C 95 0.06 -55.47 -8.26
C ILE C 95 0.79 -56.11 -7.11
N LEU C 96 0.06 -56.67 -6.17
CA LEU C 96 0.71 -57.32 -5.05
C LEU C 96 0.08 -58.67 -4.66
N GLY C 97 -1.03 -59.01 -5.29
CA GLY C 97 -1.78 -60.21 -4.89
C GLY C 97 -0.93 -61.46 -4.86
N ARG C 98 -1.24 -62.36 -3.95
CA ARG C 98 -0.53 -63.63 -3.81
C ARG C 98 -0.72 -64.54 -5.02
N GLN C 99 0.40 -64.99 -5.58
CA GLN C 99 0.41 -65.93 -6.71
C GLN C 99 0.00 -67.33 -6.29
N ASP C 100 -0.23 -67.51 -5.00
CA ASP C 100 -0.40 -68.87 -4.47
C ASP C 100 -1.82 -69.40 -4.67
N GLY C 101 -2.66 -68.62 -5.34
CA GLY C 101 -3.97 -69.10 -5.76
C GLY C 101 -4.96 -69.05 -4.62
N VAL C 102 -4.45 -68.87 -3.41
CA VAL C 102 -5.32 -68.56 -2.29
C VAL C 102 -5.78 -67.10 -2.38
N LEU C 103 -7.06 -66.84 -2.14
CA LEU C 103 -7.64 -65.51 -2.34
C LEU C 103 -7.11 -64.50 -1.34
N GLN C 104 -6.95 -63.26 -1.79
CA GLN C 104 -6.52 -62.17 -0.90
C GLN C 104 -7.72 -61.29 -0.52
N ASP C 105 -7.98 -61.19 0.77
CA ASP C 105 -9.01 -60.28 1.23
C ASP C 105 -8.34 -58.96 1.59
N TRP C 106 -8.39 -58.01 0.66
CA TRP C 106 -7.98 -56.63 0.94
C TRP C 106 -9.02 -55.94 1.79
N VAL C 107 -8.60 -55.40 2.93
CA VAL C 107 -9.52 -54.67 3.78
C VAL C 107 -9.32 -53.17 3.63
N ILE C 108 -10.31 -52.51 3.04
CA ILE C 108 -10.24 -51.09 2.77
C ILE C 108 -11.47 -50.40 3.33
N ASP C 109 -11.33 -49.70 4.45
CA ASP C 109 -12.47 -48.98 5.04
C ASP C 109 -12.32 -47.45 5.07
N ASP C 110 -11.08 -46.93 5.06
CA ASP C 110 -10.91 -45.50 5.22
C ASP C 110 -10.28 -44.83 4.01
N CYS C 111 -10.83 -43.69 3.65
CA CYS C 111 -10.26 -42.88 2.62
C CYS C 111 -9.40 -41.88 3.35
N ILE C 112 -8.15 -41.72 2.94
CA ILE C 112 -7.29 -40.82 3.67
C ILE C 112 -6.97 -39.51 2.97
N GLY C 113 -7.29 -39.42 1.69
CA GLY C 113 -7.10 -38.16 1.01
C GLY C 113 -7.50 -38.09 -0.44
N ASN C 114 -7.56 -36.86 -0.95
CA ASN C 114 -7.84 -36.61 -2.36
C ASN C 114 -6.83 -35.63 -2.94
N TRP C 115 -6.36 -35.91 -4.16
CA TRP C 115 -5.52 -34.97 -4.89
C TRP C 115 -6.03 -34.77 -6.32
N TRP C 116 -5.98 -33.54 -6.80
CA TRP C 116 -6.42 -33.26 -8.15
C TRP C 116 -5.33 -32.67 -9.01
N ARG C 117 -5.26 -33.13 -10.25
CA ARG C 117 -4.40 -32.55 -11.26
C ARG C 117 -5.23 -31.61 -12.10
N PRO C 118 -5.03 -30.31 -11.96
CA PRO C 118 -5.83 -29.39 -12.72
C PRO C 118 -5.48 -29.32 -14.21
N ASN C 119 -4.21 -29.52 -14.59
CA ASN C 119 -3.81 -29.41 -15.99
C ASN C 119 -3.14 -30.68 -16.46
N PHE C 120 -2.67 -30.70 -17.70
CA PHE C 120 -1.87 -31.82 -18.20
C PHE C 120 -0.39 -31.59 -17.87
N GLU C 121 -0.11 -31.55 -16.57
CA GLU C 121 1.22 -31.26 -16.05
C GLU C 121 1.39 -31.97 -14.70
N PRO C 122 2.61 -31.93 -14.13
CA PRO C 122 2.86 -32.60 -12.86
C PRO C 122 2.05 -32.11 -11.63
N PRO C 123 1.83 -30.79 -11.51
CA PRO C 123 1.31 -30.31 -10.23
C PRO C 123 -0.03 -30.92 -9.84
N GLN C 124 -0.09 -31.43 -8.60
CA GLN C 124 -1.32 -31.95 -8.05
C GLN C 124 -1.59 -31.25 -6.73
N TYR C 125 -2.86 -31.10 -6.35
CA TYR C 125 -3.20 -30.36 -5.11
C TYR C 125 -4.25 -31.09 -4.30
N PRO C 126 -4.25 -30.88 -2.97
CA PRO C 126 -5.23 -31.52 -2.09
C PRO C 126 -6.57 -30.81 -2.13
N TYR C 127 -6.75 -29.98 -3.14
CA TYR C 127 -8.00 -29.25 -3.38
C TYR C 127 -8.14 -28.96 -4.88
N ILE C 128 -9.37 -28.79 -5.32
CA ILE C 128 -9.62 -28.25 -6.63
C ILE C 128 -9.49 -26.74 -6.50
N PRO C 129 -8.56 -26.13 -7.24
CA PRO C 129 -8.45 -24.68 -7.15
C PRO C 129 -9.68 -23.98 -7.71
N ALA C 130 -9.91 -22.76 -7.24
CA ALA C 130 -11.20 -22.10 -7.43
C ALA C 130 -11.56 -21.76 -8.84
N HIS C 131 -10.60 -21.71 -9.74
CA HIS C 131 -10.95 -21.46 -11.12
C HIS C 131 -11.09 -22.77 -11.88
N ILE C 132 -10.70 -23.87 -11.27
CA ILE C 132 -10.74 -25.12 -12.02
C ILE C 132 -12.11 -25.78 -11.83
N THR C 133 -12.75 -26.13 -12.95
CA THR C 133 -14.05 -26.79 -12.92
C THR C 133 -13.94 -28.25 -13.38
N LYS C 134 -12.96 -28.53 -14.22
CA LYS C 134 -12.82 -29.87 -14.76
C LYS C 134 -11.35 -30.31 -14.78
N PRO C 135 -10.88 -30.82 -13.64
CA PRO C 135 -9.53 -31.29 -13.46
C PRO C 135 -9.28 -32.59 -14.22
N LYS C 136 -8.04 -32.83 -14.62
CA LYS C 136 -7.74 -33.85 -15.59
C LYS C 136 -7.66 -35.20 -14.93
N GLU C 137 -7.29 -35.17 -13.66
CA GLU C 137 -7.08 -36.38 -12.88
C GLU C 137 -7.60 -36.16 -11.45
N HIS C 138 -8.23 -37.20 -10.90
CA HIS C 138 -8.61 -37.17 -9.50
C HIS C 138 -8.09 -38.42 -8.83
N LYS C 139 -7.00 -38.26 -8.09
CA LYS C 139 -6.36 -39.35 -7.37
C LYS C 139 -7.03 -39.49 -6.01
N LYS C 140 -7.29 -40.72 -5.60
CA LYS C 140 -7.89 -40.94 -4.30
C LYS C 140 -7.10 -41.97 -3.49
N LEU C 141 -7.00 -41.77 -2.18
CA LEU C 141 -6.17 -42.66 -1.36
C LEU C 141 -6.95 -43.34 -0.24
N PHE C 142 -6.65 -44.61 -0.01
CA PHE C 142 -7.31 -45.33 1.05
C PHE C 142 -6.31 -46.09 1.89
N LEU C 143 -6.70 -46.31 3.13
CA LEU C 143 -5.93 -47.15 4.01
C LEU C 143 -6.36 -48.59 3.79
N VAL C 144 -5.39 -49.42 3.43
CA VAL C 144 -5.61 -50.85 3.36
C VAL C 144 -5.11 -51.45 4.65
N GLN C 145 -5.99 -52.10 5.40
CA GLN C 145 -5.59 -52.74 6.66
C GLN C 145 -5.01 -54.11 6.41
N LEU C 146 -3.70 -54.24 6.56
CA LEU C 146 -3.07 -55.55 6.50
C LEU C 146 -3.48 -56.42 7.69
N GLN C 147 -3.31 -57.74 7.56
CA GLN C 147 -3.63 -58.65 8.64
C GLN C 147 -2.34 -59.12 9.31
N GLU C 148 -2.45 -59.65 10.52
CA GLU C 148 -1.28 -60.16 11.23
C GLU C 148 -0.20 -60.72 10.31
N LYS C 149 -0.63 -61.38 9.23
CA LYS C 149 0.29 -62.00 8.32
C LYS C 149 -0.33 -62.06 6.94
N ALA C 150 0.53 -62.08 5.93
CA ALA C 150 0.10 -62.17 4.56
C ALA C 150 1.30 -62.29 3.64
N LEU C 151 1.03 -62.72 2.42
CA LEU C 151 2.06 -62.92 1.40
C LEU C 151 1.69 -62.08 0.18
N PHE C 152 2.62 -61.22 -0.22
CA PHE C 152 2.44 -60.41 -1.42
C PHE C 152 3.43 -60.85 -2.48
N ALA C 153 3.18 -60.45 -3.72
CA ALA C 153 4.08 -60.75 -4.81
C ALA C 153 4.44 -59.46 -5.56
N VAL C 154 5.74 -59.23 -5.68
CA VAL C 154 6.23 -57.97 -6.21
C VAL C 154 6.83 -58.17 -7.60
N PRO C 155 6.29 -57.45 -8.59
CA PRO C 155 6.79 -57.33 -9.96
C PRO C 155 8.30 -57.07 -10.02
N LYS C 156 8.99 -57.86 -10.84
CA LYS C 156 10.43 -57.93 -10.81
C LYS C 156 11.13 -56.58 -11.02
N ASN C 157 10.50 -55.69 -11.78
CA ASN C 157 11.07 -54.38 -12.06
C ASN C 157 10.97 -53.41 -10.87
N TYR C 158 9.82 -53.44 -10.19
CA TYR C 158 9.66 -52.70 -8.95
C TYR C 158 10.38 -53.44 -7.83
N LYS C 159 10.78 -52.70 -6.80
CA LYS C 159 11.15 -53.28 -5.49
C LYS C 159 10.27 -52.71 -4.39
N LEU C 160 10.28 -53.32 -3.22
CA LEU C 160 9.42 -52.83 -2.16
C LEU C 160 10.24 -52.32 -1.00
N VAL C 161 9.95 -51.09 -0.58
CA VAL C 161 10.53 -50.52 0.63
C VAL C 161 9.46 -50.27 1.66
N ALA C 162 9.81 -50.53 2.90
CA ALA C 162 9.04 -50.03 4.04
C ALA C 162 9.72 -48.73 4.53
N ALA C 163 9.12 -47.58 4.23
CA ALA C 163 9.72 -46.28 4.57
C ALA C 163 9.16 -45.71 5.88
N PRO C 164 10.04 -45.40 6.86
CA PRO C 164 9.59 -44.84 8.14
C PRO C 164 9.07 -43.39 8.00
N LEU C 165 8.05 -43.06 8.78
CA LEU C 165 7.37 -41.78 8.63
C LEU C 165 8.35 -40.62 8.56
N PHE C 166 9.40 -40.65 9.37
CA PHE C 166 10.32 -39.52 9.40
C PHE C 166 11.10 -39.36 8.10
N GLU C 167 11.28 -40.45 7.35
CA GLU C 167 11.99 -40.35 6.08
C GLU C 167 11.07 -39.67 5.05
N LEU C 168 9.77 -39.68 5.32
CA LEU C 168 8.78 -39.08 4.41
C LEU C 168 8.46 -37.63 4.78
N TYR C 169 8.34 -37.38 6.07
CA TYR C 169 7.92 -36.09 6.56
C TYR C 169 8.80 -34.97 6.01
N ASP C 170 8.15 -33.89 5.56
CA ASP C 170 8.86 -32.72 5.05
C ASP C 170 9.92 -33.12 4.03
N ASN C 171 9.67 -34.21 3.31
CA ASN C 171 10.59 -34.65 2.30
C ASN C 171 9.87 -34.74 0.96
N ALA C 172 9.38 -33.59 0.49
CA ALA C 172 8.75 -33.53 -0.83
C ALA C 172 9.77 -33.68 -1.97
N PRO C 173 11.01 -33.18 -1.79
CA PRO C 173 11.96 -33.46 -2.86
C PRO C 173 12.27 -34.95 -2.97
N GLY C 174 12.33 -35.63 -1.85
CA GLY C 174 12.53 -37.07 -1.86
C GLY C 174 11.37 -37.87 -2.44
N TYR C 175 10.14 -37.46 -2.14
CA TYR C 175 8.98 -38.31 -2.40
C TYR C 175 7.76 -37.66 -3.05
N GLY C 176 7.84 -36.39 -3.41
CA GLY C 176 6.66 -35.71 -3.92
C GLY C 176 5.70 -35.33 -2.82
N PRO C 177 4.76 -34.41 -3.12
CA PRO C 177 3.86 -33.89 -2.09
C PRO C 177 2.80 -34.87 -1.60
N ILE C 178 2.48 -35.92 -2.36
CA ILE C 178 1.48 -36.85 -1.85
C ILE C 178 2.02 -37.72 -0.74
N ILE C 179 3.05 -38.50 -1.04
CA ILE C 179 3.65 -39.43 -0.10
C ILE C 179 4.29 -38.72 1.07
N SER C 180 4.89 -37.56 0.79
CA SER C 180 5.59 -36.81 1.84
C SER C 180 4.63 -36.28 2.88
N SER C 181 3.35 -36.16 2.54
CA SER C 181 2.39 -35.78 3.56
C SER C 181 1.53 -36.94 4.07
N LEU C 182 2.03 -38.17 3.93
CA LEU C 182 1.33 -39.32 4.52
C LEU C 182 1.47 -39.31 6.06
N PRO C 183 2.61 -38.85 6.57
CA PRO C 183 2.71 -38.70 8.04
C PRO C 183 1.51 -37.94 8.65
N GLN C 184 1.21 -36.74 8.16
CA GLN C 184 0.08 -35.96 8.65
C GLN C 184 -1.22 -36.74 8.52
N LEU C 185 -1.46 -37.29 7.34
CA LEU C 185 -2.65 -38.09 7.11
C LEU C 185 -2.70 -39.35 7.98
N LEU C 186 -1.59 -40.05 8.17
CA LEU C 186 -1.67 -41.22 9.05
C LEU C 186 -1.97 -40.83 10.50
N SER C 187 -1.85 -39.56 10.84
CA SER C 187 -1.78 -39.20 12.26
C SER C 187 -3.11 -39.21 13.00
N ARG C 188 -4.21 -39.42 12.31
CA ARG C 188 -5.47 -39.44 13.03
C ARG C 188 -5.76 -40.83 13.56
N PHE C 189 -5.05 -41.83 13.06
CA PHE C 189 -5.35 -43.19 13.45
C PHE C 189 -4.67 -43.53 14.74
N ASN C 190 -5.37 -44.25 15.59
CA ASN C 190 -4.78 -44.68 16.81
C ASN C 190 -4.20 -46.07 16.59
N PHE C 191 -2.92 -46.14 16.21
CA PHE C 191 -2.33 -47.43 15.82
C PHE C 191 -1.97 -48.29 17.02
N ILE C 192 -2.23 -49.59 16.89
CA ILE C 192 -1.75 -50.58 17.86
C ILE C 192 -0.48 -51.24 17.35
N TYR C 193 0.63 -51.03 18.04
CA TYR C 193 1.90 -51.61 17.60
C TYR C 193 2.08 -53.05 18.10
N ASN C 194 1.58 -54.03 17.34
CA ASN C 194 1.73 -55.42 17.76
C ASN C 194 3.17 -55.88 17.55
N LEU C 195 3.84 -56.25 18.65
CA LEU C 195 5.17 -56.86 18.60
C LEU C 195 5.05 -58.34 18.19
N GLU C 196 6.11 -58.87 17.60
CA GLU C 196 6.09 -60.20 16.96
C GLU C 196 5.42 -61.31 17.80
N GLU D 1 -17.79 -42.56 1.77
CA GLU D 1 -17.26 -41.17 1.74
C GLU D 1 -17.51 -40.55 3.13
N ARG D 2 -17.47 -39.22 3.21
CA ARG D 2 -17.90 -38.48 4.40
C ARG D 2 -18.21 -37.04 4.02
N THR D 3 -19.51 -36.75 3.91
CA THR D 3 -20.02 -35.54 3.27
C THR D 3 -20.08 -34.37 4.24
N ILE D 4 -19.55 -33.24 3.84
CA ILE D 4 -19.58 -32.17 4.80
C ILE D 4 -20.07 -30.86 4.23
N ASN D 5 -20.96 -30.22 4.97
CA ASN D 5 -21.59 -28.99 4.51
C ASN D 5 -20.81 -27.78 4.85
N LEU D 6 -20.52 -26.96 3.84
CA LEU D 6 -19.80 -25.70 4.03
C LEU D 6 -20.69 -24.55 3.63
N TYR D 7 -20.48 -23.40 4.23
CA TYR D 7 -21.35 -22.27 3.96
C TYR D 7 -20.51 -21.03 3.78
N PRO D 8 -21.05 -20.04 3.08
CA PRO D 8 -20.34 -18.80 2.82
C PRO D 8 -19.93 -18.09 4.11
N LEU D 9 -18.72 -17.53 4.14
CA LEU D 9 -18.27 -16.79 5.31
C LEU D 9 -19.36 -15.86 5.83
N THR D 10 -20.14 -15.29 4.90
CA THR D 10 -21.15 -14.28 5.26
C THR D 10 -22.39 -14.84 5.95
N ASN D 11 -22.52 -16.17 6.00
CA ASN D 11 -23.57 -16.81 6.79
C ASN D 11 -23.32 -16.70 8.28
N TYR D 12 -22.09 -16.31 8.65
CA TYR D 12 -21.72 -16.20 10.04
C TYR D 12 -21.44 -14.76 10.43
N THR D 13 -21.94 -14.35 11.58
CA THR D 13 -21.65 -13.01 12.04
C THR D 13 -20.71 -13.02 13.26
N PHE D 14 -19.69 -12.18 13.18
CA PHE D 14 -18.61 -12.24 14.14
C PHE D 14 -18.63 -11.01 15.04
N GLY D 15 -19.19 -11.18 16.24
CA GLY D 15 -19.28 -10.10 17.19
C GLY D 15 -17.97 -9.99 17.94
N THR D 16 -17.95 -9.11 18.94
CA THR D 16 -16.73 -8.91 19.73
C THR D 16 -17.00 -9.06 21.23
N LYS D 17 -16.19 -9.87 21.90
CA LYS D 17 -16.31 -9.96 23.35
C LYS D 17 -15.04 -9.47 24.02
N GLU D 18 -14.86 -9.81 25.28
CA GLU D 18 -13.72 -9.29 25.99
C GLU D 18 -12.44 -10.04 25.70
N PRO D 19 -11.31 -9.38 25.96
CA PRO D 19 -10.09 -10.03 25.56
C PRO D 19 -9.80 -11.33 26.27
N LEU D 20 -8.75 -11.96 25.83
CA LEU D 20 -8.36 -13.23 26.40
C LEU D 20 -6.88 -13.37 26.19
N TYR D 21 -6.12 -12.98 27.20
CA TYR D 21 -4.67 -12.92 27.11
C TYR D 21 -4.08 -14.30 27.44
N GLU D 22 -3.13 -14.76 26.64
CA GLU D 22 -2.48 -16.03 26.93
C GLU D 22 -2.10 -16.04 28.40
N LYS D 23 -2.32 -17.18 29.07
CA LYS D 23 -2.03 -17.34 30.49
C LYS D 23 -0.53 -17.30 30.69
N ASP D 24 0.18 -16.91 29.64
CA ASP D 24 1.61 -16.78 29.66
C ASP D 24 2.02 -15.45 29.01
N SER D 25 2.85 -14.69 29.70
CA SER D 25 3.24 -13.37 29.23
C SER D 25 4.08 -13.39 27.95
N SER D 26 5.18 -14.14 27.97
CA SER D 26 6.12 -14.08 26.85
C SER D 26 6.20 -15.36 26.04
N VAL D 27 7.19 -15.37 25.13
CA VAL D 27 7.48 -16.53 24.31
C VAL D 27 8.23 -17.58 25.10
N ALA D 28 9.09 -17.12 25.99
CA ALA D 28 9.91 -18.03 26.79
C ALA D 28 9.21 -18.42 28.09
N ALA D 29 8.15 -17.72 28.44
CA ALA D 29 7.39 -18.03 29.64
C ALA D 29 6.46 -19.22 29.42
N ARG D 30 6.13 -19.50 28.16
CA ARG D 30 5.30 -20.66 27.85
C ARG D 30 6.05 -21.97 28.17
N PHE D 31 7.30 -22.07 27.70
CA PHE D 31 8.09 -23.29 27.90
C PHE D 31 8.53 -23.47 29.35
N GLN D 32 8.79 -22.35 29.99
CA GLN D 32 9.09 -22.35 31.42
C GLN D 32 7.95 -22.98 32.22
N ARG D 33 6.72 -22.60 31.92
CA ARG D 33 5.59 -23.14 32.65
C ARG D 33 5.29 -24.56 32.19
N MET D 34 5.17 -24.72 30.89
CA MET D 34 4.87 -26.01 30.32
C MET D 34 5.76 -27.02 31.01
N ARG D 35 6.89 -26.54 31.52
CA ARG D 35 7.94 -27.43 32.00
C ARG D 35 7.92 -27.76 33.48
N GLU D 36 7.46 -26.82 34.30
CA GLU D 36 7.31 -27.08 35.73
C GLU D 36 6.09 -27.95 35.93
N GLU D 37 5.07 -27.65 35.13
CA GLU D 37 3.86 -28.44 35.07
C GLU D 37 4.10 -29.89 34.65
N PHE D 38 5.02 -30.06 33.69
CA PHE D 38 5.21 -31.35 33.06
C PHE D 38 5.45 -32.49 34.04
N ASP D 39 6.34 -32.28 35.00
CA ASP D 39 6.64 -33.31 35.98
C ASP D 39 5.59 -33.35 37.07
N LYS D 40 5.01 -32.19 37.34
CA LYS D 40 3.94 -32.09 38.30
C LYS D 40 2.65 -32.79 37.86
N ILE D 41 2.15 -32.45 36.68
CA ILE D 41 0.91 -33.08 36.23
C ILE D 41 0.99 -33.90 34.95
N GLY D 42 2.11 -33.85 34.25
CA GLY D 42 2.31 -34.72 33.11
C GLY D 42 2.17 -34.07 31.75
N MET D 43 2.18 -34.90 30.71
CA MET D 43 2.07 -34.38 29.37
C MET D 43 0.96 -33.35 29.25
N ARG D 44 1.23 -32.28 28.52
CA ARG D 44 0.22 -31.27 28.34
C ARG D 44 -0.75 -31.70 27.28
N ARG D 45 -2.04 -31.51 27.49
CA ARG D 45 -3.01 -31.96 26.50
C ARG D 45 -3.79 -30.80 25.86
N THR D 46 -3.42 -30.43 24.64
CA THR D 46 -4.12 -29.37 23.93
C THR D 46 -5.12 -29.90 22.89
N VAL D 47 -6.28 -29.28 22.79
CA VAL D 47 -7.17 -29.57 21.68
C VAL D 47 -7.41 -28.33 20.86
N GLU D 48 -7.55 -28.52 19.55
CA GLU D 48 -7.75 -27.39 18.65
C GLU D 48 -8.84 -27.66 17.64
N GLY D 49 -9.69 -26.68 17.37
CA GLY D 49 -10.84 -26.91 16.51
C GLY D 49 -10.65 -26.33 15.12
N VAL D 50 -11.05 -27.08 14.11
CA VAL D 50 -10.91 -26.65 12.74
C VAL D 50 -12.27 -26.29 12.11
N LEU D 51 -12.58 -25.00 12.06
CA LEU D 51 -13.84 -24.52 11.55
C LEU D 51 -13.74 -24.13 10.09
N ILE D 52 -14.50 -24.79 9.23
CA ILE D 52 -14.39 -24.57 7.80
C ILE D 52 -15.61 -23.89 7.22
N VAL D 53 -15.39 -22.76 6.53
CA VAL D 53 -16.44 -22.10 5.76
C VAL D 53 -15.98 -22.18 4.31
N HIS D 54 -16.61 -21.42 3.42
CA HIS D 54 -16.13 -21.36 2.05
C HIS D 54 -16.43 -20.02 1.36
N GLU D 55 -15.62 -19.67 0.38
CA GLU D 55 -15.92 -18.55 -0.52
C GLU D 55 -15.60 -19.04 -1.91
N HIS D 56 -16.46 -18.70 -2.86
CA HIS D 56 -16.24 -19.11 -4.22
C HIS D 56 -15.94 -20.60 -4.35
N ARG D 57 -16.66 -21.42 -3.59
CA ARG D 57 -16.55 -22.89 -3.72
C ARG D 57 -15.12 -23.38 -3.45
N LEU D 58 -14.41 -22.68 -2.56
CA LEU D 58 -13.11 -23.10 -2.08
C LEU D 58 -13.05 -23.04 -0.55
N PRO D 59 -12.65 -24.16 0.08
CA PRO D 59 -12.64 -24.18 1.54
C PRO D 59 -11.70 -23.14 2.15
N HIS D 60 -12.15 -22.50 3.22
CA HIS D 60 -11.32 -21.61 4.03
C HIS D 60 -11.36 -22.07 5.49
N VAL D 61 -10.24 -21.94 6.19
CA VAL D 61 -10.16 -22.35 7.57
C VAL D 61 -10.22 -21.13 8.46
N LEU D 62 -11.12 -21.12 9.43
CA LEU D 62 -11.21 -20.00 10.36
C LEU D 62 -9.98 -19.97 11.28
N LEU D 63 -9.26 -18.84 11.30
CA LEU D 63 -8.07 -18.69 12.15
C LEU D 63 -8.14 -17.46 13.03
N LEU D 64 -7.56 -17.54 14.22
CA LEU D 64 -7.47 -16.40 15.12
C LEU D 64 -6.14 -15.71 14.90
N GLN D 65 -6.16 -14.43 14.52
CA GLN D 65 -4.90 -13.74 14.18
C GLN D 65 -4.43 -12.79 15.27
N LEU D 66 -3.16 -12.87 15.60
CA LEU D 66 -2.60 -12.04 16.65
C LEU D 66 -1.52 -11.16 16.06
N GLY D 67 -1.78 -9.86 16.02
CA GLY D 67 -0.86 -8.94 15.42
C GLY D 67 -0.90 -9.17 13.93
N THR D 68 0.26 -9.13 13.30
CA THR D 68 0.33 -9.10 11.87
C THR D 68 0.75 -10.45 11.32
N THR D 69 1.34 -11.26 12.18
CA THR D 69 1.99 -12.44 11.68
C THR D 69 1.72 -13.77 12.41
N PHE D 70 1.19 -13.71 13.62
CA PHE D 70 0.83 -14.91 14.37
C PHE D 70 -0.60 -15.37 14.12
N PHE D 71 -0.78 -16.61 13.69
CA PHE D 71 -2.13 -17.17 13.54
C PHE D 71 -2.29 -18.37 14.47
N LYS D 72 -3.52 -18.70 14.84
CA LYS D 72 -3.74 -19.96 15.57
C LYS D 72 -5.16 -20.45 15.47
N LEU D 73 -5.33 -21.77 15.55
CA LEU D 73 -6.66 -22.38 15.58
C LEU D 73 -7.31 -22.14 16.94
N PRO D 74 -8.64 -22.09 16.99
CA PRO D 74 -9.27 -21.94 18.29
C PRO D 74 -9.12 -23.23 19.10
N GLY D 75 -8.68 -23.08 20.36
CA GLY D 75 -8.36 -24.22 21.19
C GLY D 75 -7.58 -23.78 22.42
N GLY D 76 -7.01 -24.74 23.15
CA GLY D 76 -6.26 -24.44 24.34
C GLY D 76 -6.03 -25.67 25.19
N GLU D 77 -5.67 -25.47 26.46
CA GLU D 77 -5.31 -26.58 27.32
C GLU D 77 -6.48 -27.33 27.88
N LEU D 78 -6.42 -28.66 27.81
CA LEU D 78 -7.34 -29.54 28.52
C LEU D 78 -6.97 -29.53 30.01
N ASN D 79 -7.93 -29.82 30.87
CA ASN D 79 -7.64 -29.97 32.30
C ASN D 79 -7.35 -31.44 32.57
N PRO D 80 -6.42 -31.70 33.51
CA PRO D 80 -6.17 -33.08 33.99
C PRO D 80 -7.48 -33.81 34.26
N GLY D 81 -7.72 -34.87 33.50
CA GLY D 81 -8.93 -35.67 33.64
C GLY D 81 -9.98 -35.40 32.58
N GLU D 82 -10.01 -34.17 32.05
CA GLU D 82 -11.08 -33.71 31.16
C GLU D 82 -11.14 -34.43 29.81
N ASP D 83 -12.34 -34.83 29.41
CA ASP D 83 -12.58 -35.42 28.10
C ASP D 83 -12.14 -34.50 26.96
N GLU D 84 -11.43 -35.06 25.98
CA GLU D 84 -10.94 -34.31 24.82
C GLU D 84 -12.02 -33.47 24.15
N VAL D 85 -13.14 -34.09 23.80
CA VAL D 85 -14.21 -33.39 23.09
C VAL D 85 -14.87 -32.37 24.03
N GLU D 86 -15.19 -32.79 25.24
CA GLU D 86 -15.92 -31.91 26.15
C GLU D 86 -15.09 -30.72 26.48
N GLY D 87 -13.77 -30.90 26.49
CA GLY D 87 -12.84 -29.79 26.70
C GLY D 87 -12.83 -28.88 25.49
N LEU D 88 -12.83 -29.47 24.29
CA LEU D 88 -12.85 -28.64 23.09
C LEU D 88 -14.11 -27.80 23.10
N LYS D 89 -15.27 -28.43 23.24
CA LYS D 89 -16.52 -27.66 23.34
C LYS D 89 -16.41 -26.51 24.36
N ARG D 90 -15.83 -26.76 25.52
CA ARG D 90 -15.65 -25.73 26.52
C ARG D 90 -14.78 -24.60 25.95
N LEU D 91 -13.60 -24.99 25.45
CA LEU D 91 -12.65 -24.04 24.87
C LEU D 91 -13.24 -23.27 23.67
N MET D 92 -14.06 -23.93 22.86
CA MET D 92 -14.75 -23.28 21.77
C MET D 92 -15.76 -22.27 22.27
N THR D 93 -16.48 -22.64 23.33
CA THR D 93 -17.43 -21.72 23.93
C THR D 93 -16.68 -20.50 24.48
N GLU D 94 -15.58 -20.71 25.21
CA GLU D 94 -14.85 -19.60 25.82
C GLU D 94 -14.26 -18.62 24.82
N ILE D 95 -13.97 -19.08 23.61
CA ILE D 95 -13.21 -18.28 22.66
C ILE D 95 -14.04 -17.68 21.53
N LEU D 96 -15.02 -18.42 21.04
CA LEU D 96 -15.77 -17.95 19.90
C LEU D 96 -17.24 -17.80 20.27
N GLY D 97 -17.62 -18.48 21.34
CA GLY D 97 -19.04 -18.64 21.60
C GLY D 97 -19.71 -17.30 21.74
N ARG D 98 -20.92 -17.19 21.21
CA ARG D 98 -21.71 -16.00 21.44
C ARG D 98 -21.88 -15.89 22.95
N GLN D 99 -21.93 -14.67 23.46
CA GLN D 99 -22.01 -14.50 24.91
C GLN D 99 -23.25 -13.70 25.33
N ASP D 100 -24.41 -14.03 24.75
CA ASP D 100 -25.61 -13.22 24.94
C ASP D 100 -26.86 -13.90 25.52
N GLY D 101 -26.72 -15.05 26.17
CA GLY D 101 -27.88 -15.69 26.75
C GLY D 101 -28.43 -16.85 25.93
N VAL D 102 -28.21 -16.83 24.63
CA VAL D 102 -28.75 -17.88 23.78
C VAL D 102 -27.81 -19.05 23.73
N LEU D 103 -28.37 -20.25 23.61
CA LEU D 103 -27.59 -21.47 23.58
C LEU D 103 -26.92 -21.73 22.23
N GLN D 104 -25.84 -22.49 22.28
CA GLN D 104 -24.99 -22.72 21.12
C GLN D 104 -24.09 -23.86 21.51
N ASP D 105 -24.27 -25.03 20.92
CA ASP D 105 -23.38 -26.15 21.23
C ASP D 105 -22.52 -26.35 20.01
N TRP D 106 -21.67 -27.36 20.06
CA TRP D 106 -20.70 -27.54 19.01
C TRP D 106 -20.76 -28.95 18.47
N VAL D 107 -20.78 -29.06 17.16
CA VAL D 107 -20.76 -30.34 16.50
C VAL D 107 -19.32 -30.77 16.24
N ILE D 108 -18.78 -31.58 17.16
CA ILE D 108 -17.41 -32.00 17.08
C ILE D 108 -17.42 -33.50 16.84
N ASP D 109 -16.99 -33.92 15.65
CA ASP D 109 -17.24 -35.28 15.21
C ASP D 109 -16.06 -36.08 14.65
N ASP D 110 -15.02 -35.39 14.20
CA ASP D 110 -13.95 -36.12 13.56
C ASP D 110 -12.63 -35.60 14.01
N CYS D 111 -11.70 -36.50 14.20
CA CYS D 111 -10.35 -36.12 14.58
C CYS D 111 -9.60 -35.88 13.28
N ILE D 112 -8.95 -34.73 13.13
CA ILE D 112 -8.18 -34.62 11.89
C ILE D 112 -6.70 -34.90 11.98
N GLY D 113 -6.14 -34.91 13.18
CA GLY D 113 -4.75 -35.26 13.30
C GLY D 113 -4.23 -35.14 14.70
N ASN D 114 -2.97 -35.54 14.87
CA ASN D 114 -2.36 -35.52 16.18
C ASN D 114 -0.97 -34.96 16.02
N TRP D 115 -0.56 -34.13 16.96
CA TRP D 115 0.80 -33.62 16.91
C TRP D 115 1.46 -33.73 18.26
N TRP D 116 2.75 -34.06 18.26
CA TRP D 116 3.52 -34.18 19.48
C TRP D 116 4.74 -33.28 19.55
N ARG D 117 5.06 -32.85 20.77
CA ARG D 117 6.18 -31.98 21.00
C ARG D 117 7.20 -32.74 21.85
N PRO D 118 8.24 -33.27 21.21
CA PRO D 118 9.20 -34.10 21.93
C PRO D 118 9.95 -33.36 23.04
N ASN D 119 10.35 -32.11 22.79
CA ASN D 119 11.05 -31.34 23.83
C ASN D 119 10.31 -30.06 24.22
N PHE D 120 10.85 -29.29 25.15
CA PHE D 120 10.24 -28.00 25.43
C PHE D 120 10.71 -27.00 24.40
N GLU D 121 10.26 -27.20 23.16
CA GLU D 121 10.63 -26.29 22.09
C GLU D 121 9.66 -26.28 20.94
N PRO D 122 9.78 -25.28 20.07
CA PRO D 122 8.76 -25.16 19.02
C PRO D 122 8.38 -26.47 18.31
N PRO D 123 9.36 -27.25 17.80
CA PRO D 123 9.07 -28.30 16.82
C PRO D 123 7.99 -29.29 17.24
N GLN D 124 7.08 -29.54 16.33
CA GLN D 124 6.01 -30.50 16.53
C GLN D 124 5.93 -31.45 15.33
N TYR D 125 5.68 -32.72 15.60
CA TYR D 125 5.62 -33.72 14.53
C TYR D 125 4.32 -34.54 14.52
N PRO D 126 3.90 -35.02 13.35
CA PRO D 126 2.64 -35.76 13.32
C PRO D 126 2.80 -37.20 13.80
N TYR D 127 3.92 -37.50 14.45
CA TYR D 127 4.17 -38.80 15.05
C TYR D 127 5.04 -38.56 16.27
N ILE D 128 5.18 -39.58 17.12
CA ILE D 128 6.18 -39.56 18.17
C ILE D 128 7.45 -40.24 17.65
N PRO D 129 8.56 -39.50 17.51
CA PRO D 129 9.80 -40.14 17.08
C PRO D 129 10.11 -41.35 17.97
N ALA D 130 10.74 -42.36 17.39
CA ALA D 130 10.91 -43.66 18.03
C ALA D 130 11.76 -43.65 19.31
N HIS D 131 12.56 -42.60 19.52
CA HIS D 131 13.42 -42.56 20.69
C HIS D 131 12.82 -41.73 21.81
N ILE D 132 11.62 -41.23 21.60
CA ILE D 132 10.96 -40.39 22.59
C ILE D 132 9.91 -41.20 23.33
N THR D 133 9.95 -41.17 24.65
CA THR D 133 8.94 -41.89 25.44
C THR D 133 7.98 -40.93 26.14
N LYS D 134 8.47 -39.74 26.49
CA LYS D 134 7.68 -38.80 27.27
C LYS D 134 7.48 -37.47 26.53
N PRO D 135 6.66 -37.49 25.46
CA PRO D 135 6.51 -36.23 24.73
C PRO D 135 5.89 -35.18 25.65
N LYS D 136 6.33 -33.93 25.49
CA LYS D 136 5.95 -32.84 26.39
C LYS D 136 4.51 -32.39 26.19
N GLU D 137 4.11 -32.24 24.93
CA GLU D 137 2.72 -31.90 24.64
C GLU D 137 2.14 -32.81 23.57
N HIS D 138 0.84 -33.06 23.67
CA HIS D 138 0.10 -33.78 22.66
C HIS D 138 -1.14 -32.99 22.23
N LYS D 139 -1.14 -32.59 20.97
CA LYS D 139 -2.14 -31.70 20.41
C LYS D 139 -3.04 -32.50 19.46
N LYS D 140 -4.34 -32.46 19.71
CA LYS D 140 -5.30 -33.19 18.89
C LYS D 140 -6.26 -32.26 18.18
N LEU D 141 -6.43 -32.47 16.88
CA LEU D 141 -7.26 -31.59 16.07
C LEU D 141 -8.59 -32.22 15.68
N PHE D 142 -9.66 -31.42 15.74
CA PHE D 142 -11.00 -31.88 15.41
C PHE D 142 -11.69 -31.03 14.38
N LEU D 143 -12.58 -31.65 13.63
CA LEU D 143 -13.43 -30.96 12.70
C LEU D 143 -14.67 -30.50 13.44
N VAL D 144 -14.80 -29.21 13.66
CA VAL D 144 -16.04 -28.65 14.17
C VAL D 144 -16.93 -28.31 12.98
N GLN D 145 -18.07 -28.98 12.86
CA GLN D 145 -19.04 -28.70 11.79
C GLN D 145 -19.96 -27.56 12.18
N LEU D 146 -20.08 -26.58 11.30
CA LEU D 146 -20.81 -25.37 11.61
C LEU D 146 -22.18 -25.50 11.00
N GLN D 147 -23.17 -24.79 11.55
CA GLN D 147 -24.49 -24.81 10.95
C GLN D 147 -24.60 -23.78 9.87
N GLU D 148 -25.77 -23.69 9.29
CA GLU D 148 -25.99 -22.76 8.21
C GLU D 148 -25.70 -21.29 8.60
N LYS D 149 -25.97 -20.95 9.86
CA LYS D 149 -25.74 -19.61 10.36
C LYS D 149 -25.39 -19.74 11.79
N ALA D 150 -24.66 -18.78 12.31
CA ALA D 150 -24.24 -18.82 13.69
C ALA D 150 -23.74 -17.46 14.05
N LEU D 151 -23.98 -17.07 15.30
CA LEU D 151 -23.39 -15.88 15.89
C LEU D 151 -22.14 -16.22 16.71
N PHE D 152 -20.99 -15.67 16.37
CA PHE D 152 -19.86 -15.85 17.27
C PHE D 152 -19.46 -14.55 17.93
N ALA D 153 -18.49 -14.61 18.81
CA ALA D 153 -17.98 -13.40 19.39
C ALA D 153 -16.51 -13.60 19.53
N VAL D 154 -15.73 -12.76 18.84
CA VAL D 154 -14.30 -12.90 18.86
C VAL D 154 -13.72 -11.98 19.88
N PRO D 155 -12.73 -12.47 20.59
CA PRO D 155 -12.06 -11.67 21.60
C PRO D 155 -11.32 -10.46 21.02
N LYS D 156 -11.60 -9.29 21.55
CA LYS D 156 -11.10 -8.09 20.90
C LYS D 156 -9.60 -8.02 20.73
N ASN D 157 -8.84 -8.94 21.29
CA ASN D 157 -7.40 -8.83 21.11
C ASN D 157 -6.98 -9.62 19.88
N TYR D 158 -7.92 -10.34 19.31
CA TYR D 158 -7.70 -11.09 18.08
C TYR D 158 -8.51 -10.55 16.90
N LYS D 159 -8.12 -10.96 15.69
CA LYS D 159 -8.94 -10.81 14.52
C LYS D 159 -9.20 -12.19 13.95
N LEU D 160 -10.43 -12.48 13.56
CA LEU D 160 -10.77 -13.79 13.02
C LEU D 160 -10.80 -13.71 11.53
N VAL D 161 -9.94 -14.45 10.88
CA VAL D 161 -9.91 -14.43 9.45
C VAL D 161 -10.24 -15.81 8.90
N ALA D 162 -10.46 -15.85 7.59
CA ALA D 162 -10.73 -17.11 6.94
C ALA D 162 -9.66 -17.32 5.87
N ALA D 163 -8.75 -18.25 6.11
CA ALA D 163 -7.67 -18.45 5.19
C ALA D 163 -8.00 -19.52 4.15
N PRO D 164 -8.01 -19.13 2.87
CA PRO D 164 -8.27 -20.10 1.81
C PRO D 164 -7.14 -21.11 1.72
N LEU D 165 -7.46 -22.29 1.23
CA LEU D 165 -6.52 -23.41 1.25
C LEU D 165 -5.22 -23.11 0.52
N PHE D 166 -5.30 -22.42 -0.60
CA PHE D 166 -4.09 -22.20 -1.38
C PHE D 166 -3.14 -21.30 -0.61
N GLU D 167 -3.68 -20.48 0.29
CA GLU D 167 -2.86 -19.60 1.09
C GLU D 167 -2.10 -20.39 2.15
N LEU D 168 -2.70 -21.44 2.68
CA LEU D 168 -2.06 -22.26 3.69
C LEU D 168 -1.09 -23.24 3.07
N TYR D 169 -1.51 -23.83 1.96
CA TYR D 169 -0.82 -25.00 1.40
C TYR D 169 0.64 -24.71 1.10
N ASP D 170 1.52 -25.61 1.54
CA ASP D 170 2.93 -25.44 1.39
C ASP D 170 3.39 -24.05 1.83
N ASN D 171 2.81 -23.55 2.90
CA ASN D 171 3.23 -22.27 3.42
C ASN D 171 3.57 -22.39 4.91
N ALA D 172 4.56 -23.19 5.27
CA ALA D 172 4.88 -23.41 6.68
C ALA D 172 5.53 -22.19 7.29
N PRO D 173 6.36 -21.51 6.49
CA PRO D 173 6.91 -20.26 7.00
C PRO D 173 5.80 -19.35 7.52
N GLY D 174 4.69 -19.27 6.80
CA GLY D 174 3.59 -18.37 7.18
C GLY D 174 2.72 -18.89 8.32
N TYR D 175 2.59 -20.20 8.43
CA TYR D 175 1.53 -20.75 9.27
C TYR D 175 1.95 -21.85 10.21
N GLY D 176 3.17 -22.37 10.04
CA GLY D 176 3.58 -23.52 10.81
C GLY D 176 3.21 -24.85 10.17
N PRO D 177 3.78 -25.93 10.71
CA PRO D 177 3.61 -27.25 10.09
C PRO D 177 2.21 -27.79 10.23
N ILE D 178 1.46 -27.31 11.20
CA ILE D 178 0.13 -27.84 11.42
C ILE D 178 -0.94 -27.15 10.60
N ILE D 179 -0.96 -25.83 10.64
CA ILE D 179 -2.00 -25.11 9.94
C ILE D 179 -1.79 -25.19 8.42
N SER D 180 -0.52 -25.18 8.01
CA SER D 180 -0.18 -25.34 6.59
C SER D 180 -0.41 -26.74 5.99
N SER D 181 -0.58 -27.76 6.84
CA SER D 181 -0.92 -29.09 6.32
C SER D 181 -2.39 -29.42 6.52
N LEU D 182 -3.19 -28.39 6.80
CA LEU D 182 -4.60 -28.62 6.95
C LEU D 182 -5.28 -28.96 5.63
N PRO D 183 -4.75 -28.43 4.52
CA PRO D 183 -5.42 -28.73 3.26
C PRO D 183 -5.37 -30.22 2.92
N GLN D 184 -4.27 -30.87 3.26
CA GLN D 184 -4.09 -32.29 3.10
C GLN D 184 -5.04 -32.97 4.06
N LEU D 185 -5.12 -32.44 5.26
CA LEU D 185 -6.04 -33.03 6.23
C LEU D 185 -7.49 -32.82 5.84
N LEU D 186 -7.85 -31.64 5.34
CA LEU D 186 -9.24 -31.43 4.95
C LEU D 186 -9.64 -32.34 3.79
N SER D 187 -8.65 -32.89 3.07
CA SER D 187 -8.91 -33.44 1.74
C SER D 187 -9.69 -34.76 1.67
N ARG D 188 -9.80 -35.49 2.77
CA ARG D 188 -10.60 -36.72 2.75
C ARG D 188 -12.12 -36.46 2.73
N PHE D 189 -12.51 -35.24 3.11
CA PHE D 189 -13.92 -34.89 3.28
C PHE D 189 -14.55 -34.46 1.99
N ASN D 190 -15.69 -35.05 1.64
CA ASN D 190 -16.47 -34.56 0.51
C ASN D 190 -17.28 -33.34 0.95
N PHE D 191 -16.84 -32.15 0.53
CA PHE D 191 -17.49 -30.90 0.91
C PHE D 191 -18.60 -30.52 -0.04
N ILE D 192 -19.67 -29.96 0.50
CA ILE D 192 -20.71 -29.34 -0.32
C ILE D 192 -20.61 -27.83 -0.16
N TYR D 193 -20.45 -27.12 -1.27
CA TYR D 193 -20.35 -25.67 -1.23
C TYR D 193 -21.73 -25.03 -1.37
N ASN D 194 -22.40 -24.86 -0.24
CA ASN D 194 -23.74 -24.26 -0.24
C ASN D 194 -23.69 -22.77 -0.54
N LEU D 195 -24.47 -22.33 -1.52
CA LEU D 195 -24.44 -20.91 -1.92
C LEU D 195 -25.20 -20.04 -0.96
N GLU D 196 -24.90 -18.75 -0.97
CA GLU D 196 -25.64 -17.81 -0.12
C GLU D 196 -27.10 -17.85 -0.55
N HIS D 197 -28.01 -17.54 0.38
CA HIS D 197 -29.42 -17.47 0.01
C HIS D 197 -29.87 -16.04 -0.09
N HIS D 198 -30.49 -15.69 -1.20
CA HIS D 198 -30.69 -14.26 -1.48
C HIS D 198 -32.08 -13.67 -1.17
N GLU E 1 -25.06 35.81 -22.55
CA GLU E 1 -23.75 35.60 -23.27
C GLU E 1 -23.03 36.94 -23.43
N ARG E 2 -21.75 36.90 -23.82
CA ARG E 2 -20.94 38.11 -23.87
C ARG E 2 -19.79 37.98 -24.87
N THR E 3 -19.83 38.79 -25.94
CA THR E 3 -18.85 38.66 -27.01
C THR E 3 -17.71 39.65 -26.86
N ILE E 4 -16.49 39.20 -27.13
CA ILE E 4 -15.34 40.07 -27.00
C ILE E 4 -14.39 39.93 -28.16
N ASN E 5 -13.91 41.05 -28.68
CA ASN E 5 -13.01 41.01 -29.82
C ASN E 5 -11.54 40.89 -29.45
N LEU E 6 -10.90 39.85 -29.97
CA LEU E 6 -9.47 39.64 -29.77
C LEU E 6 -8.72 39.84 -31.08
N TYR E 7 -7.59 40.53 -31.01
CA TYR E 7 -6.78 40.82 -32.19
C TYR E 7 -5.38 40.28 -31.95
N PRO E 8 -4.72 39.77 -33.00
CA PRO E 8 -3.39 39.16 -32.86
C PRO E 8 -2.36 39.97 -32.06
N LEU E 9 -1.57 39.26 -31.27
CA LEU E 9 -0.49 39.87 -30.51
C LEU E 9 0.26 40.87 -31.37
N THR E 10 0.31 40.60 -32.67
CA THR E 10 1.11 41.40 -33.62
C THR E 10 0.54 42.79 -33.95
N ASN E 11 -0.74 43.02 -33.71
CA ASN E 11 -1.37 44.34 -33.90
C ASN E 11 -0.88 45.40 -32.94
N TYR E 12 -0.38 44.95 -31.79
CA TYR E 12 0.05 45.83 -30.74
C TYR E 12 1.56 45.96 -30.78
N THR E 13 2.06 47.19 -30.67
CA THR E 13 3.48 47.40 -30.60
C THR E 13 3.80 47.84 -29.20
N PHE E 14 4.82 47.22 -28.61
CA PHE E 14 5.21 47.60 -27.27
C PHE E 14 6.49 48.43 -27.33
N GLY E 15 6.68 49.26 -26.32
CA GLY E 15 7.87 50.09 -26.23
C GLY E 15 8.35 50.13 -24.80
N THR E 16 9.24 51.06 -24.48
CA THR E 16 9.84 51.11 -23.16
C THR E 16 9.56 52.42 -22.44
N LYS E 17 9.64 52.38 -21.12
CA LYS E 17 9.39 53.55 -20.29
C LYS E 17 10.14 53.44 -18.96
N GLU E 18 10.34 54.57 -18.30
CA GLU E 18 11.02 54.57 -17.01
C GLU E 18 10.56 53.43 -16.13
N PRO E 19 11.49 52.74 -15.47
CA PRO E 19 11.15 51.61 -14.61
C PRO E 19 10.15 51.98 -13.50
N LEU E 20 9.15 51.13 -13.29
CA LEU E 20 8.16 51.35 -12.23
C LEU E 20 8.45 50.45 -11.01
N TYR E 21 8.68 51.07 -9.86
CA TYR E 21 9.07 50.36 -8.64
C TYR E 21 7.89 50.07 -7.72
N GLU E 22 7.94 48.93 -7.03
CA GLU E 22 6.86 48.56 -6.12
C GLU E 22 6.79 49.58 -4.98
N LYS E 23 5.59 49.74 -4.42
CA LYS E 23 5.32 50.80 -3.43
C LYS E 23 6.18 50.74 -2.15
N ASP E 24 6.87 49.63 -1.92
CA ASP E 24 7.70 49.50 -0.73
C ASP E 24 9.06 48.86 -1.02
N SER E 25 9.76 48.42 0.02
CA SER E 25 11.10 47.89 -0.17
C SER E 25 11.11 46.36 -0.26
N SER E 26 10.35 45.70 0.61
CA SER E 26 10.37 44.23 0.64
C SER E 26 9.10 43.61 1.24
N VAL E 27 9.03 42.27 1.21
CA VAL E 27 7.86 41.52 1.64
C VAL E 27 7.30 41.88 3.01
N ALA E 28 8.07 41.64 4.06
CA ALA E 28 7.57 41.91 5.40
C ALA E 28 7.16 43.37 5.56
N ALA E 29 7.89 44.27 4.91
CA ALA E 29 7.61 45.70 5.03
C ALA E 29 6.28 46.06 4.34
N ARG E 30 5.84 45.22 3.40
CA ARG E 30 4.59 45.46 2.72
C ARG E 30 3.40 45.31 3.68
N PHE E 31 3.48 44.33 4.58
CA PHE E 31 2.40 44.10 5.54
C PHE E 31 2.40 45.12 6.67
N GLN E 32 3.57 45.64 7.03
CA GLN E 32 3.61 46.74 8.00
C GLN E 32 2.81 47.88 7.42
N ARG E 33 3.25 48.33 6.26
CA ARG E 33 2.56 49.39 5.54
C ARG E 33 1.05 49.22 5.50
N MET E 34 0.57 47.98 5.49
CA MET E 34 -0.86 47.71 5.39
C MET E 34 -1.60 47.84 6.73
N ARG E 35 -1.10 47.20 7.78
CA ARG E 35 -1.83 47.20 9.05
C ARG E 35 -2.05 48.63 9.49
N GLU E 36 -1.18 49.52 9.07
CA GLU E 36 -1.25 50.89 9.54
C GLU E 36 -2.36 51.58 8.80
N GLU E 37 -2.50 51.22 7.53
CA GLU E 37 -3.47 51.87 6.66
C GLU E 37 -4.85 51.28 6.84
N PHE E 38 -4.89 50.07 7.37
CA PHE E 38 -6.15 49.44 7.69
C PHE E 38 -6.71 50.07 8.95
N ASP E 39 -5.81 50.54 9.80
CA ASP E 39 -6.17 51.22 11.05
C ASP E 39 -6.51 52.67 10.76
N LYS E 40 -5.95 53.19 9.68
CA LYS E 40 -6.19 54.58 9.31
C LYS E 40 -7.34 54.70 8.30
N ILE E 41 -7.16 54.15 7.12
CA ILE E 41 -8.10 54.40 6.03
C ILE E 41 -9.09 53.26 5.75
N GLY E 42 -9.08 52.20 6.55
CA GLY E 42 -9.97 51.07 6.32
C GLY E 42 -9.36 50.08 5.32
N MET E 43 -10.16 49.10 4.88
CA MET E 43 -9.67 48.08 3.96
C MET E 43 -8.97 48.62 2.74
N ARG E 44 -7.99 47.90 2.25
CA ARG E 44 -7.32 48.27 1.02
C ARG E 44 -8.15 47.84 -0.17
N ARG E 45 -8.32 48.70 -1.17
CA ARG E 45 -9.02 48.31 -2.37
C ARG E 45 -8.10 48.23 -3.58
N THR E 46 -7.86 47.02 -4.08
CA THR E 46 -6.96 46.81 -5.20
C THR E 46 -7.73 46.41 -6.44
N VAL E 47 -7.38 47.01 -7.57
CA VAL E 47 -7.96 46.60 -8.85
C VAL E 47 -6.88 46.15 -9.83
N GLU E 48 -7.23 45.16 -10.64
CA GLU E 48 -6.32 44.65 -11.64
C GLU E 48 -7.05 44.40 -12.96
N GLY E 49 -6.31 44.49 -14.07
CA GLY E 49 -6.91 44.37 -15.38
C GLY E 49 -6.34 43.23 -16.20
N VAL E 50 -7.25 42.42 -16.76
CA VAL E 50 -6.93 41.26 -17.58
C VAL E 50 -7.00 41.64 -19.05
N LEU E 51 -5.85 41.95 -19.64
CA LEU E 51 -5.77 42.25 -21.08
C LEU E 51 -5.56 40.98 -21.89
N ILE E 52 -6.37 40.77 -22.90
CA ILE E 52 -6.32 39.52 -23.66
C ILE E 52 -6.07 39.74 -25.16
N VAL E 53 -5.16 38.96 -25.73
CA VAL E 53 -4.93 38.96 -27.18
C VAL E 53 -5.12 37.54 -27.70
N HIS E 54 -4.78 37.29 -28.96
CA HIS E 54 -4.88 35.93 -29.49
C HIS E 54 -3.77 35.54 -30.45
N GLU E 55 -3.39 34.28 -30.38
CA GLU E 55 -2.45 33.70 -31.31
C GLU E 55 -2.93 32.31 -31.59
N HIS E 56 -2.89 31.91 -32.86
CA HIS E 56 -3.31 30.56 -33.26
C HIS E 56 -4.71 30.21 -32.75
N ARG E 57 -5.58 31.23 -32.70
CA ARG E 57 -6.97 31.04 -32.31
C ARG E 57 -7.11 30.55 -30.86
N LEU E 58 -6.20 31.02 -30.00
CA LEU E 58 -6.21 30.73 -28.58
C LEU E 58 -5.94 32.00 -27.81
N PRO E 59 -6.84 32.36 -26.90
CA PRO E 59 -6.66 33.58 -26.09
C PRO E 59 -5.37 33.51 -25.31
N HIS E 60 -4.67 34.64 -25.22
CA HIS E 60 -3.47 34.76 -24.42
C HIS E 60 -3.67 35.91 -23.45
N VAL E 61 -3.19 35.79 -22.22
CA VAL E 61 -3.30 36.88 -21.25
C VAL E 61 -1.97 37.64 -21.18
N LEU E 62 -2.03 38.96 -21.33
CA LEU E 62 -0.84 39.78 -21.20
C LEU E 62 -0.42 39.85 -19.74
N LEU E 63 0.84 39.56 -19.44
CA LEU E 63 1.33 39.62 -18.07
C LEU E 63 2.58 40.43 -17.99
N LEU E 64 2.81 41.04 -16.84
CA LEU E 64 4.06 41.72 -16.63
C LEU E 64 4.96 40.81 -15.83
N GLN E 65 6.15 40.55 -16.37
CA GLN E 65 7.08 39.62 -15.78
C GLN E 65 8.30 40.35 -15.28
N LEU E 66 8.64 40.11 -14.02
CA LEU E 66 9.90 40.59 -13.47
C LEU E 66 10.73 39.39 -13.02
N GLY E 67 11.89 39.21 -13.63
CA GLY E 67 12.74 38.05 -13.35
C GLY E 67 12.35 36.95 -14.31
N THR E 68 12.20 35.73 -13.78
CA THR E 68 11.75 34.63 -14.62
C THR E 68 10.76 33.83 -13.81
N THR E 69 10.53 34.27 -12.57
CA THR E 69 9.58 33.57 -11.70
C THR E 69 8.40 34.42 -11.19
N PHE E 70 8.39 35.73 -11.46
CA PHE E 70 7.28 36.55 -10.96
C PHE E 70 6.39 37.16 -12.04
N PHE E 71 5.08 37.14 -11.80
CA PHE E 71 4.14 37.74 -12.75
C PHE E 71 3.07 38.54 -12.05
N LYS E 72 2.61 39.61 -12.69
CA LYS E 72 1.46 40.32 -12.18
C LYS E 72 0.67 40.90 -13.34
N LEU E 73 -0.63 41.07 -13.12
CA LEU E 73 -1.45 41.77 -14.09
C LEU E 73 -1.23 43.22 -13.82
N PRO E 74 -1.49 44.07 -14.81
CA PRO E 74 -1.36 45.48 -14.52
C PRO E 74 -2.49 45.96 -13.61
N GLY E 75 -2.16 46.79 -12.63
CA GLY E 75 -3.17 47.29 -11.70
C GLY E 75 -2.54 47.91 -10.47
N GLY E 76 -3.30 47.97 -9.38
CA GLY E 76 -2.79 48.53 -8.14
C GLY E 76 -3.86 48.99 -7.16
N GLU E 77 -3.48 49.92 -6.28
CA GLU E 77 -4.37 50.40 -5.23
C GLU E 77 -5.24 51.59 -5.65
N LEU E 78 -6.50 51.55 -5.22
CA LEU E 78 -7.42 52.66 -5.38
C LEU E 78 -7.11 53.67 -4.29
N ASN E 79 -7.37 54.95 -4.55
CA ASN E 79 -7.28 55.96 -3.51
C ASN E 79 -8.59 56.03 -2.75
N PRO E 80 -8.54 56.19 -1.42
CA PRO E 80 -9.76 56.29 -0.62
C PRO E 80 -10.92 56.94 -1.41
N GLY E 81 -12.01 56.20 -1.59
CA GLY E 81 -13.20 56.73 -2.27
C GLY E 81 -13.04 57.08 -3.74
N GLU E 82 -12.18 56.35 -4.45
CA GLU E 82 -12.06 56.50 -5.90
C GLU E 82 -12.93 55.43 -6.55
N ASP E 83 -13.56 55.76 -7.67
CA ASP E 83 -14.39 54.80 -8.37
C ASP E 83 -13.52 53.65 -8.91
N GLU E 84 -14.04 52.43 -8.83
CA GLU E 84 -13.25 51.24 -9.15
C GLU E 84 -12.77 51.22 -10.60
N VAL E 85 -13.67 51.56 -11.53
CA VAL E 85 -13.32 51.53 -12.94
C VAL E 85 -12.37 52.68 -13.30
N GLU E 86 -12.69 53.89 -12.85
CA GLU E 86 -11.84 55.04 -13.10
C GLU E 86 -10.43 54.78 -12.57
N GLY E 87 -10.37 54.00 -11.50
CA GLY E 87 -9.12 53.74 -10.81
C GLY E 87 -8.18 52.87 -11.60
N LEU E 88 -8.71 51.77 -12.13
CA LEU E 88 -7.93 50.86 -12.94
C LEU E 88 -7.42 51.62 -14.16
N LYS E 89 -8.34 52.33 -14.81
CA LYS E 89 -8.03 53.16 -15.96
C LYS E 89 -6.80 54.01 -15.69
N ARG E 90 -6.76 54.66 -14.54
CA ARG E 90 -5.61 55.46 -14.15
C ARG E 90 -4.36 54.59 -13.99
N LEU E 91 -4.52 53.46 -13.31
CA LEU E 91 -3.42 52.57 -12.99
C LEU E 91 -2.86 51.88 -14.22
N MET E 92 -3.74 51.59 -15.18
CA MET E 92 -3.31 51.02 -16.44
C MET E 92 -2.45 52.01 -17.22
N THR E 93 -2.95 53.24 -17.32
CA THR E 93 -2.20 54.33 -17.93
C THR E 93 -0.89 54.57 -17.19
N GLU E 94 -0.92 54.41 -15.87
CA GLU E 94 0.29 54.57 -15.05
C GLU E 94 1.34 53.52 -15.35
N ILE E 95 0.92 52.31 -15.69
CA ILE E 95 1.85 51.19 -15.88
C ILE E 95 2.13 50.88 -17.34
N LEU E 96 1.10 50.88 -18.18
CA LEU E 96 1.33 50.63 -19.60
C LEU E 96 1.10 51.81 -20.54
N GLY E 97 1.28 53.03 -20.04
CA GLY E 97 1.07 54.25 -20.84
C GLY E 97 2.06 55.34 -20.51
N VAL E 102 -0.04 61.23 -26.19
CA VAL E 102 -1.31 60.79 -26.77
C VAL E 102 -2.11 59.92 -25.80
N LEU E 103 -3.03 60.52 -25.06
CA LEU E 103 -3.85 59.76 -24.11
C LEU E 103 -4.35 58.44 -24.67
N GLN E 104 -4.43 57.44 -23.79
CA GLN E 104 -4.89 56.09 -24.15
C GLN E 104 -6.28 55.93 -23.60
N ASP E 105 -7.16 55.25 -24.33
CA ASP E 105 -8.46 54.87 -23.78
C ASP E 105 -8.51 53.40 -23.42
N TRP E 106 -9.15 53.09 -22.31
CA TRP E 106 -9.37 51.72 -21.90
C TRP E 106 -10.84 51.39 -21.98
N VAL E 107 -11.14 50.14 -22.27
CA VAL E 107 -12.53 49.71 -22.25
C VAL E 107 -12.71 48.62 -21.21
N ILE E 108 -13.33 49.03 -20.11
CA ILE E 108 -13.50 48.19 -18.95
C ILE E 108 -14.98 48.06 -18.66
N ASP E 109 -15.54 46.85 -18.84
CA ASP E 109 -16.96 46.71 -18.65
C ASP E 109 -17.34 45.39 -18.01
N ASP E 110 -16.35 44.62 -17.60
CA ASP E 110 -16.66 43.28 -17.13
C ASP E 110 -15.84 42.92 -15.91
N CYS E 111 -16.53 42.46 -14.88
CA CYS E 111 -15.89 41.96 -13.70
C CYS E 111 -15.69 40.48 -13.90
N ILE E 112 -14.46 40.02 -13.72
CA ILE E 112 -14.20 38.61 -13.86
C ILE E 112 -14.16 37.92 -12.52
N GLY E 113 -13.73 38.65 -11.51
CA GLY E 113 -13.66 38.03 -10.19
C GLY E 113 -13.30 38.91 -9.01
N ASN E 114 -13.49 38.36 -7.82
CA ASN E 114 -13.12 38.99 -6.56
C ASN E 114 -12.22 38.09 -5.72
N TRP E 115 -11.21 38.70 -5.10
CA TRP E 115 -10.35 37.96 -4.18
C TRP E 115 -10.17 38.78 -2.90
N TRP E 116 -10.31 38.08 -1.78
CA TRP E 116 -10.26 38.72 -0.47
C TRP E 116 -9.09 38.23 0.36
N ARG E 117 -8.40 39.16 1.02
CA ARG E 117 -7.30 38.83 1.92
C ARG E 117 -7.83 38.97 3.34
N PRO E 118 -8.05 37.85 4.04
CA PRO E 118 -8.62 37.88 5.39
C PRO E 118 -7.74 38.56 6.47
N ASN E 119 -6.46 38.20 6.54
CA ASN E 119 -5.58 38.80 7.55
C ASN E 119 -4.48 39.64 6.90
N PHE E 120 -3.46 40.00 7.65
CA PHE E 120 -2.31 40.66 7.02
C PHE E 120 -1.25 39.64 6.66
N GLU E 121 -1.63 38.67 5.82
CA GLU E 121 -0.73 37.62 5.39
C GLU E 121 -0.93 37.32 3.91
N PRO E 122 -0.11 36.43 3.34
CA PRO E 122 -0.30 36.11 1.93
C PRO E 122 -1.70 35.58 1.53
N PRO E 123 -2.23 34.55 2.24
CA PRO E 123 -3.41 33.88 1.69
C PRO E 123 -4.51 34.80 1.19
N GLN E 124 -5.05 34.46 0.02
CA GLN E 124 -6.15 35.18 -0.60
C GLN E 124 -7.14 34.14 -1.10
N TYR E 125 -8.43 34.44 -1.03
CA TYR E 125 -9.45 33.50 -1.52
C TYR E 125 -10.52 34.26 -2.26
N PRO E 126 -11.28 33.55 -3.09
CA PRO E 126 -12.34 34.09 -3.92
C PRO E 126 -13.65 34.15 -3.15
N TYR E 127 -13.54 34.19 -1.83
CA TYR E 127 -14.70 34.36 -0.96
C TYR E 127 -14.23 34.93 0.37
N ILE E 128 -15.18 35.47 1.13
CA ILE E 128 -14.92 35.86 2.50
C ILE E 128 -15.28 34.68 3.41
N PRO E 129 -14.31 34.21 4.21
CA PRO E 129 -14.48 33.10 5.13
C PRO E 129 -15.54 33.45 6.15
N ALA E 130 -16.41 32.48 6.47
CA ALA E 130 -17.60 32.68 7.30
C ALA E 130 -17.36 33.35 8.67
N HIS E 131 -16.10 33.36 9.11
CA HIS E 131 -15.78 33.88 10.42
C HIS E 131 -15.08 35.22 10.31
N ILE E 132 -14.93 35.71 9.08
CA ILE E 132 -14.23 36.96 8.83
C ILE E 132 -15.23 38.07 8.50
N THR E 133 -15.13 39.20 9.20
CA THR E 133 -16.05 40.31 8.95
C THR E 133 -15.33 41.44 8.24
N LYS E 134 -14.10 41.72 8.64
CA LYS E 134 -13.35 42.82 8.02
C LYS E 134 -12.05 42.38 7.33
N PRO E 135 -12.19 41.85 6.10
CA PRO E 135 -11.00 41.50 5.32
C PRO E 135 -10.08 42.71 5.14
N LYS E 136 -8.78 42.46 4.97
CA LYS E 136 -7.76 43.51 4.98
C LYS E 136 -7.44 44.03 3.58
N GLU E 137 -7.80 43.25 2.57
CA GLU E 137 -7.75 43.70 1.18
C GLU E 137 -8.90 43.10 0.38
N HIS E 138 -9.41 43.87 -0.56
CA HIS E 138 -10.38 43.40 -1.52
C HIS E 138 -9.83 43.62 -2.91
N LYS E 139 -9.51 42.53 -3.58
CA LYS E 139 -8.91 42.60 -4.91
C LYS E 139 -10.02 42.39 -5.92
N LYS E 140 -10.09 43.25 -6.91
CA LYS E 140 -11.13 43.11 -7.94
C LYS E 140 -10.52 43.05 -9.35
N LEU E 141 -10.97 42.07 -10.12
CA LEU E 141 -10.45 41.84 -11.46
C LEU E 141 -11.45 42.23 -12.57
N PHE E 142 -11.00 43.08 -13.50
CA PHE E 142 -11.85 43.47 -14.64
C PHE E 142 -11.20 43.06 -15.95
N LEU E 143 -12.04 42.61 -16.89
CA LEU E 143 -11.56 42.30 -18.23
C LEU E 143 -11.46 43.59 -19.03
N VAL E 144 -10.34 43.78 -19.71
CA VAL E 144 -10.12 45.01 -20.45
C VAL E 144 -10.13 44.72 -21.94
N GLN E 145 -11.09 45.29 -22.65
CA GLN E 145 -11.13 45.07 -24.09
C GLN E 145 -10.12 45.96 -24.75
N LEU E 146 -9.29 45.39 -25.60
CA LEU E 146 -8.32 46.21 -26.28
C LEU E 146 -8.91 46.74 -27.56
N GLN E 147 -8.22 47.69 -28.17
CA GLN E 147 -8.55 48.13 -29.52
C GLN E 147 -7.94 47.23 -30.57
N GLU E 148 -8.29 47.49 -31.83
CA GLU E 148 -7.77 46.70 -32.93
C GLU E 148 -6.26 46.84 -32.94
N LYS E 149 -5.82 48.04 -32.61
CA LYS E 149 -4.42 48.34 -32.49
C LYS E 149 -4.27 49.27 -31.30
N ALA E 150 -3.11 49.21 -30.64
CA ALA E 150 -2.79 50.12 -29.56
C ALA E 150 -1.29 50.19 -29.33
N LEU E 151 -0.85 51.14 -28.52
CA LEU E 151 0.57 51.28 -28.18
C LEU E 151 0.80 51.35 -26.68
N PHE E 152 1.54 50.37 -26.16
CA PHE E 152 1.84 50.32 -24.73
C PHE E 152 3.30 50.64 -24.49
N ALA E 153 3.62 51.05 -23.26
CA ALA E 153 5.00 51.28 -22.86
C ALA E 153 5.33 50.47 -21.62
N VAL E 154 6.23 49.49 -21.75
CA VAL E 154 6.58 48.64 -20.64
C VAL E 154 7.72 49.26 -19.83
N PRO E 155 7.56 49.31 -18.50
CA PRO E 155 8.64 49.78 -17.64
C PRO E 155 9.92 48.94 -17.79
N LYS E 156 11.07 49.62 -17.86
CA LYS E 156 12.35 48.96 -18.15
C LYS E 156 12.64 47.74 -17.26
N ASN E 157 12.25 47.83 -15.98
CA ASN E 157 12.47 46.73 -15.04
C ASN E 157 11.53 45.54 -15.27
N TYR E 158 10.72 45.62 -16.33
CA TYR E 158 9.68 44.63 -16.60
C TYR E 158 9.70 44.13 -18.03
N LYS E 159 9.53 42.82 -18.19
CA LYS E 159 9.28 42.29 -19.52
C LYS E 159 7.79 41.93 -19.62
N LEU E 160 7.22 42.03 -20.81
CA LEU E 160 5.79 41.72 -20.99
C LEU E 160 5.54 40.48 -21.86
N VAL E 161 4.83 39.51 -21.29
CA VAL E 161 4.55 38.23 -21.95
C VAL E 161 3.10 38.06 -22.34
N ALA E 162 2.86 37.31 -23.41
CA ALA E 162 1.51 36.92 -23.77
C ALA E 162 1.35 35.44 -23.42
N ALA E 163 0.81 35.17 -22.24
CA ALA E 163 0.69 33.80 -21.76
C ALA E 163 -0.56 33.10 -22.30
N PRO E 164 -0.38 31.98 -23.03
CA PRO E 164 -1.51 31.22 -23.56
C PRO E 164 -2.26 30.58 -22.42
N LEU E 165 -3.56 30.38 -22.58
CA LEU E 165 -4.38 29.93 -21.47
C LEU E 165 -3.91 28.59 -20.91
N PHE E 166 -3.50 27.68 -21.80
CA PHE E 166 -3.05 26.35 -21.38
C PHE E 166 -1.79 26.40 -20.52
N GLU E 167 -1.01 27.47 -20.65
CA GLU E 167 0.18 27.62 -19.83
C GLU E 167 -0.16 28.14 -18.43
N LEU E 168 -1.37 28.66 -18.29
CA LEU E 168 -1.81 29.21 -17.01
C LEU E 168 -2.62 28.18 -16.24
N TYR E 169 -3.32 27.33 -16.98
CA TYR E 169 -4.28 26.41 -16.41
C TYR E 169 -3.65 25.43 -15.43
N ASP E 170 -4.32 25.22 -14.30
CA ASP E 170 -3.87 24.29 -13.27
C ASP E 170 -2.39 24.43 -12.98
N ASN E 171 -1.93 25.67 -12.94
CA ASN E 171 -0.51 25.95 -12.82
C ASN E 171 -0.34 26.98 -11.70
N ALA E 172 -0.93 26.67 -10.55
CA ALA E 172 -0.81 27.52 -9.38
C ALA E 172 0.66 27.76 -9.05
N PRO E 173 1.45 26.66 -8.97
CA PRO E 173 2.86 26.77 -8.69
C PRO E 173 3.55 27.90 -9.45
N GLY E 174 3.34 27.97 -10.76
CA GLY E 174 4.05 28.96 -11.57
C GLY E 174 3.47 30.36 -11.53
N TYR E 175 2.17 30.49 -11.30
CA TYR E 175 1.52 31.79 -11.50
C TYR E 175 0.74 32.36 -10.33
N GLY E 176 0.40 31.53 -9.35
CA GLY E 176 -0.32 31.98 -8.18
C GLY E 176 -1.77 31.59 -8.36
N PRO E 177 -2.57 31.63 -7.29
CA PRO E 177 -3.97 31.24 -7.36
C PRO E 177 -4.86 32.17 -8.18
N ILE E 178 -4.53 33.47 -8.21
CA ILE E 178 -5.34 34.40 -8.96
C ILE E 178 -5.11 34.18 -10.45
N ILE E 179 -3.86 34.28 -10.91
CA ILE E 179 -3.58 34.25 -12.35
C ILE E 179 -3.89 32.89 -12.99
N SER E 180 -3.59 31.80 -12.30
CA SER E 180 -3.76 30.46 -12.86
C SER E 180 -5.23 30.10 -13.04
N SER E 181 -6.12 30.94 -12.54
CA SER E 181 -7.55 30.61 -12.68
C SER E 181 -8.25 31.55 -13.66
N LEU E 182 -7.45 32.32 -14.39
CA LEU E 182 -7.97 33.17 -15.44
C LEU E 182 -8.62 32.40 -16.58
N PRO E 183 -8.06 31.24 -16.96
CA PRO E 183 -8.74 30.56 -18.06
C PRO E 183 -10.18 30.25 -17.68
N GLN E 184 -10.42 29.83 -16.44
CA GLN E 184 -11.78 29.54 -15.99
C GLN E 184 -12.64 30.77 -16.08
N LEU E 185 -12.15 31.85 -15.51
CA LEU E 185 -12.88 33.10 -15.51
C LEU E 185 -13.07 33.67 -16.92
N LEU E 186 -12.22 33.32 -17.87
CA LEU E 186 -12.38 33.83 -19.23
C LEU E 186 -13.41 33.02 -20.00
N SER E 187 -13.72 31.82 -19.51
CA SER E 187 -14.45 30.85 -20.34
C SER E 187 -15.91 31.20 -20.62
N ARG E 188 -16.46 32.15 -19.88
CA ARG E 188 -17.84 32.54 -20.09
C ARG E 188 -18.00 33.46 -21.29
N PHE E 189 -16.93 34.20 -21.59
CA PHE E 189 -16.95 35.10 -22.73
C PHE E 189 -16.85 34.36 -24.05
N ASN E 190 -17.59 34.83 -25.03
CA ASN E 190 -17.51 34.33 -26.38
C ASN E 190 -16.54 35.25 -27.15
N PHE E 191 -15.40 34.68 -27.54
CA PHE E 191 -14.33 35.49 -28.12
C PHE E 191 -14.37 35.51 -29.65
N ILE E 192 -14.01 36.66 -30.21
CA ILE E 192 -13.86 36.80 -31.64
C ILE E 192 -12.40 36.98 -32.01
N TYR E 193 -11.87 36.01 -32.74
CA TYR E 193 -10.47 36.02 -33.15
C TYR E 193 -10.28 36.74 -34.49
N ASN E 194 -10.26 38.06 -34.43
CA ASN E 194 -10.03 38.90 -35.61
C ASN E 194 -8.66 38.67 -36.23
N LEU E 195 -8.61 38.69 -37.56
CA LEU E 195 -7.40 38.32 -38.28
C LEU E 195 -6.68 39.51 -38.91
N GLU F 1 -22.11 45.91 -11.84
CA GLU F 1 -22.17 44.98 -10.73
C GLU F 1 -23.01 43.85 -11.19
N ARG F 2 -23.50 43.10 -10.23
CA ARG F 2 -24.54 42.10 -10.48
C ARG F 2 -24.87 41.59 -9.07
N THR F 3 -26.14 41.57 -8.71
CA THR F 3 -26.46 41.20 -7.36
C THR F 3 -27.35 40.00 -7.27
N ILE F 4 -27.03 39.08 -6.38
CA ILE F 4 -27.78 37.87 -6.32
C ILE F 4 -28.18 37.62 -4.90
N ASN F 5 -29.46 37.33 -4.70
CA ASN F 5 -30.01 37.11 -3.38
C ASN F 5 -29.88 35.66 -3.04
N LEU F 6 -29.27 35.38 -1.90
CA LEU F 6 -29.13 34.03 -1.41
C LEU F 6 -29.94 33.87 -0.12
N TYR F 7 -30.41 32.66 0.12
CA TYR F 7 -31.28 32.36 1.27
C TYR F 7 -30.73 31.15 2.02
N PRO F 8 -31.11 31.00 3.30
CA PRO F 8 -30.64 29.87 4.08
C PRO F 8 -31.03 28.54 3.47
N LEU F 9 -30.21 27.51 3.70
CA LEU F 9 -30.52 26.19 3.20
C LEU F 9 -31.89 25.77 3.68
N THR F 10 -32.27 26.23 4.87
CA THR F 10 -33.52 25.78 5.50
C THR F 10 -34.76 26.34 4.82
N ASN F 11 -34.62 27.50 4.19
CA ASN F 11 -35.73 28.11 3.47
C ASN F 11 -36.35 27.16 2.43
N TYR F 12 -35.63 26.09 2.09
CA TYR F 12 -36.07 25.22 1.01
C TYR F 12 -36.46 23.86 1.55
N THR F 13 -37.43 23.22 0.91
CA THR F 13 -37.92 21.94 1.39
C THR F 13 -37.66 20.85 0.36
N PHE F 14 -36.97 19.79 0.78
CA PHE F 14 -36.48 18.79 -0.15
C PHE F 14 -37.21 17.46 -0.09
N GLY F 15 -38.27 17.33 -0.89
CA GLY F 15 -39.02 16.09 -0.97
C GLY F 15 -38.28 14.95 -1.64
N THR F 16 -39.03 13.97 -2.12
CA THR F 16 -38.47 12.77 -2.71
C THR F 16 -39.26 12.33 -3.92
N LYS F 17 -38.57 11.82 -4.93
CA LYS F 17 -39.18 11.34 -6.16
C LYS F 17 -38.51 10.08 -6.73
N GLU F 18 -39.22 9.39 -7.62
CA GLU F 18 -38.70 8.14 -8.19
C GLU F 18 -37.23 8.28 -8.59
N PRO F 19 -36.43 7.23 -8.37
CA PRO F 19 -35.03 7.27 -8.76
C PRO F 19 -34.84 7.69 -10.21
N LEU F 20 -33.66 8.20 -10.53
CA LEU F 20 -33.31 8.56 -11.90
C LEU F 20 -31.93 7.98 -12.23
N TYR F 21 -31.86 7.10 -13.22
CA TYR F 21 -30.64 6.30 -13.46
C TYR F 21 -29.74 6.85 -14.58
N GLU F 22 -28.43 6.67 -14.42
CA GLU F 22 -27.48 7.02 -15.47
C GLU F 22 -27.82 6.18 -16.69
N LYS F 23 -27.52 6.71 -17.88
CA LYS F 23 -27.79 6.00 -19.15
C LYS F 23 -26.74 4.93 -19.47
N ASP F 24 -25.76 4.77 -18.58
CA ASP F 24 -24.56 4.00 -18.91
C ASP F 24 -24.13 3.01 -17.82
N SER F 25 -24.50 1.75 -17.97
CA SER F 25 -24.21 0.73 -16.95
C SER F 25 -22.70 0.62 -16.72
N SER F 26 -21.95 0.54 -17.82
CA SER F 26 -20.49 0.48 -17.72
C SER F 26 -19.83 1.82 -18.01
N VAL F 27 -18.72 2.08 -17.32
CA VAL F 27 -17.92 3.30 -17.55
C VAL F 27 -17.42 3.42 -19.00
N ALA F 28 -16.81 2.35 -19.52
CA ALA F 28 -16.39 2.33 -20.91
C ALA F 28 -17.58 2.64 -21.81
N ALA F 29 -18.69 1.98 -21.53
CA ALA F 29 -19.91 2.15 -22.31
C ALA F 29 -20.17 3.62 -22.60
N ARG F 30 -19.94 4.45 -21.57
CA ARG F 30 -20.27 5.88 -21.62
C ARG F 30 -19.64 6.61 -22.81
N PHE F 31 -18.38 6.32 -23.08
CA PHE F 31 -17.71 6.91 -24.24
C PHE F 31 -18.16 6.23 -25.54
N GLN F 32 -18.35 4.92 -25.47
CA GLN F 32 -18.91 4.20 -26.58
C GLN F 32 -20.09 5.00 -27.10
N ARG F 33 -21.09 5.13 -26.24
CA ARG F 33 -22.32 5.81 -26.63
C ARG F 33 -22.06 7.25 -27.04
N MET F 34 -21.08 7.88 -26.38
CA MET F 34 -20.70 9.27 -26.66
C MET F 34 -20.04 9.38 -28.04
N ARG F 35 -19.52 8.27 -28.52
CA ARG F 35 -18.82 8.24 -29.79
C ARG F 35 -19.80 8.04 -30.93
N GLU F 36 -20.54 6.94 -30.86
CA GLU F 36 -21.52 6.58 -31.88
C GLU F 36 -22.42 7.78 -32.15
N GLU F 37 -22.80 8.45 -31.06
CA GLU F 37 -23.68 9.60 -31.14
C GLU F 37 -22.96 10.76 -31.79
N PHE F 38 -21.68 10.92 -31.46
CA PHE F 38 -20.90 11.98 -32.06
C PHE F 38 -21.00 11.92 -33.58
N ASP F 39 -21.06 10.70 -34.13
CA ASP F 39 -21.24 10.50 -35.57
C ASP F 39 -22.65 10.82 -36.01
N LYS F 40 -23.63 10.38 -35.23
CA LYS F 40 -25.04 10.58 -35.55
C LYS F 40 -25.45 12.06 -35.51
N ILE F 41 -24.80 12.84 -34.65
CA ILE F 41 -25.22 14.22 -34.41
C ILE F 41 -24.13 15.21 -34.00
N GLY F 42 -22.86 14.81 -34.05
CA GLY F 42 -21.78 15.75 -33.74
C GLY F 42 -21.61 16.04 -32.25
N MET F 43 -21.02 17.20 -31.96
CA MET F 43 -20.61 17.54 -30.61
C MET F 43 -21.79 17.40 -29.67
N ARG F 44 -21.58 16.71 -28.56
CA ARG F 44 -22.59 16.62 -27.51
C ARG F 44 -22.67 17.96 -26.82
N ARG F 45 -23.85 18.42 -26.47
CA ARG F 45 -23.94 19.69 -25.75
C ARG F 45 -24.55 19.51 -24.39
N THR F 46 -23.73 19.66 -23.36
CA THR F 46 -24.20 19.48 -22.00
C THR F 46 -24.49 20.84 -21.39
N VAL F 47 -25.52 20.94 -20.56
CA VAL F 47 -25.70 22.13 -19.72
C VAL F 47 -25.85 21.72 -18.28
N GLU F 48 -25.36 22.56 -17.37
CA GLU F 48 -25.45 22.27 -15.95
C GLU F 48 -25.83 23.53 -15.16
N GLY F 49 -26.57 23.36 -14.07
CA GLY F 49 -27.03 24.50 -13.27
C GLY F 49 -26.29 24.65 -11.96
N VAL F 50 -26.02 25.89 -11.56
CA VAL F 50 -25.33 26.13 -10.31
C VAL F 50 -26.27 26.83 -9.35
N LEU F 51 -26.85 26.05 -8.45
CA LEU F 51 -27.83 26.55 -7.48
C LEU F 51 -27.15 26.89 -6.16
N ILE F 52 -27.11 28.18 -5.86
CA ILE F 52 -26.39 28.67 -4.69
C ILE F 52 -27.33 29.03 -3.54
N VAL F 53 -26.97 28.64 -2.32
CA VAL F 53 -27.71 29.00 -1.11
C VAL F 53 -26.68 29.47 -0.12
N HIS F 54 -27.07 29.74 1.13
CA HIS F 54 -26.07 30.05 2.17
C HIS F 54 -26.34 29.48 3.56
N GLU F 55 -25.25 29.20 4.29
CA GLU F 55 -25.31 28.97 5.71
C GLU F 55 -24.32 29.93 6.41
N HIS F 56 -24.78 30.64 7.43
CA HIS F 56 -23.85 31.48 8.15
C HIS F 56 -23.24 32.52 7.22
N ARG F 57 -23.94 32.82 6.14
CA ARG F 57 -23.48 33.90 5.28
C ARG F 57 -22.25 33.49 4.46
N LEU F 58 -22.25 32.26 3.96
CA LEU F 58 -21.21 31.81 3.06
C LEU F 58 -21.88 30.90 2.06
N PRO F 59 -21.57 31.10 0.78
CA PRO F 59 -22.28 30.36 -0.25
C PRO F 59 -22.01 28.87 -0.20
N HIS F 60 -23.01 28.10 -0.60
CA HIS F 60 -22.93 26.66 -0.71
C HIS F 60 -23.52 26.30 -2.02
N VAL F 61 -22.83 25.49 -2.82
CA VAL F 61 -23.40 25.03 -4.07
C VAL F 61 -24.17 23.76 -3.80
N LEU F 62 -25.36 23.63 -4.38
CA LEU F 62 -26.13 22.41 -4.22
C LEU F 62 -25.53 21.34 -5.08
N LEU F 63 -25.26 20.18 -4.51
CA LEU F 63 -24.71 19.12 -5.33
C LEU F 63 -25.50 17.83 -5.17
N LEU F 64 -25.63 17.08 -6.27
CA LEU F 64 -26.16 15.73 -6.18
C LEU F 64 -25.07 14.73 -5.84
N GLN F 65 -25.20 14.10 -4.68
CA GLN F 65 -24.29 13.05 -4.28
C GLN F 65 -24.87 11.71 -4.67
N LEU F 66 -24.06 10.90 -5.33
CA LEU F 66 -24.43 9.54 -5.66
C LEU F 66 -23.48 8.63 -4.92
N GLY F 67 -24.00 7.83 -4.01
CA GLY F 67 -23.14 6.95 -3.24
C GLY F 67 -22.40 7.71 -2.17
N THR F 68 -21.08 7.82 -2.30
CA THR F 68 -20.27 8.28 -1.17
C THR F 68 -19.07 9.18 -1.55
N THR F 69 -18.53 8.98 -2.76
CA THR F 69 -17.43 9.82 -3.25
C THR F 69 -17.79 10.70 -4.47
N PHE F 70 -19.00 10.54 -4.99
CA PHE F 70 -19.34 11.04 -6.33
C PHE F 70 -20.39 12.12 -6.36
N PHE F 71 -20.05 13.28 -6.90
CA PHE F 71 -20.94 14.44 -6.89
C PHE F 71 -21.04 15.09 -8.26
N LYS F 72 -22.24 15.43 -8.69
CA LYS F 72 -22.36 16.25 -9.89
C LYS F 72 -23.24 17.47 -9.69
N LEU F 73 -23.40 18.23 -10.75
CA LEU F 73 -24.29 19.37 -10.72
C LEU F 73 -25.59 18.93 -11.37
N PRO F 74 -26.69 19.64 -11.08
CA PRO F 74 -27.92 19.28 -11.77
C PRO F 74 -27.82 19.65 -13.25
N GLY F 75 -28.10 18.71 -14.14
CA GLY F 75 -28.01 18.98 -15.57
C GLY F 75 -28.19 17.75 -16.42
N GLY F 76 -27.77 17.84 -17.68
CA GLY F 76 -27.85 16.71 -18.60
C GLY F 76 -27.60 17.12 -20.04
N GLU F 77 -27.78 16.19 -20.96
CA GLU F 77 -27.59 16.45 -22.39
C GLU F 77 -28.70 17.33 -22.97
N LEU F 78 -28.36 18.25 -23.87
CA LEU F 78 -29.38 18.98 -24.60
C LEU F 78 -29.90 18.11 -25.75
N ASN F 79 -30.99 18.52 -26.39
CA ASN F 79 -31.42 17.87 -27.62
C ASN F 79 -30.98 18.68 -28.81
N PRO F 80 -30.50 18.01 -29.86
CA PRO F 80 -30.09 18.74 -31.06
C PRO F 80 -31.12 19.83 -31.40
N GLY F 81 -30.67 21.08 -31.47
CA GLY F 81 -31.57 22.19 -31.77
C GLY F 81 -32.08 22.88 -30.52
N GLU F 82 -32.60 22.10 -29.58
CA GLU F 82 -33.14 22.65 -28.33
C GLU F 82 -32.25 23.78 -27.80
N ASP F 83 -32.85 24.87 -27.38
CA ASP F 83 -32.03 26.01 -26.98
C ASP F 83 -31.33 25.75 -25.65
N GLU F 84 -30.26 26.47 -25.38
CA GLU F 84 -29.43 26.17 -24.22
C GLU F 84 -30.19 26.42 -22.94
N VAL F 85 -30.67 27.64 -22.77
CA VAL F 85 -31.30 28.00 -21.51
C VAL F 85 -32.57 27.24 -21.21
N GLU F 86 -33.43 27.07 -22.21
CA GLU F 86 -34.70 26.40 -21.99
C GLU F 86 -34.50 24.93 -21.72
N GLY F 87 -33.35 24.40 -22.09
CA GLY F 87 -33.13 22.98 -21.93
C GLY F 87 -32.63 22.72 -20.53
N LEU F 88 -31.82 23.65 -20.02
CA LEU F 88 -31.44 23.54 -18.62
C LEU F 88 -32.72 23.63 -17.81
N LYS F 89 -33.61 24.55 -18.16
CA LYS F 89 -34.91 24.64 -17.50
C LYS F 89 -35.60 23.29 -17.52
N ARG F 90 -35.66 22.67 -18.68
CA ARG F 90 -36.32 21.37 -18.78
C ARG F 90 -35.65 20.30 -17.94
N LEU F 91 -34.32 20.34 -17.90
CA LEU F 91 -33.58 19.32 -17.15
C LEU F 91 -33.68 19.55 -15.64
N MET F 92 -33.60 20.81 -15.21
CA MET F 92 -33.85 21.14 -13.81
C MET F 92 -35.26 20.76 -13.37
N THR F 93 -36.25 20.99 -14.25
CA THR F 93 -37.62 20.59 -13.97
C THR F 93 -37.66 19.05 -13.87
N GLU F 94 -36.86 18.40 -14.69
CA GLU F 94 -36.84 16.94 -14.68
C GLU F 94 -36.22 16.34 -13.44
N ILE F 95 -35.18 16.97 -12.90
CA ILE F 95 -34.41 16.32 -11.84
C ILE F 95 -34.72 16.81 -10.45
N LEU F 96 -35.05 18.08 -10.31
CA LEU F 96 -35.31 18.62 -8.98
C LEU F 96 -36.74 19.14 -8.84
N GLY F 97 -37.46 19.22 -9.96
CA GLY F 97 -38.78 19.84 -9.97
C GLY F 97 -39.83 19.11 -9.14
N ARG F 98 -40.73 19.89 -8.54
CA ARG F 98 -41.91 19.32 -7.88
C ARG F 98 -42.90 18.88 -8.95
N GLN F 99 -43.25 17.60 -8.95
CA GLN F 99 -44.23 17.07 -9.89
C GLN F 99 -45.55 17.11 -9.17
N ASP F 100 -46.27 18.21 -9.34
CA ASP F 100 -47.11 18.71 -8.29
C ASP F 100 -48.45 19.18 -8.83
N GLY F 101 -48.41 19.67 -10.07
CA GLY F 101 -49.52 20.47 -10.56
C GLY F 101 -49.24 21.97 -10.47
N VAL F 102 -48.33 22.37 -9.60
CA VAL F 102 -48.06 23.78 -9.43
C VAL F 102 -46.87 24.28 -10.25
N LEU F 103 -47.11 25.35 -10.99
CA LEU F 103 -46.06 25.96 -11.77
C LEU F 103 -44.82 26.21 -10.93
N GLN F 104 -43.68 25.76 -11.41
CA GLN F 104 -42.42 26.19 -10.82
C GLN F 104 -41.43 26.42 -11.93
N ASP F 105 -41.02 27.67 -12.07
CA ASP F 105 -40.20 28.11 -13.17
C ASP F 105 -38.80 28.41 -12.66
N TRP F 106 -37.81 28.27 -13.51
CA TRP F 106 -36.45 28.49 -13.12
C TRP F 106 -35.94 29.82 -13.66
N VAL F 107 -35.44 30.66 -12.78
CA VAL F 107 -34.79 31.88 -13.22
C VAL F 107 -33.34 31.63 -13.59
N ILE F 108 -33.07 31.47 -14.88
CA ILE F 108 -31.73 31.20 -15.37
C ILE F 108 -31.18 32.35 -16.22
N ASP F 109 -30.45 33.28 -15.61
CA ASP F 109 -30.06 34.50 -16.34
C ASP F 109 -28.56 34.65 -16.67
N ASP F 110 -27.69 33.89 -16.03
CA ASP F 110 -26.27 34.17 -16.17
C ASP F 110 -25.42 32.97 -16.57
N CYS F 111 -24.50 33.19 -17.49
CA CYS F 111 -23.53 32.16 -17.84
C CYS F 111 -22.36 32.28 -16.86
N ILE F 112 -21.85 31.14 -16.40
CA ILE F 112 -20.68 31.22 -15.52
C ILE F 112 -19.41 30.64 -16.13
N GLY F 113 -19.55 29.66 -17.02
CA GLY F 113 -18.36 29.06 -17.59
C GLY F 113 -18.60 28.06 -18.71
N ASN F 114 -17.57 27.85 -19.52
CA ASN F 114 -17.64 26.87 -20.58
C ASN F 114 -16.55 25.86 -20.39
N TRP F 115 -16.87 24.58 -20.64
CA TRP F 115 -15.90 23.51 -20.50
C TRP F 115 -16.01 22.60 -21.71
N TRP F 116 -14.90 22.43 -22.42
CA TRP F 116 -14.90 21.63 -23.61
C TRP F 116 -14.16 20.32 -23.42
N ARG F 117 -14.60 19.27 -24.12
CA ARG F 117 -13.94 17.98 -24.01
C ARG F 117 -13.32 17.60 -25.34
N PRO F 118 -11.99 17.60 -25.41
CA PRO F 118 -11.20 17.39 -26.62
C PRO F 118 -11.42 16.04 -27.31
N ASN F 119 -11.33 14.94 -26.56
CA ASN F 119 -11.49 13.61 -27.14
C ASN F 119 -12.55 12.84 -26.41
N PHE F 120 -12.65 11.56 -26.72
CA PHE F 120 -13.55 10.67 -26.00
C PHE F 120 -12.91 10.17 -24.73
N GLU F 121 -12.65 11.10 -23.81
CA GLU F 121 -12.01 10.77 -22.55
C GLU F 121 -12.32 11.82 -21.48
N PRO F 122 -12.07 11.48 -20.22
CA PRO F 122 -12.45 12.38 -19.13
C PRO F 122 -12.01 13.84 -19.31
N PRO F 123 -10.73 14.08 -19.62
CA PRO F 123 -10.20 15.44 -19.51
C PRO F 123 -11.11 16.51 -20.14
N GLN F 124 -11.30 17.61 -19.41
CA GLN F 124 -12.03 18.76 -19.90
C GLN F 124 -11.24 20.01 -19.55
N TYR F 125 -11.39 21.05 -20.36
CA TYR F 125 -10.68 22.31 -20.15
C TYR F 125 -11.62 23.44 -20.43
N PRO F 126 -11.36 24.60 -19.83
CA PRO F 126 -12.19 25.78 -20.04
C PRO F 126 -11.85 26.61 -21.30
N TYR F 127 -11.35 25.93 -22.33
CA TYR F 127 -11.02 26.54 -23.62
C TYR F 127 -10.77 25.38 -24.54
N ILE F 128 -10.78 25.65 -25.84
CA ILE F 128 -10.51 24.60 -26.80
C ILE F 128 -9.02 24.62 -27.13
N PRO F 129 -8.33 23.49 -26.94
CA PRO F 129 -6.92 23.49 -27.32
C PRO F 129 -6.76 23.84 -28.81
N ALA F 130 -5.71 24.57 -29.13
CA ALA F 130 -5.47 25.10 -30.46
C ALA F 130 -5.33 24.05 -31.56
N HIS F 131 -5.17 22.78 -31.20
CA HIS F 131 -5.07 21.76 -32.23
C HIS F 131 -6.37 21.00 -32.39
N ILE F 132 -7.37 21.39 -31.62
CA ILE F 132 -8.70 20.77 -31.71
C ILE F 132 -9.64 21.62 -32.56
N THR F 133 -10.27 20.99 -33.55
CA THR F 133 -11.29 21.66 -34.35
C THR F 133 -12.69 21.17 -34.00
N LYS F 134 -12.80 19.90 -33.59
CA LYS F 134 -14.09 19.33 -33.25
C LYS F 134 -14.09 18.72 -31.85
N PRO F 135 -14.25 19.57 -30.82
CA PRO F 135 -14.36 19.02 -29.47
C PRO F 135 -15.47 17.97 -29.51
N LYS F 136 -15.51 17.09 -28.51
CA LYS F 136 -16.44 15.98 -28.50
C LYS F 136 -17.58 16.19 -27.50
N GLU F 137 -17.40 17.19 -26.64
CA GLU F 137 -18.47 17.68 -25.78
C GLU F 137 -18.27 19.15 -25.45
N HIS F 138 -19.38 19.85 -25.22
CA HIS F 138 -19.35 21.23 -24.78
C HIS F 138 -20.29 21.50 -23.59
N LYS F 139 -19.73 21.47 -22.39
CA LYS F 139 -20.47 21.70 -21.14
C LYS F 139 -20.59 23.19 -20.84
N LYS F 140 -21.82 23.68 -20.73
CA LYS F 140 -22.03 25.07 -20.35
C LYS F 140 -22.72 25.18 -19.00
N LEU F 141 -22.20 26.06 -18.17
CA LEU F 141 -22.73 26.23 -16.83
C LEU F 141 -23.43 27.56 -16.71
N PHE F 142 -24.67 27.52 -16.21
CA PHE F 142 -25.45 28.71 -15.91
C PHE F 142 -25.68 28.83 -14.40
N LEU F 143 -25.78 30.05 -13.90
CA LEU F 143 -26.22 30.22 -12.52
C LEU F 143 -27.74 30.24 -12.45
N VAL F 144 -28.31 29.39 -11.61
CA VAL F 144 -29.74 29.43 -11.36
C VAL F 144 -30.14 30.20 -10.09
N GLN F 145 -30.79 31.34 -10.28
CA GLN F 145 -31.25 32.17 -9.17
C GLN F 145 -32.43 31.53 -8.50
N LEU F 146 -32.38 31.42 -7.17
CA LEU F 146 -33.46 30.79 -6.43
C LEU F 146 -34.39 31.82 -5.80
N GLN F 147 -35.64 31.43 -5.61
CA GLN F 147 -36.63 32.29 -4.96
C GLN F 147 -36.35 32.31 -3.46
N GLU F 148 -37.13 33.06 -2.70
CA GLU F 148 -36.98 33.03 -1.25
C GLU F 148 -37.29 31.64 -0.69
N LYS F 149 -38.35 31.01 -1.19
CA LYS F 149 -38.63 29.64 -0.82
C LYS F 149 -38.85 28.82 -2.06
N ALA F 150 -38.91 27.51 -1.88
CA ALA F 150 -38.95 26.61 -3.01
C ALA F 150 -39.05 25.16 -2.55
N LEU F 151 -39.76 24.37 -3.34
CA LEU F 151 -39.93 22.96 -3.03
C LEU F 151 -39.27 22.12 -4.10
N PHE F 152 -38.39 21.21 -3.68
CA PHE F 152 -37.68 20.36 -4.62
C PHE F 152 -38.05 18.90 -4.42
N ALA F 153 -37.68 18.08 -5.38
CA ALA F 153 -37.92 16.65 -5.28
C ALA F 153 -36.68 15.93 -5.76
N VAL F 154 -35.95 15.35 -4.83
CA VAL F 154 -34.67 14.71 -5.13
C VAL F 154 -34.89 13.22 -5.36
N PRO F 155 -34.55 12.74 -6.55
CA PRO F 155 -34.69 11.33 -6.85
C PRO F 155 -34.04 10.47 -5.77
N LYS F 156 -34.80 9.51 -5.25
CA LYS F 156 -34.42 8.69 -4.09
C LYS F 156 -32.95 8.27 -4.08
N ASN F 157 -32.38 8.04 -5.25
CA ASN F 157 -30.99 7.56 -5.29
C ASN F 157 -29.88 8.62 -5.23
N TYR F 158 -30.23 9.89 -5.03
CA TYR F 158 -29.23 10.86 -4.64
C TYR F 158 -29.61 11.51 -3.34
N LYS F 159 -28.62 12.13 -2.72
CA LYS F 159 -28.87 13.09 -1.66
C LYS F 159 -28.32 14.41 -2.16
N LEU F 160 -29.10 15.47 -2.01
CA LEU F 160 -28.71 16.78 -2.50
C LEU F 160 -28.04 17.52 -1.35
N VAL F 161 -26.73 17.65 -1.39
CA VAL F 161 -26.01 18.33 -0.31
C VAL F 161 -25.52 19.73 -0.68
N ALA F 162 -25.30 20.55 0.34
CA ALA F 162 -24.92 21.92 0.15
C ALA F 162 -23.45 22.07 0.49
N ALA F 163 -22.61 22.10 -0.55
CA ALA F 163 -21.17 22.22 -0.33
C ALA F 163 -20.74 23.68 -0.15
N PRO F 164 -20.12 23.99 1.01
CA PRO F 164 -19.60 25.34 1.19
C PRO F 164 -18.39 25.55 0.28
N LEU F 165 -18.12 26.80 -0.08
CA LEU F 165 -17.07 27.13 -1.05
C LEU F 165 -15.69 26.66 -0.59
N PHE F 166 -15.40 26.86 0.70
CA PHE F 166 -14.11 26.47 1.25
C PHE F 166 -13.89 24.96 1.14
N GLU F 167 -14.98 24.20 1.00
CA GLU F 167 -14.92 22.75 0.79
C GLU F 167 -14.55 22.43 -0.66
N LEU F 168 -14.92 23.34 -1.57
CA LEU F 168 -14.66 23.13 -2.98
C LEU F 168 -13.32 23.71 -3.42
N TYR F 169 -12.98 24.90 -2.93
CA TYR F 169 -11.79 25.61 -3.37
C TYR F 169 -10.52 24.77 -3.28
N ASP F 170 -9.75 24.78 -4.35
CA ASP F 170 -8.54 23.99 -4.45
C ASP F 170 -8.77 22.55 -3.97
N ASN F 171 -9.93 21.99 -4.31
CA ASN F 171 -10.21 20.59 -4.02
C ASN F 171 -10.72 19.81 -5.27
N ALA F 172 -9.96 19.91 -6.35
CA ALA F 172 -10.20 19.12 -7.54
C ALA F 172 -10.03 17.63 -7.24
N PRO F 173 -9.11 17.29 -6.32
CA PRO F 173 -8.97 15.88 -5.95
C PRO F 173 -10.26 15.27 -5.45
N GLY F 174 -11.09 16.06 -4.79
CA GLY F 174 -12.36 15.56 -4.27
C GLY F 174 -13.55 15.74 -5.19
N TYR F 175 -13.53 16.77 -6.03
CA TYR F 175 -14.76 17.16 -6.70
C TYR F 175 -14.59 17.35 -8.20
N GLY F 176 -13.34 17.50 -8.63
CA GLY F 176 -13.06 17.68 -10.06
C GLY F 176 -12.64 19.11 -10.36
N PRO F 177 -12.20 19.34 -11.59
CA PRO F 177 -11.72 20.66 -12.01
C PRO F 177 -12.88 21.62 -12.21
N ILE F 178 -14.00 21.08 -12.63
CA ILE F 178 -15.19 21.91 -12.84
C ILE F 178 -15.84 22.44 -11.56
N ILE F 179 -16.31 21.53 -10.72
CA ILE F 179 -16.97 21.94 -9.48
C ILE F 179 -16.01 22.65 -8.51
N SER F 180 -14.73 22.36 -8.63
CA SER F 180 -13.79 22.87 -7.66
C SER F 180 -13.39 24.30 -7.97
N SER F 181 -13.67 24.77 -9.18
CA SER F 181 -13.34 26.17 -9.49
C SER F 181 -14.60 27.04 -9.51
N LEU F 182 -15.71 26.46 -9.08
CA LEU F 182 -16.96 27.21 -8.89
C LEU F 182 -16.82 28.37 -7.90
N PRO F 183 -16.04 28.16 -6.82
CA PRO F 183 -15.83 29.30 -5.95
C PRO F 183 -15.28 30.53 -6.70
N GLN F 184 -14.41 30.30 -7.68
CA GLN F 184 -13.80 31.42 -8.43
C GLN F 184 -14.82 31.98 -9.41
N LEU F 185 -15.44 31.07 -10.14
CA LEU F 185 -16.52 31.42 -11.03
C LEU F 185 -17.63 32.22 -10.34
N LEU F 186 -17.96 31.89 -9.09
CA LEU F 186 -19.01 32.63 -8.37
C LEU F 186 -18.51 33.99 -7.87
N SER F 187 -17.20 34.19 -7.83
CA SER F 187 -16.65 35.32 -7.09
C SER F 187 -16.98 36.69 -7.67
N ARG F 188 -17.52 36.74 -8.89
CA ARG F 188 -17.88 38.05 -9.46
C ARG F 188 -19.22 38.56 -8.92
N PHE F 189 -20.09 37.64 -8.51
CA PHE F 189 -21.39 37.99 -7.98
C PHE F 189 -21.36 38.63 -6.59
N ASN F 190 -22.19 39.64 -6.44
CA ASN F 190 -22.29 40.36 -5.19
C ASN F 190 -23.50 39.82 -4.41
N PHE F 191 -23.25 38.85 -3.53
CA PHE F 191 -24.35 38.15 -2.88
C PHE F 191 -24.94 38.90 -1.71
N ILE F 192 -26.23 38.68 -1.50
CA ILE F 192 -26.92 39.11 -0.32
C ILE F 192 -27.37 37.89 0.46
N TYR F 193 -26.93 37.81 1.72
CA TYR F 193 -27.26 36.68 2.59
C TYR F 193 -28.45 37.07 3.45
N ASN F 194 -29.64 36.76 2.98
CA ASN F 194 -30.85 37.11 3.68
C ASN F 194 -31.06 36.07 4.74
N LEU F 195 -31.20 36.49 6.01
CA LEU F 195 -31.37 35.52 7.09
C LEU F 195 -32.73 34.83 7.12
N GLU F 196 -32.87 33.87 8.02
CA GLU F 196 -34.16 33.24 8.22
C GLU F 196 -35.16 34.23 8.81
N HIS F 197 -36.42 34.07 8.42
CA HIS F 197 -37.50 34.85 9.04
C HIS F 197 -38.20 34.06 10.14
N LEU G 4 45.79 -16.56 7.17
CA LEU G 4 46.44 -15.84 8.31
C LEU G 4 45.60 -14.68 8.89
N TYR G 5 45.29 -14.78 10.18
CA TYR G 5 44.45 -13.79 10.85
C TYR G 5 45.17 -12.51 11.12
N ILE G 6 44.45 -11.40 11.06
CA ILE G 6 44.94 -10.12 11.56
C ILE G 6 43.81 -9.51 12.40
N GLY G 7 44.01 -9.43 13.71
CA GLY G 7 42.96 -8.96 14.58
C GLY G 7 43.43 -7.60 15.01
N ASN G 8 42.61 -6.91 15.79
CA ASN G 8 42.93 -5.59 16.35
C ASN G 8 42.93 -4.47 15.30
N LEU G 9 42.17 -4.69 14.24
CA LEU G 9 41.99 -3.71 13.19
C LEU G 9 40.84 -2.79 13.59
N THR G 10 40.92 -1.51 13.25
CA THR G 10 39.78 -0.64 13.49
C THR G 10 38.80 -0.86 12.38
N TRP G 11 37.51 -0.68 12.67
CA TRP G 11 36.50 -0.99 11.67
C TRP G 11 36.56 -0.10 10.42
N TRP G 12 37.52 0.82 10.35
CA TRP G 12 37.69 1.59 9.12
C TRP G 12 38.97 1.23 8.36
N THR G 13 39.59 0.12 8.73
CA THR G 13 40.77 -0.38 8.00
C THR G 13 40.27 -1.11 6.75
N THR G 14 40.66 -0.61 5.58
CA THR G 14 40.10 -1.11 4.34
C THR G 14 40.85 -2.31 3.81
N ASP G 15 40.34 -2.86 2.71
CA ASP G 15 41.05 -3.87 1.94
C ASP G 15 42.35 -3.23 1.45
N GLU G 16 42.25 -2.05 0.84
CA GLU G 16 43.42 -1.30 0.38
C GLU G 16 44.43 -1.02 1.49
N ASP G 17 43.95 -0.57 2.64
CA ASP G 17 44.83 -0.24 3.76
C ASP G 17 45.72 -1.42 4.10
N LEU G 18 45.10 -2.59 4.20
CA LEU G 18 45.81 -3.79 4.60
C LEU G 18 46.80 -4.22 3.53
N THR G 19 46.46 -3.99 2.26
CA THR G 19 47.36 -4.28 1.14
C THR G 19 48.63 -3.42 1.24
N GLU G 20 48.45 -2.11 1.48
CA GLU G 20 49.59 -1.20 1.61
C GLU G 20 50.55 -1.65 2.71
N ALA G 21 50.02 -2.03 3.87
CA ALA G 21 50.83 -2.47 4.99
C ALA G 21 51.60 -3.75 4.70
N VAL G 22 50.94 -4.71 4.06
CA VAL G 22 51.56 -6.00 3.70
C VAL G 22 52.64 -5.85 2.62
N HIS G 23 52.44 -4.91 1.70
CA HIS G 23 53.42 -4.67 0.65
C HIS G 23 54.55 -3.81 1.20
N SER G 24 54.26 -3.11 2.27
CA SER G 24 55.20 -2.22 2.88
C SER G 24 56.21 -2.96 3.66
N LEU G 25 56.14 -4.27 3.59
CA LEU G 25 56.80 -5.08 4.56
C LEU G 25 57.48 -6.26 3.92
N GLY G 26 57.36 -6.43 2.62
CA GLY G 26 58.07 -7.56 2.05
C GLY G 26 57.10 -8.70 1.83
N VAL G 27 55.91 -8.34 1.39
CA VAL G 27 55.01 -9.43 0.98
C VAL G 27 54.10 -9.27 -0.20
N ASN G 28 54.64 -9.39 -1.41
CA ASN G 28 53.87 -9.13 -2.60
C ASN G 28 53.29 -10.42 -3.04
N ASP G 29 53.25 -11.35 -2.12
CA ASP G 29 52.51 -12.60 -2.33
C ASP G 29 51.29 -12.72 -1.41
N ILE G 30 50.15 -12.20 -1.86
CA ILE G 30 48.93 -12.22 -1.09
C ILE G 30 47.90 -13.07 -1.76
N LEU G 31 47.45 -14.09 -1.06
CA LEU G 31 46.54 -15.08 -1.63
C LEU G 31 45.10 -14.59 -1.75
N GLU G 32 44.09 -14.95 -0.90
CA GLU G 32 42.78 -14.24 -0.56
C GLU G 32 42.82 -13.52 0.79
N ILE G 33 42.32 -12.23 0.69
CA ILE G 33 42.01 -11.62 1.98
C ILE G 33 40.54 -11.39 2.21
N LYS G 34 40.11 -11.68 3.44
CA LYS G 34 38.69 -11.74 3.79
C LYS G 34 38.40 -11.08 5.14
N PHE G 35 37.64 -9.99 5.13
CA PHE G 35 37.20 -9.36 6.38
C PHE G 35 36.02 -10.09 7.01
N PHE G 36 36.08 -10.30 8.32
CA PHE G 36 34.96 -10.88 9.04
C PHE G 36 34.01 -9.76 9.45
N GLU G 37 32.73 -9.90 9.11
CA GLU G 37 31.82 -8.78 9.32
C GLU G 37 30.47 -9.13 9.91
N ASN G 38 29.89 -8.15 10.59
CA ASN G 38 28.56 -8.22 11.15
C ASN G 38 27.54 -8.26 10.01
N ARG G 39 26.71 -9.29 9.96
CA ARG G 39 25.81 -9.44 8.83
C ARG G 39 24.65 -8.47 8.90
N ALA G 40 24.32 -8.08 10.13
CA ALA G 40 23.13 -7.29 10.33
C ALA G 40 23.32 -5.86 9.87
N ASN G 41 24.54 -5.37 9.95
CA ASN G 41 24.77 -3.99 9.58
C ASN G 41 26.00 -3.74 8.70
N GLY G 42 26.69 -4.82 8.37
CA GLY G 42 27.81 -4.75 7.44
C GLY G 42 29.13 -4.33 8.03
N GLN G 43 29.15 -4.16 9.36
CA GLN G 43 30.32 -3.63 10.03
C GLN G 43 31.51 -4.60 10.09
N SER G 44 32.69 -4.08 9.77
CA SER G 44 33.94 -4.79 9.95
C SER G 44 34.07 -5.24 11.39
N LYS G 45 34.22 -6.54 11.61
CA LYS G 45 34.33 -7.04 12.97
C LYS G 45 35.71 -6.77 13.54
N GLY G 46 36.55 -6.09 12.78
CA GLY G 46 37.82 -5.66 13.30
C GLY G 46 38.95 -6.64 13.06
N PHE G 47 38.66 -7.75 12.40
CA PHE G 47 39.74 -8.66 12.05
C PHE G 47 39.56 -9.41 10.74
N ALA G 48 40.57 -9.35 9.90
CA ALA G 48 40.52 -10.00 8.60
C ALA G 48 41.33 -11.31 8.54
N LEU G 49 41.02 -12.18 7.58
CA LEU G 49 41.85 -13.36 7.34
C LEU G 49 42.50 -13.30 5.95
N VAL G 50 43.81 -13.47 5.89
CA VAL G 50 44.57 -13.27 4.66
C VAL G 50 45.33 -14.51 4.20
N GLY G 51 45.50 -14.65 2.88
CA GLY G 51 46.24 -15.77 2.33
C GLY G 51 47.47 -15.35 1.52
N VAL G 52 48.61 -15.94 1.86
CA VAL G 52 49.90 -15.42 1.44
C VAL G 52 50.60 -16.29 0.40
N SER G 54 53.43 -18.12 0.76
CA SER G 54 54.85 -18.32 1.04
C SER G 54 55.11 -18.28 2.56
N GLU G 55 55.82 -19.29 3.07
CA GLU G 55 56.22 -19.29 4.47
C GLU G 55 57.29 -18.24 4.64
N ALA G 56 57.97 -17.94 3.54
CA ALA G 56 58.93 -16.85 3.49
C ALA G 56 58.23 -15.49 3.57
N SER G 57 56.92 -15.51 3.36
CA SER G 57 56.09 -14.32 3.51
C SER G 57 55.31 -14.35 4.83
N SER G 58 54.77 -15.53 5.17
CA SER G 58 54.07 -15.69 6.44
C SER G 58 54.92 -15.21 7.62
N LYS G 59 56.17 -15.66 7.64
CA LYS G 59 57.04 -15.37 8.78
C LYS G 59 57.27 -13.89 9.01
N LYS G 60 57.32 -13.12 7.92
CA LYS G 60 57.67 -11.69 7.99
C LYS G 60 56.57 -10.84 8.62
N LEU G 61 55.35 -11.39 8.66
CA LEU G 61 54.18 -10.67 9.16
C LEU G 61 53.83 -11.03 10.60
N MET G 62 54.18 -12.24 11.02
CA MET G 62 53.85 -12.68 12.38
C MET G 62 54.82 -12.10 13.41
N ASP G 63 55.97 -11.65 12.94
CA ASP G 63 56.97 -10.99 13.77
C ASP G 63 57.05 -9.48 13.49
N LEU G 64 56.97 -9.11 12.21
CA LEU G 64 57.20 -7.72 11.77
C LEU G 64 55.97 -6.81 11.68
N LEU G 65 54.76 -7.38 11.62
CA LEU G 65 53.58 -6.57 11.35
C LEU G 65 53.23 -5.70 12.53
N PRO G 66 53.09 -6.33 13.71
CA PRO G 66 52.58 -5.65 14.90
C PRO G 66 53.35 -4.40 15.33
N LYS G 67 54.48 -4.12 14.71
CA LYS G 67 55.30 -2.95 15.06
C LYS G 67 54.72 -1.65 14.49
N ARG G 68 54.43 -1.65 13.20
CA ARG G 68 53.81 -0.50 12.55
C ARG G 68 52.30 -0.46 12.83
N GLU G 69 51.80 0.68 13.35
CA GLU G 69 50.38 0.82 13.68
C GLU G 69 49.53 1.27 12.48
N LEU G 70 48.40 0.60 12.25
CA LEU G 70 47.61 0.86 11.06
C LEU G 70 46.76 2.13 11.12
N HIS G 71 45.76 2.15 11.99
CA HIS G 71 45.00 3.36 12.18
C HIS G 71 45.07 3.74 13.64
N GLY G 72 46.29 3.91 14.12
CA GLY G 72 46.53 4.16 15.52
C GLY G 72 46.55 2.85 16.27
N GLN G 73 46.43 1.75 15.55
CA GLN G 73 46.42 0.47 16.23
C GLN G 73 47.41 -0.53 15.66
N ASN G 74 48.09 -1.23 16.56
CA ASN G 74 49.03 -2.28 16.21
C ASN G 74 48.29 -3.58 15.93
N PRO G 75 48.44 -4.11 14.70
CA PRO G 75 47.83 -5.38 14.33
C PRO G 75 48.27 -6.51 15.25
N VAL G 76 47.40 -7.50 15.43
CA VAL G 76 47.79 -8.69 16.17
C VAL G 76 47.58 -9.95 15.35
N VAL G 77 48.68 -10.45 14.82
CA VAL G 77 48.68 -11.51 13.82
C VAL G 77 48.75 -12.88 14.49
N THR G 78 47.88 -13.80 14.06
CA THR G 78 47.90 -15.16 14.61
C THR G 78 48.12 -16.22 13.53
N PRO G 79 48.15 -17.50 13.93
CA PRO G 79 48.42 -18.62 13.05
C PRO G 79 47.15 -19.11 12.40
N SER G 80 47.10 -19.17 11.07
CA SER G 80 45.90 -19.62 10.36
C SER G 80 45.06 -20.55 11.21
N ILE H 2 -21.60 3.82 28.55
CA ILE H 2 -22.23 2.71 27.77
C ILE H 2 -21.52 2.38 26.46
N ALA H 3 -20.74 1.32 26.47
CA ALA H 3 -19.87 0.99 25.35
C ALA H 3 -20.49 -0.04 24.41
N LEU H 4 -20.19 0.10 23.12
CA LEU H 4 -20.63 -0.85 22.11
C LEU H 4 -19.49 -1.17 21.20
N TYR H 5 -19.45 -2.39 20.68
CA TYR H 5 -18.44 -2.78 19.72
C TYR H 5 -19.07 -2.82 18.35
N ILE H 6 -18.39 -2.26 17.37
CA ILE H 6 -18.89 -2.24 16.02
C ILE H 6 -17.86 -2.87 15.10
N GLY H 7 -18.20 -3.99 14.50
CA GLY H 7 -17.21 -4.70 13.73
C GLY H 7 -17.74 -5.00 12.35
N ASN H 8 -17.00 -5.84 11.62
CA ASN H 8 -17.23 -6.10 10.19
C ASN H 8 -16.98 -4.88 9.31
N LEU H 9 -16.07 -4.02 9.75
CA LEU H 9 -15.74 -2.82 9.00
C LEU H 9 -14.56 -3.05 8.06
N THR H 10 -14.60 -2.51 6.85
CA THR H 10 -13.40 -2.49 6.01
C THR H 10 -12.26 -1.76 6.73
N TRP H 11 -11.01 -2.11 6.47
CA TRP H 11 -9.92 -1.41 7.13
C TRP H 11 -9.84 0.07 6.71
N TRP H 12 -10.66 0.49 5.77
CA TRP H 12 -10.71 1.91 5.44
C TRP H 12 -11.95 2.64 5.94
N THR H 13 -12.70 2.00 6.84
CA THR H 13 -13.84 2.68 7.43
C THR H 13 -13.30 3.62 8.48
N THR H 14 -13.55 4.90 8.31
CA THR H 14 -13.00 5.92 9.21
C THR H 14 -13.90 6.21 10.41
N ASP H 15 -13.36 6.89 11.41
CA ASP H 15 -14.18 7.45 12.48
C ASP H 15 -15.26 8.38 11.92
N GLU H 16 -14.90 9.22 10.96
CA GLU H 16 -15.87 10.12 10.32
C GLU H 16 -16.95 9.31 9.61
N ASP H 17 -16.55 8.24 8.94
CA ASP H 17 -17.52 7.31 8.38
C ASP H 17 -18.45 6.78 9.47
N LEU H 18 -17.89 6.45 10.64
CA LEU H 18 -18.71 5.90 11.70
C LEU H 18 -19.67 6.91 12.28
N THR H 19 -19.20 8.12 12.55
CA THR H 19 -20.07 9.08 13.21
C THR H 19 -21.20 9.49 12.28
N GLU H 20 -20.95 9.56 10.98
CA GLU H 20 -22.03 9.89 10.07
C GLU H 20 -23.15 8.92 10.17
N ALA H 21 -22.81 7.64 10.08
CA ALA H 21 -23.82 6.60 10.05
C ALA H 21 -24.64 6.68 11.33
N VAL H 22 -23.94 6.60 12.45
CA VAL H 22 -24.55 6.75 13.74
C VAL H 22 -25.42 8.01 13.82
N HIS H 23 -24.96 9.12 13.23
CA HIS H 23 -25.71 10.38 13.28
C HIS H 23 -26.98 10.32 12.43
N SER H 24 -26.85 9.90 11.19
CA SER H 24 -28.00 9.78 10.32
C SER H 24 -28.97 8.71 10.83
N LEU H 25 -28.78 8.27 12.07
CA LEU H 25 -29.74 7.36 12.71
C LEU H 25 -30.36 8.03 13.89
N GLY H 26 -30.06 9.30 14.08
CA GLY H 26 -30.62 10.04 15.21
C GLY H 26 -29.88 9.84 16.51
N VAL H 27 -28.62 9.42 16.44
CA VAL H 27 -27.79 9.39 17.63
C VAL H 27 -26.84 10.56 17.58
N ASN H 28 -26.82 11.35 18.64
CA ASN H 28 -25.96 12.54 18.72
C ASN H 28 -25.25 12.59 20.05
N ASP H 29 -25.12 11.42 20.67
CA ASP H 29 -24.38 11.32 21.92
C ASP H 29 -23.26 10.26 21.84
N ILE H 30 -22.49 10.31 20.75
CA ILE H 30 -21.26 9.55 20.65
C ILE H 30 -20.19 10.16 21.56
N LEU H 31 -19.62 9.33 22.43
CA LEU H 31 -18.57 9.82 23.33
C LEU H 31 -17.17 9.52 22.82
N GLU H 32 -16.93 8.31 22.35
CA GLU H 32 -15.58 7.91 22.00
C GLU H 32 -15.61 6.92 20.87
N ILE H 33 -14.57 6.97 20.05
CA ILE H 33 -14.39 6.00 18.99
C ILE H 33 -12.91 5.66 18.93
N LYS H 34 -12.56 4.46 19.36
CA LYS H 34 -11.21 3.99 19.08
C LYS H 34 -11.22 2.63 18.38
N PHE H 35 -10.47 2.55 17.29
CA PHE H 35 -10.47 1.35 16.50
C PHE H 35 -9.48 0.41 17.11
N PHE H 36 -9.58 -0.86 16.76
CA PHE H 36 -8.57 -1.80 17.15
C PHE H 36 -7.61 -2.01 15.99
N GLU H 37 -6.32 -1.90 16.29
CA GLU H 37 -5.31 -1.73 15.27
C GLU H 37 -4.16 -2.66 15.55
N ASN H 38 -3.50 -3.16 14.50
CA ASN H 38 -2.27 -3.93 14.63
C ASN H 38 -1.21 -2.97 15.13
N ARG H 39 -0.51 -3.34 16.18
CA ARG H 39 0.49 -2.44 16.72
C ARG H 39 1.60 -2.18 15.74
N ALA H 40 2.05 -3.23 15.06
CA ALA H 40 3.18 -3.10 14.12
C ALA H 40 2.83 -2.21 12.93
N ASN H 41 1.55 -2.17 12.61
CA ASN H 41 1.06 -1.73 11.31
C ASN H 41 0.31 -0.44 11.35
N GLY H 42 -0.54 -0.33 12.36
CA GLY H 42 -1.57 0.70 12.37
C GLY H 42 -2.81 0.30 11.60
N GLN H 43 -2.79 -0.84 10.93
CA GLN H 43 -3.94 -1.21 10.12
C GLN H 43 -5.08 -1.57 11.05
N SER H 44 -6.27 -1.09 10.73
CA SER H 44 -7.41 -1.41 11.56
C SER H 44 -7.84 -2.87 11.39
N LYS H 45 -8.17 -3.52 12.51
CA LYS H 45 -8.60 -4.91 12.48
C LYS H 45 -10.07 -5.04 12.07
N GLY H 46 -10.69 -3.96 11.60
CA GLY H 46 -12.06 -4.00 11.15
C GLY H 46 -13.13 -3.90 12.23
N PHE H 47 -12.73 -3.63 13.47
CA PHE H 47 -13.72 -3.37 14.52
C PHE H 47 -13.32 -2.28 15.49
N ALA H 48 -14.32 -1.61 16.06
CA ALA H 48 -14.05 -0.45 16.87
C ALA H 48 -14.91 -0.44 18.11
N LEU H 49 -14.45 0.30 19.12
CA LEU H 49 -15.22 0.53 20.33
C LEU H 49 -15.86 1.91 20.26
N VAL H 50 -17.17 1.96 20.40
CA VAL H 50 -17.88 3.22 20.31
C VAL H 50 -18.70 3.46 21.58
N GLY H 51 -18.35 4.53 22.31
CA GLY H 51 -19.05 4.83 23.54
C GLY H 51 -20.26 5.70 23.22
N VAL H 52 -21.34 5.50 23.95
CA VAL H 52 -22.56 6.21 23.65
C VAL H 52 -23.19 6.67 24.96
N GLY H 53 -23.83 7.83 24.94
CA GLY H 53 -24.22 8.49 26.19
C GLY H 53 -25.49 8.03 26.89
N SER H 54 -26.43 7.50 26.11
CA SER H 54 -27.78 7.16 26.57
C SER H 54 -28.12 5.72 26.22
N GLU H 55 -28.83 5.02 27.11
CA GLU H 55 -29.32 3.67 26.80
C GLU H 55 -30.17 3.59 25.52
N ALA H 56 -30.91 4.65 25.24
CA ALA H 56 -31.74 4.71 24.05
C ALA H 56 -30.88 4.65 22.78
N SER H 57 -29.72 5.30 22.84
CA SER H 57 -28.88 5.45 21.68
C SER H 57 -28.18 4.12 21.39
N SER H 58 -27.96 3.35 22.45
CA SER H 58 -27.45 1.99 22.35
C SER H 58 -28.46 1.09 21.63
N LYS H 59 -29.73 1.22 21.99
CA LYS H 59 -30.78 0.44 21.33
C LYS H 59 -30.86 0.74 19.84
N LYS H 60 -30.69 2.01 19.48
CA LYS H 60 -30.82 2.42 18.08
C LYS H 60 -29.72 1.83 17.19
N LEU H 61 -28.51 1.76 17.74
CA LEU H 61 -27.37 1.20 17.03
C LEU H 61 -27.47 -0.32 16.89
N MET H 62 -27.95 -0.97 17.94
CA MET H 62 -28.11 -2.41 17.91
C MET H 62 -29.16 -2.80 16.89
N ASP H 63 -30.21 -2.00 16.77
CA ASP H 63 -31.31 -2.39 15.88
C ASP H 63 -31.13 -1.88 14.47
N LEU H 64 -30.47 -0.73 14.33
CA LEU H 64 -30.46 -0.03 13.05
C LEU H 64 -29.15 -0.05 12.26
N LEU H 65 -28.02 -0.02 12.95
CA LEU H 65 -26.74 0.07 12.25
C LEU H 65 -26.43 -1.13 11.34
N PRO H 66 -26.83 -2.35 11.74
CA PRO H 66 -26.58 -3.46 10.82
C PRO H 66 -27.36 -3.35 9.52
N LYS H 67 -28.32 -2.43 9.47
CA LYS H 67 -29.19 -2.36 8.31
C LYS H 67 -28.57 -1.54 7.20
N ARG H 68 -27.65 -0.66 7.55
CA ARG H 68 -27.05 0.25 6.57
C ARG H 68 -25.64 -0.21 6.23
N GLU H 69 -25.27 -0.19 4.96
CA GLU H 69 -23.96 -0.67 4.55
C GLU H 69 -22.91 0.43 4.54
N LEU H 70 -21.79 0.16 5.21
CA LEU H 70 -20.65 1.05 5.15
C LEU H 70 -19.59 0.42 4.27
N HIS H 71 -19.33 1.04 3.12
CA HIS H 71 -18.36 0.52 2.19
C HIS H 71 -18.69 -0.90 1.80
N GLY H 72 -19.96 -1.13 1.51
CA GLY H 72 -20.44 -2.42 1.06
C GLY H 72 -20.55 -3.48 2.15
N GLN H 73 -20.60 -3.07 3.41
CA GLN H 73 -20.65 -4.05 4.50
C GLN H 73 -21.52 -3.65 5.65
N ASN H 74 -22.26 -4.62 6.16
CA ASN H 74 -23.15 -4.37 7.28
C ASN H 74 -22.38 -4.47 8.56
N PRO H 75 -22.35 -3.39 9.32
CA PRO H 75 -21.64 -3.42 10.56
C PRO H 75 -22.25 -4.48 11.43
N VAL H 76 -21.46 -5.01 12.36
CA VAL H 76 -21.98 -5.90 13.36
C VAL H 76 -21.88 -5.19 14.69
N VAL H 77 -22.96 -5.22 15.46
CA VAL H 77 -22.97 -4.51 16.71
C VAL H 77 -23.02 -5.49 17.87
N THR H 78 -22.18 -5.30 18.85
CA THR H 78 -22.13 -6.22 19.98
C THR H 78 -21.98 -5.41 21.25
N PRO H 79 -23.00 -5.40 22.10
CA PRO H 79 -22.89 -4.60 23.33
C PRO H 79 -21.78 -5.07 24.25
N SER H 80 -21.12 -4.12 24.91
CA SER H 80 -20.05 -4.47 25.83
C SER H 80 -20.60 -4.90 27.19
N ASN H 81 -20.08 -6.00 27.71
CA ASN H 81 -20.46 -6.50 29.03
C ASN H 81 -19.33 -6.29 30.03
N LYS H 82 -18.68 -5.13 29.93
CA LYS H 82 -17.63 -4.75 30.88
C LYS H 82 -18.27 -3.85 31.94
N ARG I 1 30.79 -31.02 36.99
CA ARG I 1 30.07 -31.37 35.72
C ARG I 1 31.01 -31.99 34.69
N ILE I 2 30.88 -33.30 34.52
CA ILE I 2 31.64 -34.01 33.52
C ILE I 2 30.65 -34.51 32.48
N ALA I 3 30.94 -34.24 31.21
CA ALA I 3 30.03 -34.57 30.14
C ALA I 3 30.66 -35.60 29.22
N LEU I 4 29.91 -36.64 28.95
CA LEU I 4 30.37 -37.68 28.05
C LEU I 4 29.40 -37.76 26.89
N TYR I 5 29.98 -37.74 25.69
CA TYR I 5 29.24 -38.05 24.48
C TYR I 5 29.06 -39.54 24.38
N ILE I 6 27.83 -39.95 24.16
CA ILE I 6 27.52 -41.37 24.02
C ILE I 6 26.92 -41.61 22.65
N GLY I 7 27.71 -42.18 21.75
CA GLY I 7 27.32 -42.26 20.36
C GLY I 7 27.06 -43.68 19.97
N ASN I 8 26.86 -43.89 18.67
CA ASN I 8 26.57 -45.20 18.07
C ASN I 8 25.27 -45.82 18.56
N LEU I 9 24.29 -44.99 18.89
CA LEU I 9 22.99 -45.49 19.28
C LEU I 9 22.09 -45.61 18.07
N THR I 10 21.24 -46.63 18.07
CA THR I 10 20.22 -46.75 17.04
C THR I 10 19.22 -45.59 17.23
N TRP I 11 18.48 -45.26 16.17
CA TRP I 11 17.58 -44.13 16.23
C TRP I 11 16.37 -44.43 17.06
N TRP I 12 16.32 -45.64 17.60
CA TRP I 12 15.17 -45.99 18.41
C TRP I 12 15.57 -46.35 19.83
N THR I 13 16.81 -46.09 20.17
CA THR I 13 17.28 -46.25 21.52
C THR I 13 16.80 -45.06 22.32
N THR I 14 16.07 -45.32 23.40
CA THR I 14 15.44 -44.19 24.07
C THR I 14 16.22 -43.71 25.26
N ASP I 15 15.71 -42.66 25.87
CA ASP I 15 16.31 -42.09 27.05
C ASP I 15 16.04 -42.98 28.25
N GLU I 16 14.89 -43.66 28.26
CA GLU I 16 14.65 -44.68 29.28
C GLU I 16 15.77 -45.71 29.18
N ASP I 17 15.93 -46.24 27.96
CA ASP I 17 16.93 -47.25 27.61
C ASP I 17 18.31 -46.89 28.14
N LEU I 18 18.67 -45.64 27.92
CA LEU I 18 20.02 -45.19 28.12
C LEU I 18 20.19 -44.94 29.61
N THR I 19 19.09 -44.54 30.24
CA THR I 19 19.09 -44.33 31.67
C THR I 19 19.15 -45.66 32.43
N GLU I 20 18.30 -46.62 32.07
CA GLU I 20 18.38 -47.94 32.69
C GLU I 20 19.79 -48.51 32.55
N ALA I 21 20.43 -48.19 31.42
CA ALA I 21 21.73 -48.77 31.09
C ALA I 21 22.79 -48.15 31.97
N VAL I 22 22.80 -46.82 32.02
CA VAL I 22 23.70 -46.13 32.91
C VAL I 22 23.52 -46.51 34.39
N HIS I 23 22.29 -46.69 34.86
CA HIS I 23 22.14 -46.98 36.28
C HIS I 23 22.56 -48.38 36.59
N SER I 24 22.54 -49.24 35.59
CA SER I 24 22.74 -50.65 35.85
C SER I 24 24.23 -50.82 35.94
N LEU I 25 24.97 -49.77 35.64
CA LEU I 25 26.40 -49.79 35.85
C LEU I 25 26.76 -49.07 37.12
N GLY I 26 25.83 -48.95 38.05
CA GLY I 26 26.13 -48.33 39.35
C GLY I 26 26.49 -46.85 39.29
N VAL I 27 26.01 -46.15 38.27
CA VAL I 27 26.20 -44.72 38.22
C VAL I 27 24.93 -44.02 38.70
N ASN I 28 25.02 -43.27 39.79
CA ASN I 28 23.81 -42.66 40.35
C ASN I 28 23.79 -41.14 40.33
N ASP I 29 24.82 -40.53 39.77
CA ASP I 29 24.82 -39.07 39.68
C ASP I 29 24.54 -38.61 38.25
N ILE I 30 23.56 -39.22 37.60
CA ILE I 30 23.18 -38.76 36.29
C ILE I 30 22.68 -37.33 36.38
N LEU I 31 23.24 -36.45 35.57
CA LEU I 31 22.82 -35.06 35.66
C LEU I 31 21.73 -34.84 34.64
N GLU I 32 22.02 -35.13 33.39
CA GLU I 32 21.12 -34.72 32.34
C GLU I 32 21.48 -35.47 31.09
N ILE I 33 20.49 -35.87 30.32
CA ILE I 33 20.80 -36.58 29.11
C ILE I 33 20.22 -35.79 27.97
N LYS I 34 21.05 -35.37 27.03
CA LYS I 34 20.53 -34.58 25.93
C LYS I 34 20.73 -35.36 24.65
N PHE I 35 19.66 -35.57 23.89
CA PHE I 35 19.75 -36.31 22.66
C PHE I 35 19.91 -35.34 21.51
N PHE I 36 20.81 -35.64 20.59
CA PHE I 36 20.96 -34.81 19.40
C PHE I 36 19.98 -35.26 18.34
N GLU I 37 19.20 -34.31 17.82
CA GLU I 37 18.06 -34.65 16.96
C GLU I 37 18.00 -33.84 15.67
N ASN I 38 17.45 -34.46 14.63
CA ASN I 38 17.22 -33.80 13.35
C ASN I 38 15.99 -32.91 13.46
N ARG I 39 16.17 -31.60 13.27
CA ARG I 39 15.08 -30.65 13.43
C ARG I 39 13.91 -30.84 12.46
N ALA I 40 14.20 -31.29 11.25
CA ALA I 40 13.15 -31.52 10.26
C ALA I 40 12.30 -32.74 10.60
N ASN I 41 12.98 -33.77 11.09
CA ASN I 41 12.42 -35.10 11.30
C ASN I 41 11.92 -35.30 12.69
N GLY I 42 12.72 -34.80 13.62
CA GLY I 42 12.66 -35.28 14.99
C GLY I 42 13.43 -36.58 15.27
N GLN I 43 14.03 -37.17 14.24
CA GLN I 43 14.74 -38.42 14.40
C GLN I 43 16.02 -38.15 15.19
N SER I 44 16.46 -39.07 16.04
CA SER I 44 17.70 -38.82 16.75
C SER I 44 18.86 -39.07 15.82
N LYS I 45 19.89 -38.27 15.96
CA LYS I 45 21.07 -38.40 15.12
C LYS I 45 21.90 -39.62 15.54
N GLY I 46 21.50 -40.29 16.62
CA GLY I 46 22.17 -41.52 17.05
C GLY I 46 23.19 -41.34 18.16
N PHE I 47 23.30 -40.11 18.67
CA PHE I 47 24.20 -39.85 19.78
C PHE I 47 23.58 -38.91 20.81
N ALA I 48 24.16 -38.88 22.01
CA ALA I 48 23.56 -38.13 23.10
C ALA I 48 24.60 -37.62 24.06
N LEU I 49 24.31 -36.50 24.70
CA LEU I 49 25.23 -35.90 25.62
C LEU I 49 24.85 -36.20 27.05
N VAL I 50 25.72 -36.91 27.75
CA VAL I 50 25.41 -37.29 29.12
C VAL I 50 26.27 -36.58 30.14
N GLY I 51 25.60 -35.92 31.08
CA GLY I 51 26.28 -35.20 32.14
C GLY I 51 26.28 -36.07 33.37
N VAL I 52 27.42 -36.14 34.04
CA VAL I 52 27.60 -37.04 35.16
C VAL I 52 28.28 -36.28 36.29
N GLY I 53 27.95 -36.62 37.54
CA GLY I 53 28.38 -35.80 38.66
C GLY I 53 29.73 -36.11 39.27
N SER I 54 30.43 -37.12 38.75
CA SER I 54 31.69 -37.55 39.34
C SER I 54 32.64 -38.15 38.32
N GLU I 55 33.92 -37.98 38.57
CA GLU I 55 34.90 -38.58 37.70
C GLU I 55 34.84 -40.09 37.77
N ALA I 56 34.45 -40.64 38.91
CA ALA I 56 34.31 -42.08 39.04
C ALA I 56 33.23 -42.62 38.12
N SER I 57 32.19 -41.83 37.91
CA SER I 57 31.10 -42.23 37.04
C SER I 57 31.56 -42.20 35.60
N SER I 58 32.23 -41.11 35.22
CA SER I 58 32.80 -40.98 33.90
C SER I 58 33.61 -42.23 33.52
N LYS I 59 34.58 -42.58 34.35
CA LYS I 59 35.35 -43.81 34.14
C LYS I 59 34.47 -45.01 33.96
N LYS I 60 33.49 -45.18 34.84
CA LYS I 60 32.65 -46.36 34.68
C LYS I 60 31.90 -46.37 33.37
N LEU I 61 31.70 -45.22 32.74
CA LEU I 61 30.97 -45.20 31.50
C LEU I 61 31.90 -45.41 30.31
N MET I 62 33.05 -44.78 30.34
CA MET I 62 34.01 -44.92 29.29
C MET I 62 34.48 -46.33 29.19
N ASP I 63 34.48 -47.02 30.32
CA ASP I 63 35.09 -48.34 30.38
C ASP I 63 34.08 -49.47 30.27
N LEU I 64 32.92 -49.34 30.92
CA LEU I 64 31.96 -50.45 30.99
C LEU I 64 30.78 -50.38 30.04
N LEU I 65 30.38 -49.18 29.63
CA LEU I 65 29.21 -49.03 28.76
C LEU I 65 29.42 -49.57 27.33
N PRO I 66 30.62 -49.35 26.74
CA PRO I 66 30.84 -49.87 25.41
C PRO I 66 30.75 -51.39 25.34
N LYS I 67 30.85 -52.05 26.48
CA LYS I 67 30.91 -53.50 26.50
C LYS I 67 29.56 -54.16 26.26
N ARG I 68 28.48 -53.43 26.52
CA ARG I 68 27.14 -53.97 26.35
C ARG I 68 26.40 -53.42 25.12
N GLU I 69 25.43 -54.19 24.64
CA GLU I 69 24.62 -53.76 23.52
C GLU I 69 23.30 -53.11 23.97
N LEU I 70 22.89 -52.07 23.26
CA LEU I 70 21.54 -51.56 23.39
C LEU I 70 20.89 -51.67 22.05
N HIS I 71 19.87 -52.51 21.96
CA HIS I 71 19.24 -52.78 20.70
C HIS I 71 20.28 -53.22 19.67
N GLY I 72 21.18 -54.11 20.10
CA GLY I 72 22.13 -54.76 19.23
C GLY I 72 23.23 -53.85 18.72
N GLN I 73 23.43 -52.72 19.37
CA GLN I 73 24.58 -51.86 19.09
C GLN I 73 25.29 -51.41 20.34
N ASN I 74 26.60 -51.59 20.36
CA ASN I 74 27.40 -51.15 21.48
C ASN I 74 27.75 -49.66 21.36
N PRO I 75 27.37 -48.86 22.37
CA PRO I 75 27.63 -47.42 22.39
C PRO I 75 29.11 -47.11 22.45
N VAL I 76 29.49 -46.00 21.83
CA VAL I 76 30.86 -45.51 21.89
C VAL I 76 30.86 -44.28 22.79
N VAL I 77 31.79 -44.25 23.74
CA VAL I 77 31.82 -43.18 24.73
C VAL I 77 33.06 -42.31 24.57
N THR I 78 32.85 -41.02 24.39
CA THR I 78 33.94 -40.07 24.25
C THR I 78 33.76 -38.90 25.19
N PRO I 79 34.84 -38.53 25.91
CA PRO I 79 34.74 -37.41 26.85
C PRO I 79 34.51 -36.11 26.11
N SER I 80 33.74 -35.20 26.69
CA SER I 80 33.51 -33.87 26.10
C SER I 80 34.82 -33.14 25.84
N ARG J 1 -4.64 -20.24 -35.62
CA ARG J 1 -5.13 -19.64 -34.34
C ARG J 1 -4.56 -18.24 -34.08
N ILE J 2 -5.35 -17.43 -33.39
CA ILE J 2 -4.92 -16.12 -32.96
C ILE J 2 -5.08 -16.13 -31.48
N ALA J 3 -4.17 -15.49 -30.76
CA ALA J 3 -4.22 -15.64 -29.32
C ALA J 3 -4.26 -14.32 -28.56
N LEU J 4 -5.06 -14.30 -27.49
CA LEU J 4 -5.20 -13.11 -26.64
C LEU J 4 -5.13 -13.43 -25.14
N TYR J 5 -4.53 -12.49 -24.39
CA TYR J 5 -4.53 -12.57 -22.95
C TYR J 5 -5.75 -11.88 -22.38
N ILE J 6 -6.67 -12.62 -21.81
CA ILE J 6 -7.71 -11.95 -21.10
C ILE J 6 -7.18 -11.74 -19.71
N GLY J 7 -7.22 -10.52 -19.22
CA GLY J 7 -6.64 -10.24 -17.93
C GLY J 7 -7.58 -9.56 -16.98
N ASN J 8 -7.05 -9.27 -15.78
CA ASN J 8 -7.80 -8.67 -14.67
C ASN J 8 -8.97 -9.49 -14.13
N LEU J 9 -8.72 -10.78 -13.89
CA LEU J 9 -9.77 -11.70 -13.47
C LEU J 9 -9.64 -11.98 -11.98
N THR J 10 -10.75 -12.23 -11.29
CA THR J 10 -10.61 -12.68 -9.92
C THR J 10 -10.05 -14.08 -9.99
N TRP J 11 -9.52 -14.58 -8.88
CA TRP J 11 -8.89 -15.88 -8.86
C TRP J 11 -9.90 -16.99 -8.75
N TRP J 12 -11.17 -16.60 -8.75
CA TRP J 12 -12.25 -17.58 -8.83
C TRP J 12 -13.06 -17.42 -10.10
N THR J 13 -12.46 -16.77 -11.09
CA THR J 13 -13.05 -16.72 -12.41
C THR J 13 -12.58 -17.95 -13.16
N THR J 14 -13.54 -18.72 -13.64
CA THR J 14 -13.24 -20.06 -14.10
C THR J 14 -13.34 -20.14 -15.61
N ASP J 15 -12.99 -21.28 -16.18
CA ASP J 15 -13.07 -21.44 -17.63
C ASP J 15 -14.51 -21.36 -18.11
N GLU J 16 -15.44 -21.69 -17.22
CA GLU J 16 -16.83 -21.68 -17.60
C GLU J 16 -17.29 -20.27 -17.58
N ASP J 17 -16.93 -19.57 -16.53
CA ASP J 17 -17.32 -18.18 -16.48
C ASP J 17 -16.77 -17.44 -17.70
N LEU J 18 -15.69 -17.95 -18.28
CA LEU J 18 -14.95 -17.18 -19.26
C LEU J 18 -15.50 -17.55 -20.61
N THR J 19 -15.68 -18.84 -20.77
CA THR J 19 -16.30 -19.39 -21.95
C THR J 19 -17.71 -18.85 -22.13
N GLU J 20 -18.48 -18.85 -21.05
CA GLU J 20 -19.84 -18.37 -21.07
C GLU J 20 -19.89 -16.89 -21.38
N ALA J 21 -18.76 -16.19 -21.25
CA ALA J 21 -18.78 -14.76 -21.49
C ALA J 21 -18.47 -14.54 -22.96
N VAL J 22 -17.43 -15.22 -23.40
CA VAL J 22 -16.99 -15.17 -24.78
C VAL J 22 -18.10 -15.59 -25.76
N HIS J 23 -18.81 -16.69 -25.48
CA HIS J 23 -19.90 -17.10 -26.35
C HIS J 23 -20.97 -16.01 -26.41
N SER J 24 -21.45 -15.57 -25.25
CA SER J 24 -22.46 -14.54 -25.23
C SER J 24 -22.05 -13.33 -26.06
N LEU J 25 -20.77 -13.23 -26.42
CA LEU J 25 -20.31 -12.14 -27.28
C LEU J 25 -20.50 -12.51 -28.74
N GLY J 26 -20.92 -13.74 -28.97
CA GLY J 26 -21.12 -14.20 -30.34
C GLY J 26 -19.91 -14.96 -30.83
N VAL J 27 -18.81 -14.86 -30.10
CA VAL J 27 -17.66 -15.70 -30.42
C VAL J 27 -18.00 -17.15 -30.12
N ASN J 28 -17.91 -17.99 -31.14
CA ASN J 28 -18.10 -19.41 -30.97
C ASN J 28 -17.03 -20.19 -31.66
N ASP J 29 -15.88 -19.56 -31.90
CA ASP J 29 -14.73 -20.31 -32.38
C ASP J 29 -13.56 -20.27 -31.41
N ILE J 30 -13.84 -20.55 -30.13
CA ILE J 30 -12.87 -20.51 -29.05
C ILE J 30 -12.11 -21.76 -29.08
N LEU J 31 -10.79 -21.67 -29.08
CA LEU J 31 -9.97 -22.85 -29.29
C LEU J 31 -9.54 -23.45 -27.97
N GLU J 32 -8.57 -22.82 -27.31
CA GLU J 32 -8.13 -23.34 -26.05
C GLU J 32 -8.11 -22.22 -25.03
N ILE J 33 -8.30 -22.58 -23.78
CA ILE J 33 -8.22 -21.63 -22.67
C ILE J 33 -7.18 -22.10 -21.67
N LYS J 34 -6.25 -21.24 -21.31
CA LYS J 34 -5.27 -21.65 -20.34
C LYS J 34 -4.98 -20.55 -19.36
N PHE J 35 -5.01 -20.91 -18.08
CA PHE J 35 -4.83 -19.93 -17.02
C PHE J 35 -3.39 -19.95 -16.54
N PHE J 36 -2.87 -18.81 -16.12
CA PHE J 36 -1.55 -18.80 -15.51
C PHE J 36 -1.70 -18.96 -14.02
N GLU J 37 -0.85 -19.80 -13.44
CA GLU J 37 -1.08 -20.21 -12.05
C GLU J 37 0.21 -20.24 -11.24
N ASN J 38 0.09 -20.02 -9.94
CA ASN J 38 1.20 -20.28 -9.04
C ASN J 38 1.39 -21.79 -8.98
N ARG J 39 2.62 -22.25 -9.19
CA ARG J 39 2.88 -23.67 -9.20
C ARG J 39 2.81 -24.24 -7.79
N ALA J 40 3.02 -23.40 -6.78
CA ALA J 40 2.93 -23.83 -5.38
C ALA J 40 1.50 -24.12 -4.91
N ASN J 41 0.56 -23.24 -5.26
CA ASN J 41 -0.86 -23.28 -4.83
C ASN J 41 -1.81 -23.92 -5.80
N GLY J 42 -1.56 -23.64 -7.07
CA GLY J 42 -2.53 -23.82 -8.11
C GLY J 42 -3.46 -22.64 -8.19
N GLN J 43 -3.13 -21.53 -7.55
CA GLN J 43 -4.03 -20.39 -7.56
C GLN J 43 -3.97 -19.69 -8.91
N SER J 44 -5.12 -19.32 -9.45
CA SER J 44 -5.09 -18.53 -10.69
C SER J 44 -4.42 -17.21 -10.44
N LYS J 45 -3.65 -16.74 -11.40
CA LYS J 45 -2.92 -15.50 -11.26
C LYS J 45 -3.78 -14.32 -11.71
N GLY J 46 -4.92 -14.60 -12.31
CA GLY J 46 -5.81 -13.52 -12.73
C GLY J 46 -5.80 -13.20 -14.22
N PHE J 47 -4.95 -13.89 -14.97
CA PHE J 47 -4.99 -13.74 -16.40
C PHE J 47 -4.86 -15.07 -17.12
N ALA J 48 -5.47 -15.16 -18.29
CA ALA J 48 -5.38 -16.36 -19.09
C ALA J 48 -5.08 -16.00 -20.51
N LEU J 49 -4.62 -16.99 -21.26
CA LEU J 49 -4.47 -16.89 -22.69
C LEU J 49 -5.65 -17.61 -23.35
N VAL J 50 -6.40 -16.92 -24.19
CA VAL J 50 -7.47 -17.58 -24.87
C VAL J 50 -7.12 -17.71 -26.35
N GLY J 51 -7.41 -18.87 -26.91
CA GLY J 51 -7.20 -19.10 -28.32
C GLY J 51 -8.50 -18.84 -29.06
N VAL J 52 -8.40 -18.30 -30.26
CA VAL J 52 -9.57 -18.03 -31.05
C VAL J 52 -9.25 -18.34 -32.50
N GLY J 53 -10.25 -18.65 -33.30
CA GLY J 53 -9.99 -19.06 -34.68
C GLY J 53 -9.94 -17.96 -35.73
N SER J 54 -10.64 -16.86 -35.49
CA SER J 54 -10.84 -15.87 -36.54
C SER J 54 -10.53 -14.45 -36.11
N GLU J 55 -9.98 -13.66 -37.03
CA GLU J 55 -9.65 -12.26 -36.75
C GLU J 55 -10.87 -11.46 -36.29
N ALA J 56 -12.06 -11.88 -36.71
CA ALA J 56 -13.27 -11.19 -36.29
C ALA J 56 -13.54 -11.45 -34.80
N SER J 57 -13.33 -12.70 -34.39
CA SER J 57 -13.46 -13.11 -32.98
C SER J 57 -12.45 -12.34 -32.14
N SER J 58 -11.20 -12.33 -32.59
CA SER J 58 -10.18 -11.51 -31.95
C SER J 58 -10.72 -10.11 -31.68
N LYS J 59 -11.36 -9.51 -32.68
CA LYS J 59 -11.85 -8.13 -32.57
C LYS J 59 -13.04 -8.03 -31.63
N LYS J 60 -13.92 -9.01 -31.71
CA LYS J 60 -15.06 -9.04 -30.81
C LYS J 60 -14.61 -9.03 -29.36
N LEU J 61 -13.63 -9.87 -29.04
CA LEU J 61 -13.12 -9.93 -27.66
C LEU J 61 -12.46 -8.64 -27.17
N MET J 62 -11.64 -8.00 -28.02
CA MET J 62 -11.01 -6.73 -27.65
C MET J 62 -11.95 -5.54 -27.57
N ASP J 63 -13.02 -5.57 -28.36
CA ASP J 63 -13.95 -4.46 -28.35
C ASP J 63 -14.99 -4.65 -27.28
N LEU J 64 -15.52 -5.87 -27.21
CA LEU J 64 -16.67 -6.09 -26.34
C LEU J 64 -16.38 -6.60 -24.92
N LEU J 65 -15.44 -7.52 -24.79
CA LEU J 65 -15.20 -8.15 -23.50
C LEU J 65 -14.97 -7.15 -22.37
N PRO J 66 -14.18 -6.09 -22.63
CA PRO J 66 -13.96 -5.12 -21.57
C PRO J 66 -15.20 -4.39 -21.04
N LYS J 67 -16.35 -4.58 -21.69
CA LYS J 67 -17.60 -3.92 -21.25
C LYS J 67 -18.39 -4.75 -20.23
N ARG J 68 -18.45 -6.06 -20.43
CA ARG J 68 -19.11 -6.95 -19.46
C ARG J 68 -18.32 -7.00 -18.14
N GLU J 69 -18.97 -7.34 -17.03
CA GLU J 69 -18.27 -7.56 -15.77
C GLU J 69 -18.26 -9.03 -15.47
N LEU J 70 -17.13 -9.53 -15.00
CA LEU J 70 -17.06 -10.91 -14.53
C LEU J 70 -16.80 -10.83 -13.05
N HIS J 71 -17.64 -11.45 -12.25
CA HIS J 71 -17.48 -11.34 -10.80
C HIS J 71 -17.03 -9.95 -10.41
N GLY J 72 -17.74 -8.96 -10.92
CA GLY J 72 -17.54 -7.57 -10.55
C GLY J 72 -16.25 -6.96 -11.05
N GLN J 73 -15.76 -7.43 -12.20
CA GLN J 73 -14.49 -6.92 -12.73
C GLN J 73 -14.47 -6.94 -14.24
N ASN J 74 -14.06 -5.84 -14.84
CA ASN J 74 -13.96 -5.80 -16.30
C ASN J 74 -12.63 -6.34 -16.78
N PRO J 75 -12.67 -7.44 -17.52
CA PRO J 75 -11.47 -8.10 -18.01
C PRO J 75 -10.60 -7.16 -18.86
N VAL J 76 -9.31 -7.45 -18.97
CA VAL J 76 -8.43 -6.67 -19.83
C VAL J 76 -7.89 -7.59 -20.91
N VAL J 77 -8.24 -7.30 -22.17
CA VAL J 77 -7.85 -8.14 -23.30
C VAL J 77 -6.64 -7.52 -23.99
N THR J 78 -5.69 -8.37 -24.35
CA THR J 78 -4.47 -7.88 -24.96
C THR J 78 -3.92 -8.95 -25.91
N PRO J 79 -3.66 -8.58 -27.18
CA PRO J 79 -3.23 -9.52 -28.20
C PRO J 79 -1.83 -10.07 -27.99
N SER J 80 -1.63 -11.30 -28.41
CA SER J 80 -0.33 -11.93 -28.34
C SER J 80 0.44 -11.46 -29.56
N ASN J 81 1.72 -11.15 -29.41
CA ASN J 81 2.46 -10.53 -30.51
C ASN J 81 3.95 -10.82 -30.43
N ILE K 2 -1.18 -0.52 -40.63
CA ILE K 2 -0.15 0.48 -41.02
C ILE K 2 -0.32 1.80 -40.23
N ALA K 3 0.67 2.14 -39.42
CA ALA K 3 0.51 3.26 -38.53
C ALA K 3 1.79 4.03 -38.49
N LEU K 4 1.72 5.35 -38.48
CA LEU K 4 2.93 6.15 -38.50
C LEU K 4 2.86 7.28 -37.48
N TYR K 5 4.01 7.66 -36.93
CA TYR K 5 4.13 8.90 -36.17
C TYR K 5 4.45 10.05 -37.08
N ILE K 6 3.72 11.13 -36.89
CA ILE K 6 4.00 12.33 -37.62
C ILE K 6 4.41 13.29 -36.55
N GLY K 7 5.67 13.69 -36.56
CA GLY K 7 6.19 14.51 -35.49
C GLY K 7 6.70 15.85 -35.99
N ASN K 8 7.19 16.66 -35.08
CA ASN K 8 7.65 17.98 -35.43
C ASN K 8 6.51 18.90 -35.89
N LEU K 9 5.35 18.75 -35.26
CA LEU K 9 4.22 19.59 -35.57
C LEU K 9 4.27 20.69 -34.56
N THR K 10 3.65 21.81 -34.89
CA THR K 10 3.41 22.89 -33.94
C THR K 10 2.22 22.56 -33.08
N TRP K 11 2.07 23.25 -31.96
CA TRP K 11 0.92 22.98 -31.09
C TRP K 11 -0.38 23.60 -31.60
N TRP K 12 -0.35 24.19 -32.78
CA TRP K 12 -1.58 24.69 -33.41
C TRP K 12 -1.82 24.03 -34.77
N THR K 13 -1.18 22.89 -34.96
CA THR K 13 -1.44 22.09 -36.14
C THR K 13 -2.62 21.14 -35.87
N THR K 14 -3.73 21.37 -36.56
CA THR K 14 -4.95 20.68 -36.20
C THR K 14 -5.01 19.36 -36.92
N ASP K 15 -6.00 18.55 -36.58
CA ASP K 15 -6.20 17.27 -37.24
C ASP K 15 -6.64 17.58 -38.64
N GLU K 16 -7.11 18.82 -38.84
CA GLU K 16 -7.64 19.22 -40.14
C GLU K 16 -6.50 19.58 -41.06
N ASP K 17 -5.54 20.34 -40.54
CA ASP K 17 -4.33 20.58 -41.30
C ASP K 17 -3.76 19.23 -41.69
N LEU K 18 -3.77 18.29 -40.76
CA LEU K 18 -3.05 17.04 -40.98
C LEU K 18 -3.72 16.27 -42.08
N THR K 19 -5.01 16.52 -42.25
CA THR K 19 -5.79 15.77 -43.21
C THR K 19 -5.73 16.39 -44.60
N GLU K 20 -5.98 17.70 -44.67
CA GLU K 20 -5.82 18.42 -45.93
C GLU K 20 -4.47 18.04 -46.51
N ALA K 21 -3.44 18.09 -45.66
CA ALA K 21 -2.09 17.73 -46.07
C ALA K 21 -1.97 16.31 -46.64
N VAL K 22 -2.53 15.33 -45.94
CA VAL K 22 -2.44 13.93 -46.36
C VAL K 22 -3.25 13.65 -47.62
N HIS K 23 -4.34 14.37 -47.84
CA HIS K 23 -5.07 14.18 -49.09
C HIS K 23 -4.31 14.83 -50.24
N SER K 24 -3.88 16.07 -50.05
CA SER K 24 -3.10 16.78 -51.05
C SER K 24 -1.90 15.96 -51.52
N LEU K 25 -1.68 14.80 -50.89
CA LEU K 25 -0.66 13.87 -51.31
C LEU K 25 -1.30 12.69 -51.97
N GLY K 26 -2.62 12.73 -52.09
CA GLY K 26 -3.36 11.64 -52.70
C GLY K 26 -3.36 10.38 -51.85
N VAL K 27 -3.30 10.57 -50.52
CA VAL K 27 -3.56 9.48 -49.60
C VAL K 27 -5.01 9.64 -49.25
N ASN K 28 -5.78 8.57 -49.41
CA ASN K 28 -7.21 8.73 -49.38
C ASN K 28 -7.75 7.57 -48.61
N ASP K 29 -7.12 7.31 -47.50
CA ASP K 29 -7.64 6.28 -46.65
C ASP K 29 -7.09 6.44 -45.26
N ILE K 30 -7.45 7.51 -44.56
CA ILE K 30 -6.92 7.65 -43.23
C ILE K 30 -7.80 6.89 -42.27
N LEU K 31 -7.18 6.13 -41.37
CA LEU K 31 -7.92 5.33 -40.40
C LEU K 31 -8.30 6.16 -39.18
N GLU K 32 -7.32 6.87 -38.60
CA GLU K 32 -7.59 7.97 -37.66
C GLU K 32 -6.34 8.71 -37.22
N ILE K 33 -6.54 9.76 -36.46
CA ILE K 33 -5.43 10.59 -36.00
C ILE K 33 -5.49 10.76 -34.50
N LYS K 34 -4.69 9.99 -33.78
CA LYS K 34 -4.59 10.19 -32.33
C LYS K 34 -3.47 11.19 -32.05
N PHE K 35 -3.81 12.33 -31.47
CA PHE K 35 -2.79 13.26 -31.02
C PHE K 35 -2.24 12.87 -29.67
N PHE K 36 -1.01 13.31 -29.40
CA PHE K 36 -0.39 13.11 -28.11
C PHE K 36 -0.38 14.43 -27.37
N GLU K 37 -1.17 14.49 -26.31
CA GLU K 37 -1.33 15.75 -25.63
C GLU K 37 -0.86 15.62 -24.21
N ASN K 38 -0.61 16.73 -23.55
CA ASN K 38 -0.34 16.63 -22.14
C ASN K 38 -1.66 16.79 -21.38
N ARG K 39 -1.90 15.88 -20.43
CA ARG K 39 -3.24 15.70 -19.89
C ARG K 39 -3.62 16.80 -18.93
N ALA K 40 -2.64 17.49 -18.38
CA ALA K 40 -2.96 18.59 -17.49
C ALA K 40 -3.47 19.85 -18.20
N ASN K 41 -3.27 19.95 -19.50
CA ASN K 41 -3.28 21.20 -20.24
C ASN K 41 -4.20 21.15 -21.41
N GLY K 42 -4.16 20.01 -22.08
CA GLY K 42 -4.78 19.89 -23.38
C GLY K 42 -3.78 20.10 -24.49
N GLN K 43 -2.74 20.92 -24.25
CA GLN K 43 -1.74 21.25 -25.26
C GLN K 43 -1.22 20.00 -25.93
N SER K 44 -1.06 20.03 -27.25
CA SER K 44 -0.47 18.88 -27.91
C SER K 44 1.05 18.86 -27.78
N LYS K 45 1.60 17.66 -27.73
CA LYS K 45 3.02 17.49 -27.66
C LYS K 45 3.65 17.73 -29.02
N GLY K 46 2.83 18.06 -30.00
CA GLY K 46 3.35 18.37 -31.31
C GLY K 46 3.64 17.15 -32.16
N PHE K 47 3.12 16.00 -31.75
CA PHE K 47 3.19 14.82 -32.62
C PHE K 47 1.95 13.94 -32.53
N ALA K 48 1.71 13.18 -33.59
CA ALA K 48 0.50 12.39 -33.63
C ALA K 48 0.80 11.00 -34.16
N LEU K 49 -0.09 10.05 -33.86
CA LEU K 49 0.04 8.71 -34.41
C LEU K 49 -1.10 8.52 -35.41
N VAL K 50 -0.76 8.14 -36.62
CA VAL K 50 -1.76 8.13 -37.71
C VAL K 50 -1.94 6.73 -38.30
N GLY K 51 -3.19 6.40 -38.58
CA GLY K 51 -3.52 5.11 -39.16
C GLY K 51 -3.81 5.22 -40.63
N VAL K 52 -3.12 4.39 -41.40
CA VAL K 52 -3.24 4.46 -42.85
C VAL K 52 -3.72 3.13 -43.46
N GLY K 53 -4.39 3.23 -44.61
CA GLY K 53 -5.10 2.07 -45.17
C GLY K 53 -4.32 1.16 -46.09
N SER K 54 -3.02 1.40 -46.26
CA SER K 54 -2.31 0.65 -47.27
C SER K 54 -0.85 1.02 -47.22
N GLU K 55 0.03 0.07 -47.45
CA GLU K 55 1.44 0.39 -47.35
C GLU K 55 1.76 1.38 -48.45
N ALA K 56 0.79 1.58 -49.33
CA ALA K 56 0.97 2.41 -50.52
C ALA K 56 0.89 3.86 -50.10
N SER K 57 -0.01 4.11 -49.17
CA SER K 57 -0.21 5.45 -48.67
C SER K 57 0.84 5.68 -47.59
N SER K 58 1.32 4.60 -47.00
CA SER K 58 2.31 4.73 -45.98
C SER K 58 3.60 5.16 -46.64
N LYS K 59 4.03 4.39 -47.64
CA LYS K 59 5.25 4.74 -48.36
C LYS K 59 5.19 6.21 -48.77
N LYS K 60 4.03 6.62 -49.27
CA LYS K 60 3.84 7.97 -49.75
C LYS K 60 4.18 8.97 -48.64
N LEU K 61 3.52 8.83 -47.49
CA LEU K 61 3.75 9.74 -46.37
C LEU K 61 5.20 9.78 -45.93
N MET K 62 5.83 8.62 -45.88
CA MET K 62 7.22 8.51 -45.43
C MET K 62 8.13 9.44 -46.24
N ASP K 63 7.90 9.48 -47.55
CA ASP K 63 8.77 10.20 -48.48
C ASP K 63 8.24 11.59 -48.83
N LEU K 64 6.94 11.70 -49.06
CA LEU K 64 6.37 12.95 -49.57
C LEU K 64 6.11 14.01 -48.50
N LEU K 65 5.62 13.59 -47.33
CA LEU K 65 5.10 14.53 -46.33
C LEU K 65 6.12 15.43 -45.66
N PRO K 66 7.32 14.90 -45.38
CA PRO K 66 8.29 15.78 -44.76
C PRO K 66 8.69 16.93 -45.67
N LYS K 67 8.36 16.83 -46.97
CA LYS K 67 8.82 17.83 -47.93
C LYS K 67 8.00 19.12 -47.92
N ARG K 68 6.78 19.03 -47.39
CA ARG K 68 5.89 20.18 -47.23
C ARG K 68 6.00 20.74 -45.80
N GLU K 69 6.00 22.06 -45.67
CA GLU K 69 5.85 22.72 -44.36
C GLU K 69 4.38 22.82 -43.99
N LEU K 70 4.07 22.74 -42.70
CA LEU K 70 2.67 22.80 -42.26
C LEU K 70 2.28 24.11 -41.60
N HIS K 71 3.02 24.55 -40.61
CA HIS K 71 2.80 25.91 -40.18
C HIS K 71 4.15 26.53 -40.03
N GLY K 72 4.94 26.42 -41.10
CA GLY K 72 6.31 26.85 -41.07
C GLY K 72 7.21 25.78 -40.51
N GLN K 73 6.71 24.56 -40.41
CA GLN K 73 7.51 23.48 -39.85
C GLN K 73 7.28 22.24 -40.64
N ASN K 74 8.35 21.52 -40.95
CA ASN K 74 8.25 20.34 -41.78
C ASN K 74 8.15 19.07 -40.94
N PRO K 75 7.02 18.35 -41.04
CA PRO K 75 6.81 17.18 -40.21
C PRO K 75 7.84 16.08 -40.43
N VAL K 76 8.14 15.34 -39.38
CA VAL K 76 9.03 14.20 -39.46
C VAL K 76 8.15 12.94 -39.40
N VAL K 77 8.34 12.02 -40.34
CA VAL K 77 7.50 10.82 -40.40
C VAL K 77 8.29 9.55 -40.11
N THR K 78 8.13 9.04 -38.91
CA THR K 78 8.78 7.80 -38.51
C THR K 78 7.75 6.67 -38.44
N PRO K 79 8.18 5.43 -38.71
CA PRO K 79 7.22 4.33 -38.68
C PRO K 79 7.14 3.66 -37.31
N SER K 80 5.92 3.26 -36.91
CA SER K 80 5.64 2.68 -35.59
C SER K 80 6.49 1.46 -35.24
N ALA L 3 -2.89 37.08 27.22
CA ALA L 3 -3.61 36.34 26.13
C ALA L 3 -4.22 35.02 26.60
N LEU L 4 -5.30 34.61 25.96
CA LEU L 4 -5.94 33.35 26.32
C LEU L 4 -6.22 32.60 25.03
N TYR L 5 -6.55 31.32 25.14
CA TYR L 5 -6.98 30.56 23.98
C TYR L 5 -8.44 30.26 24.16
N ILE L 6 -9.26 30.81 23.27
CA ILE L 6 -10.69 30.54 23.32
C ILE L 6 -11.01 29.58 22.22
N GLY L 7 -11.66 28.47 22.58
CA GLY L 7 -11.70 27.31 21.71
C GLY L 7 -13.06 26.70 21.61
N ASN L 8 -13.14 25.53 21.00
CA ASN L 8 -14.41 24.90 20.79
C ASN L 8 -15.47 25.82 20.14
N LEU L 9 -15.07 26.55 19.10
CA LEU L 9 -16.00 27.38 18.38
C LEU L 9 -16.43 26.75 17.06
N THR L 10 -17.51 27.28 16.49
CA THR L 10 -17.90 26.93 15.13
C THR L 10 -17.02 27.67 14.14
N TRP L 11 -16.97 27.18 12.90
CA TRP L 11 -16.14 27.85 11.93
C TRP L 11 -16.76 29.14 11.41
N TRP L 12 -17.95 29.47 11.92
CA TRP L 12 -18.62 30.71 11.58
C TRP L 12 -18.76 31.66 12.75
N THR L 13 -17.94 31.49 13.77
CA THR L 13 -17.95 32.39 14.89
C THR L 13 -16.94 33.51 14.65
N THR L 14 -17.39 34.74 14.69
CA THR L 14 -16.54 35.84 14.20
C THR L 14 -15.85 36.65 15.25
N ASP L 15 -15.01 37.56 14.80
CA ASP L 15 -14.34 38.43 15.74
C ASP L 15 -15.39 39.31 16.44
N GLU L 16 -16.38 39.74 15.66
CA GLU L 16 -17.56 40.39 16.20
C GLU L 16 -18.26 39.51 17.22
N ASP L 17 -18.66 38.31 16.81
CA ASP L 17 -19.23 37.36 17.74
C ASP L 17 -18.48 37.32 19.07
N LEU L 18 -17.17 37.41 19.03
CA LEU L 18 -16.39 37.36 20.26
C LEU L 18 -16.43 38.69 20.98
N THR L 19 -15.91 39.74 20.34
CA THR L 19 -15.92 41.08 20.92
C THR L 19 -17.21 41.42 21.68
N GLU L 20 -18.33 40.88 21.24
CA GLU L 20 -19.62 41.16 21.87
C GLU L 20 -19.79 40.32 23.13
N ALA L 21 -19.58 39.02 23.00
CA ALA L 21 -19.63 38.12 24.16
C ALA L 21 -18.61 38.51 25.23
N VAL L 22 -17.45 38.98 24.81
CA VAL L 22 -16.39 39.38 25.72
C VAL L 22 -16.70 40.74 26.34
N HIS L 23 -17.28 41.64 25.54
CA HIS L 23 -17.66 42.95 26.04
C HIS L 23 -18.86 42.88 26.99
N SER L 24 -19.73 41.91 26.76
CA SER L 24 -20.92 41.73 27.60
C SER L 24 -20.62 41.09 28.96
N LEU L 25 -19.36 40.70 29.17
CA LEU L 25 -18.94 40.19 30.47
C LEU L 25 -18.11 41.23 31.25
N GLY L 26 -18.04 42.44 30.75
CA GLY L 26 -17.39 43.49 31.49
C GLY L 26 -15.92 43.61 31.16
N VAL L 27 -15.53 42.98 30.06
CA VAL L 27 -14.18 43.14 29.54
C VAL L 27 -14.09 44.26 28.50
N ASN L 28 -13.55 45.40 28.91
CA ASN L 28 -13.29 46.51 28.00
C ASN L 28 -11.80 46.58 27.66
N ASP L 29 -11.04 45.58 28.09
CA ASP L 29 -9.57 45.59 28.01
C ASP L 29 -8.96 44.80 26.84
N ILE L 30 -9.80 44.17 26.02
CA ILE L 30 -9.34 43.29 24.93
C ILE L 30 -8.60 43.95 23.78
N LEU L 31 -7.41 43.44 23.47
CA LEU L 31 -6.54 44.15 22.51
C LEU L 31 -6.68 43.72 21.04
N GLU L 32 -6.05 42.61 20.66
CA GLU L 32 -6.23 42.09 19.30
C GLU L 32 -6.39 40.57 19.32
N ILE L 33 -7.06 40.02 18.32
CA ILE L 33 -7.41 38.62 18.38
C ILE L 33 -7.16 37.95 17.04
N LYS L 34 -6.60 36.75 17.08
CA LYS L 34 -6.11 36.05 15.89
C LYS L 34 -6.78 34.70 15.79
N PHE L 35 -7.38 34.41 14.66
CA PHE L 35 -7.97 33.11 14.49
C PHE L 35 -6.97 32.14 13.91
N PHE L 36 -7.14 30.86 14.21
CA PHE L 36 -6.30 29.84 13.63
C PHE L 36 -7.02 29.18 12.47
N GLU L 37 -6.44 29.31 11.29
CA GLU L 37 -7.14 28.99 10.06
C GLU L 37 -6.47 27.85 9.32
N ASN L 38 -7.27 27.05 8.63
CA ASN L 38 -6.80 26.11 7.61
C ASN L 38 -6.26 26.89 6.43
N ARG L 39 -4.95 26.87 6.23
CA ARG L 39 -4.37 27.80 5.31
C ARG L 39 -4.66 27.56 3.85
N ALA L 40 -5.30 26.47 3.51
CA ALA L 40 -5.45 26.15 2.13
C ALA L 40 -6.74 26.65 1.63
N ASN L 41 -7.67 26.88 2.67
CA ASN L 41 -8.97 27.19 2.22
C ASN L 41 -9.61 28.34 2.89
N GLY L 42 -9.10 28.63 4.12
CA GLY L 42 -9.49 29.86 4.74
C GLY L 42 -10.22 29.66 6.02
N GLN L 43 -10.76 28.48 6.20
CA GLN L 43 -11.74 28.11 7.22
C GLN L 43 -11.11 28.21 8.59
N SER L 44 -11.84 28.74 9.58
CA SER L 44 -11.29 28.82 10.93
C SER L 44 -11.23 27.43 11.54
N LYS L 45 -10.19 27.18 12.34
CA LYS L 45 -9.94 25.83 12.82
C LYS L 45 -10.84 25.50 14.01
N GLY L 46 -11.29 26.54 14.71
CA GLY L 46 -12.27 26.34 15.76
C GLY L 46 -11.84 27.07 17.01
N PHE L 47 -10.65 27.63 16.99
CA PHE L 47 -10.19 28.32 18.19
C PHE L 47 -9.45 29.62 17.88
N ALA L 48 -9.20 30.43 18.89
CA ALA L 48 -8.45 31.65 18.66
C ALA L 48 -7.63 32.11 19.87
N LEU L 49 -6.71 33.02 19.62
CA LEU L 49 -5.86 33.57 20.66
C LEU L 49 -6.25 35.00 20.94
N VAL L 50 -7.02 35.21 22.01
CA VAL L 50 -7.50 36.54 22.37
C VAL L 50 -6.54 37.23 23.34
N GLY L 51 -6.06 38.41 22.94
CA GLY L 51 -5.08 39.16 23.72
C GLY L 51 -5.71 40.23 24.60
N VAL L 52 -5.77 39.95 25.91
CA VAL L 52 -6.42 40.83 26.87
C VAL L 52 -5.41 41.67 27.69
N GLY L 53 -5.88 42.80 28.21
CA GLY L 53 -5.01 43.75 28.90
C GLY L 53 -4.95 43.72 30.44
N SER L 54 -5.65 42.79 31.06
CA SER L 54 -5.57 42.67 32.52
C SER L 54 -5.90 41.26 33.00
N GLU L 55 -5.13 40.78 33.96
CA GLU L 55 -5.39 39.47 34.56
C GLU L 55 -6.79 39.48 35.13
N ALA L 56 -7.31 40.68 35.34
CA ALA L 56 -8.65 40.85 35.87
C ALA L 56 -9.65 40.38 34.82
N SER L 57 -9.55 40.97 33.63
CA SER L 57 -10.32 40.53 32.47
C SER L 57 -10.14 39.04 32.21
N SER L 58 -8.92 38.54 32.46
CA SER L 58 -8.55 37.15 32.20
C SER L 58 -9.30 36.15 33.07
N LYS L 59 -9.51 36.50 34.33
CA LYS L 59 -10.27 35.65 35.25
C LYS L 59 -11.75 35.68 34.88
N LYS L 60 -12.19 36.87 34.45
CA LYS L 60 -13.58 37.09 34.11
C LYS L 60 -13.99 36.18 32.97
N LEU L 61 -13.12 36.09 31.95
CA LEU L 61 -13.33 35.20 30.80
C LEU L 61 -13.19 33.75 31.18
N MET L 62 -12.12 33.45 31.93
CA MET L 62 -11.90 32.10 32.45
C MET L 62 -13.14 31.60 33.20
N ASP L 63 -13.78 32.48 33.96
CA ASP L 63 -14.92 32.11 34.82
C ASP L 63 -16.22 31.92 34.07
N LEU L 64 -16.70 33.04 33.52
CA LEU L 64 -18.07 33.10 32.98
C LEU L 64 -18.25 32.82 31.47
N LEU L 65 -17.20 33.03 30.68
CA LEU L 65 -17.29 32.83 29.23
C LEU L 65 -17.74 31.41 28.85
N PRO L 66 -17.15 30.38 29.47
CA PRO L 66 -17.60 29.01 29.21
C PRO L 66 -19.06 28.80 29.59
N LYS L 67 -19.68 29.87 30.07
CA LYS L 67 -21.00 29.85 30.69
C LYS L 67 -22.06 30.20 29.65
N ARG L 68 -21.75 31.25 28.88
CA ARG L 68 -22.59 31.71 27.78
C ARG L 68 -22.34 30.85 26.53
N GLU L 69 -23.40 30.54 25.78
CA GLU L 69 -23.28 29.79 24.53
C GLU L 69 -23.08 30.70 23.30
N LEU L 70 -22.18 30.31 22.40
CA LEU L 70 -22.03 30.99 21.10
C LEU L 70 -22.39 30.05 19.96
N HIS L 71 -23.30 30.49 19.10
CA HIS L 71 -23.81 29.66 18.02
C HIS L 71 -24.01 28.21 18.45
N GLY L 72 -24.59 28.02 19.64
CA GLY L 72 -24.97 26.68 20.11
C GLY L 72 -23.86 25.87 20.74
N GLN L 73 -22.84 26.55 21.25
CA GLN L 73 -21.66 25.88 21.79
C GLN L 73 -20.98 26.75 22.82
N ASN L 74 -20.67 26.16 23.97
CA ASN L 74 -19.91 26.85 24.99
C ASN L 74 -18.43 26.82 24.66
N PRO L 75 -17.82 28.00 24.61
CA PRO L 75 -16.41 28.05 24.33
C PRO L 75 -15.67 27.31 25.42
N VAL L 76 -14.38 27.10 25.22
CA VAL L 76 -13.52 26.65 26.28
C VAL L 76 -12.39 27.64 26.30
N VAL L 77 -12.13 28.21 27.46
CA VAL L 77 -11.07 29.19 27.58
C VAL L 77 -9.95 28.55 28.37
N THR L 78 -8.72 28.83 27.98
CA THR L 78 -7.57 28.24 28.60
C THR L 78 -6.44 29.24 28.45
N PRO L 79 -5.57 29.34 29.46
CA PRO L 79 -4.67 30.47 29.43
C PRO L 79 -3.43 30.26 28.56
N SER L 80 -2.82 31.37 28.16
CA SER L 80 -1.65 31.40 27.29
C SER L 80 -0.56 30.38 27.66
N ASN L 81 -0.22 30.35 28.95
CA ASN L 81 0.88 29.54 29.47
C ASN L 81 0.57 28.06 29.38
N LYS L 82 -0.59 27.80 28.77
CA LYS L 82 -0.84 26.54 28.08
C LYS L 82 -0.55 25.29 28.91
#